data_8RXA
# 
_entry.id   8RXA 
# 
_audit_conform.dict_name       mmcif_pdbx.dic 
_audit_conform.dict_version    5.401 
_audit_conform.dict_location   http://mmcif.pdb.org/dictionaries/ascii/mmcif_pdbx.dic 
# 
loop_
_database_2.database_id 
_database_2.database_code 
_database_2.pdbx_database_accession 
_database_2.pdbx_DOI 
PDB   8RXA         pdb_00008rxa 10.2210/pdb8rxa/pdb 
WWPDB D_1292136443 ?            ?                   
# 
loop_
_pdbx_audit_revision_history.ordinal 
_pdbx_audit_revision_history.data_content_type 
_pdbx_audit_revision_history.major_revision 
_pdbx_audit_revision_history.minor_revision 
_pdbx_audit_revision_history.revision_date 
1 'Structure model' 1 0 2024-03-06 
2 'Structure model' 2 0 2024-12-25 
3 'Structure model' 2 1 2025-01-22 
4 'Structure model' 2 2 2025-01-29 
# 
loop_
_pdbx_audit_revision_details.ordinal 
_pdbx_audit_revision_details.revision_ordinal 
_pdbx_audit_revision_details.data_content_type 
_pdbx_audit_revision_details.provider 
_pdbx_audit_revision_details.type 
_pdbx_audit_revision_details.description 
_pdbx_audit_revision_details.details 
1 1 'Structure model' repository 'Initial release'        ?                    ? 
2 2 'Structure model' author     'Coordinate replacement' 'Model completeness' ? 
# 
loop_
_pdbx_audit_revision_group.ordinal 
_pdbx_audit_revision_group.revision_ordinal 
_pdbx_audit_revision_group.data_content_type 
_pdbx_audit_revision_group.group 
1  2 'Structure model' Advisory                 
2  2 'Structure model' 'Atomic model'           
3  2 'Structure model' 'Data collection'        
4  2 'Structure model' 'Database references'    
5  2 'Structure model' 'Derived calculations'   
6  2 'Structure model' 'Polymer sequence'       
7  2 'Structure model' 'Refinement description' 
8  2 'Structure model' 'Source and taxonomy'    
9  2 'Structure model' 'Structure summary'      
10 3 'Structure model' 'Data collection'        
11 3 'Structure model' 'Database references'    
12 3 'Structure model' 'Structure summary'      
13 4 'Structure model' 'Database references'    
# 
loop_
_pdbx_audit_revision_category.ordinal 
_pdbx_audit_revision_category.revision_ordinal 
_pdbx_audit_revision_category.data_content_type 
_pdbx_audit_revision_category.category 
1  2 'Structure model' atom_site                       
2  2 'Structure model' diffrn                          
3  2 'Structure model' entity                          
4  2 'Structure model' entity_poly                     
5  2 'Structure model' entity_poly_seq                 
6  2 'Structure model' entity_src_gen                  
7  2 'Structure model' pdbx_contact_author             
8  2 'Structure model' pdbx_entry_details              
9  2 'Structure model' pdbx_nonpoly_scheme             
10 2 'Structure model' pdbx_poly_seq_scheme            
11 2 'Structure model' pdbx_struct_assembly            
12 2 'Structure model' pdbx_struct_assembly_gen        
13 2 'Structure model' pdbx_struct_assembly_prop       
14 2 'Structure model' pdbx_struct_special_symmetry    
15 2 'Structure model' pdbx_unobs_or_zero_occ_residues 
16 2 'Structure model' pdbx_validate_symm_contact      
17 2 'Structure model' refine                          
18 2 'Structure model' refine_hist                     
19 2 'Structure model' refine_ls_restr                 
20 2 'Structure model' refine_ls_shell                 
21 2 'Structure model' software                        
22 2 'Structure model' struct_conf                     
23 2 'Structure model' struct_ref                      
24 2 'Structure model' struct_ref_seq                  
25 2 'Structure model' struct_ref_seq_dif              
26 3 'Structure model' citation                        
27 3 'Structure model' citation_author                 
28 3 'Structure model' diffrn                          
29 3 'Structure model' struct_keywords                 
30 4 'Structure model' citation                        
31 4 'Structure model' citation_author                 
# 
loop_
_pdbx_audit_revision_item.ordinal 
_pdbx_audit_revision_item.revision_ordinal 
_pdbx_audit_revision_item.data_content_type 
_pdbx_audit_revision_item.item 
1  2 'Structure model' '_diffrn.ambient_temp'                        
2  2 'Structure model' '_entity.formula_weight'                      
3  2 'Structure model' '_entity.pdbx_number_of_molecules'            
4  2 'Structure model' '_entity_poly.pdbx_seq_one_letter_code'       
5  2 'Structure model' '_entity_poly.pdbx_seq_one_letter_code_can'   
6  2 'Structure model' '_entity_src_gen.pdbx_end_seq_num'            
7  2 'Structure model' '_pdbx_struct_special_symmetry.auth_comp_id'  
8  2 'Structure model' '_pdbx_struct_special_symmetry.auth_seq_id'   
9  2 'Structure model' '_pdbx_struct_special_symmetry.label_asym_id' 
10 2 'Structure model' '_pdbx_struct_special_symmetry.label_comp_id' 
11 2 'Structure model' '_pdbx_struct_special_symmetry.label_seq_id'  
12 2 'Structure model' '_refine.ls_R_factor_R_free'                  
13 2 'Structure model' '_refine.ls_R_factor_R_work'                  
14 2 'Structure model' '_refine.ls_R_factor_obs'                     
15 2 'Structure model' '_refine.ls_d_res_high'                       
16 2 'Structure model' '_refine.ls_d_res_low'                        
17 2 'Structure model' '_refine.ls_number_reflns_obs'                
18 2 'Structure model' '_refine.ls_percent_reflns_obs'               
19 2 'Structure model' '_refine.overall_SU_ML'                       
20 2 'Structure model' '_refine.pdbx_overall_phase_error'            
21 2 'Structure model' '_refine.pdbx_solvent_vdw_probe_radii'        
22 2 'Structure model' '_refine_hist.d_res_high'                     
23 2 'Structure model' '_refine_hist.d_res_low'                      
24 2 'Structure model' '_refine_hist.number_atoms_solvent'           
25 2 'Structure model' '_refine_hist.number_atoms_total'             
26 2 'Structure model' '_refine_hist.pdbx_number_atoms_protein'      
27 2 'Structure model' '_refine_ls_restr.dev_ideal'                  
28 2 'Structure model' '_refine_ls_restr.number'                     
29 2 'Structure model' '_refine_ls_shell.R_factor_R_free'            
30 2 'Structure model' '_refine_ls_shell.R_factor_R_work'            
31 2 'Structure model' '_refine_ls_shell.d_res_high'                 
32 2 'Structure model' '_refine_ls_shell.d_res_low'                  
33 2 'Structure model' '_refine_ls_shell.number_reflns_R_work'       
34 2 'Structure model' '_software.version'                           
35 2 'Structure model' '_struct_ref.pdbx_align_begin'                
36 2 'Structure model' '_struct_ref.pdbx_seq_one_letter_code'        
37 2 'Structure model' '_struct_ref_seq.db_align_beg'                
38 2 'Structure model' '_struct_ref_seq.pdbx_auth_seq_align_beg'     
39 2 'Structure model' '_struct_ref_seq.seq_align_beg'               
40 2 'Structure model' '_struct_ref_seq.seq_align_end'               
41 3 'Structure model' '_citation.country'                           
42 3 'Structure model' '_citation.journal_abbrev'                    
43 3 'Structure model' '_citation.journal_id_ISSN'                   
44 3 'Structure model' '_citation.journal_volume'                    
45 3 'Structure model' '_citation.page_first'                        
46 3 'Structure model' '_citation.page_last'                         
47 3 'Structure model' '_citation.pdbx_database_id_DOI'              
48 3 'Structure model' '_citation.pdbx_database_id_PubMed'           
49 3 'Structure model' '_citation.title'                             
50 3 'Structure model' '_citation.year'                              
51 3 'Structure model' '_diffrn.ambient_temp'                        
52 3 'Structure model' '_struct_keywords.pdbx_keywords'              
53 3 'Structure model' '_struct_keywords.text'                       
54 4 'Structure model' '_citation.journal_abbrev'                    
55 4 'Structure model' '_citation.journal_id_ISSN'                   
56 4 'Structure model' '_citation.pdbx_database_id_PubMed'           
57 4 'Structure model' '_citation.title'                             
# 
_pdbx_database_status.status_code                     REL 
_pdbx_database_status.status_code_sf                  REL 
_pdbx_database_status.status_code_mr                  ? 
_pdbx_database_status.entry_id                        8RXA 
_pdbx_database_status.recvd_initial_deposition_date   2024-02-06 
_pdbx_database_status.SG_entry                        N 
_pdbx_database_status.deposit_site                    PDBE 
_pdbx_database_status.process_site                    PDBE 
_pdbx_database_status.status_code_cs                  ? 
_pdbx_database_status.status_code_nmr_data            ? 
_pdbx_database_status.methods_development_category    ? 
_pdbx_database_status.pdb_format_compatible           Y 
# 
_pdbx_contact_author.id                 2 
_pdbx_contact_author.email              sylvie.nessler@i2bc.paris-saclay.fr 
_pdbx_contact_author.name_first         Sylvie 
_pdbx_contact_author.name_last          Nessler 
_pdbx_contact_author.name_mi            ? 
_pdbx_contact_author.role               'principal investigator/group leader' 
_pdbx_contact_author.identifier_ORCID   0000-0003-4973-9941 
# 
loop_
_audit_author.name 
_audit_author.pdbx_ordinal 
_audit_author.identifier_ORCID 
'Nessler, S.'                1 0000-0003-4973-9941 
'Le Berre, M.'               2 0009-0009-0462-0489 
'Gallay Li de la Sierra, I.' 3 0000-0003-2770-7439 
# 
_citation.abstract                  ? 
_citation.abstract_id_CAS           ? 
_citation.book_id_ISBN              ? 
_citation.book_publisher            ? 
_citation.book_publisher_city       ? 
_citation.book_title                ? 
_citation.coordinate_linkage        ? 
_citation.country                   ? 
_citation.database_id_Medline       ? 
_citation.details                   ? 
_citation.id                        primary 
_citation.journal_abbrev            'Acta Crystallogr D Struct Biol' 
_citation.journal_id_ASTM           ? 
_citation.journal_id_CSD            ? 
_citation.journal_id_ISSN           2059-7983 
_citation.journal_full              ? 
_citation.journal_issue             ? 
_citation.journal_volume            81 
_citation.language                  ? 
_citation.page_first                38 
_citation.page_last                 48 
_citation.title                     
'Structural characterization of the ACDC domain from ApiAP2 proteins, a potential molecular target against apicomplexan parasites.' 
_citation.year                      2025 
_citation.database_id_CSD           ? 
_citation.pdbx_database_id_DOI      10.1107/S2059798324012518 
_citation.pdbx_database_id_PubMed   39820027 
_citation.pdbx_database_id_patent   ? 
_citation.unpublished_flag          ? 
# 
loop_
_citation_author.citation_id 
_citation_author.name 
_citation_author.ordinal 
_citation_author.identifier_ORCID 
primary 'Le Berre, M.'               1 ? 
primary 'Tubiana, T.'                2 ? 
primary 'Reutersward Waldner, P.'    3 ? 
primary 'Lazar, N.'                  4 ? 
primary 'Li de la Sierra-Gallay, I.' 5 ? 
primary 'Santos, J.M.'               6 ? 
primary 'Llinas, M.'                 7 ? 
primary 'Nessler, S.'                8 ? 
# 
loop_
_entity.id 
_entity.type 
_entity.src_method 
_entity.pdbx_description 
_entity.formula_weight 
_entity.pdbx_number_of_molecules 
_entity.pdbx_ec 
_entity.pdbx_mutation 
_entity.pdbx_fragment 
_entity.details 
1 polymer man 'AP2 domain transcription factor AP2-O5, putative' 13068.062 2  ? ? ? ? 
2 water   nat water                                              18.015    50 ? ? ? ? 
# 
_entity_poly.entity_id                      1 
_entity_poly.type                           'polypeptide(L)' 
_entity_poly.nstd_linkage                   no 
_entity_poly.nstd_monomer                   no 
_entity_poly.pdbx_seq_one_letter_code       
;MDEYKTNFIDLTREALSLILQDLKNNVIPKIPVGIEKRERYKNSLRLCLKSARNTQHMNELEPYLELFSECIKNSKLPSH
MSLKDQLFYLDKLLENLYFQGVEHHHHHH
;
_entity_poly.pdbx_seq_one_letter_code_can   
;MDEYKTNFIDLTREALSLILQDLKNNVIPKIPVGIEKRERYKNSLRLCLKSARNTQHMNELEPYLELFSECIKNSKLPSH
MSLKDQLFYLDKLLENLYFQGVEHHHHHH
;
_entity_poly.pdbx_strand_id                 A,B 
_entity_poly.pdbx_target_identifier         ? 
# 
_pdbx_entity_nonpoly.entity_id   2 
_pdbx_entity_nonpoly.name        water 
_pdbx_entity_nonpoly.comp_id     HOH 
# 
loop_
_entity_poly_seq.entity_id 
_entity_poly_seq.num 
_entity_poly_seq.mon_id 
_entity_poly_seq.hetero 
1 1   MET n 
1 2   ASP n 
1 3   GLU n 
1 4   TYR n 
1 5   LYS n 
1 6   THR n 
1 7   ASN n 
1 8   PHE n 
1 9   ILE n 
1 10  ASP n 
1 11  LEU n 
1 12  THR n 
1 13  ARG n 
1 14  GLU n 
1 15  ALA n 
1 16  LEU n 
1 17  SER n 
1 18  LEU n 
1 19  ILE n 
1 20  LEU n 
1 21  GLN n 
1 22  ASP n 
1 23  LEU n 
1 24  LYS n 
1 25  ASN n 
1 26  ASN n 
1 27  VAL n 
1 28  ILE n 
1 29  PRO n 
1 30  LYS n 
1 31  ILE n 
1 32  PRO n 
1 33  VAL n 
1 34  GLY n 
1 35  ILE n 
1 36  GLU n 
1 37  LYS n 
1 38  ARG n 
1 39  GLU n 
1 40  ARG n 
1 41  TYR n 
1 42  LYS n 
1 43  ASN n 
1 44  SER n 
1 45  LEU n 
1 46  ARG n 
1 47  LEU n 
1 48  CYS n 
1 49  LEU n 
1 50  LYS n 
1 51  SER n 
1 52  ALA n 
1 53  ARG n 
1 54  ASN n 
1 55  THR n 
1 56  GLN n 
1 57  HIS n 
1 58  MET n 
1 59  ASN n 
1 60  GLU n 
1 61  LEU n 
1 62  GLU n 
1 63  PRO n 
1 64  TYR n 
1 65  LEU n 
1 66  GLU n 
1 67  LEU n 
1 68  PHE n 
1 69  SER n 
1 70  GLU n 
1 71  CYS n 
1 72  ILE n 
1 73  LYS n 
1 74  ASN n 
1 75  SER n 
1 76  LYS n 
1 77  LEU n 
1 78  PRO n 
1 79  SER n 
1 80  HIS n 
1 81  MET n 
1 82  SER n 
1 83  LEU n 
1 84  LYS n 
1 85  ASP n 
1 86  GLN n 
1 87  LEU n 
1 88  PHE n 
1 89  TYR n 
1 90  LEU n 
1 91  ASP n 
1 92  LYS n 
1 93  LEU n 
1 94  LEU n 
1 95  GLU n 
1 96  ASN n 
1 97  LEU n 
1 98  TYR n 
1 99  PHE n 
1 100 GLN n 
1 101 GLY n 
1 102 VAL n 
1 103 GLU n 
1 104 HIS n 
1 105 HIS n 
1 106 HIS n 
1 107 HIS n 
1 108 HIS n 
1 109 HIS n 
# 
_entity_src_gen.entity_id                          1 
_entity_src_gen.pdbx_src_id                        1 
_entity_src_gen.pdbx_alt_source_flag               sample 
_entity_src_gen.pdbx_seq_type                      'Biological sequence' 
_entity_src_gen.pdbx_beg_seq_num                   1 
_entity_src_gen.pdbx_end_seq_num                   109 
_entity_src_gen.gene_src_common_name               ? 
_entity_src_gen.gene_src_genus                     ? 
_entity_src_gen.pdbx_gene_src_gene                 PF3D7_1449500 
_entity_src_gen.gene_src_species                   ? 
_entity_src_gen.gene_src_strain                    ? 
_entity_src_gen.gene_src_tissue                    ? 
_entity_src_gen.gene_src_tissue_fraction           ? 
_entity_src_gen.gene_src_details                   ? 
_entity_src_gen.pdbx_gene_src_fragment             ? 
_entity_src_gen.pdbx_gene_src_scientific_name      'Plasmodium falciparum 3D7' 
_entity_src_gen.pdbx_gene_src_ncbi_taxonomy_id     36329 
_entity_src_gen.pdbx_gene_src_variant              ? 
_entity_src_gen.pdbx_gene_src_cell_line            ? 
_entity_src_gen.pdbx_gene_src_atcc                 ? 
_entity_src_gen.pdbx_gene_src_organ                ? 
_entity_src_gen.pdbx_gene_src_organelle            ? 
_entity_src_gen.pdbx_gene_src_cell                 ? 
_entity_src_gen.pdbx_gene_src_cellular_location    ? 
_entity_src_gen.host_org_common_name               ? 
_entity_src_gen.pdbx_host_org_scientific_name      'Escherichia coli' 
_entity_src_gen.pdbx_host_org_ncbi_taxonomy_id     562 
_entity_src_gen.host_org_genus                     ? 
_entity_src_gen.pdbx_host_org_gene                 ? 
_entity_src_gen.pdbx_host_org_organ                ? 
_entity_src_gen.host_org_species                   ? 
_entity_src_gen.pdbx_host_org_tissue               ? 
_entity_src_gen.pdbx_host_org_tissue_fraction      ? 
_entity_src_gen.pdbx_host_org_strain               DE3-Gold 
_entity_src_gen.pdbx_host_org_variant              ? 
_entity_src_gen.pdbx_host_org_cell_line            ? 
_entity_src_gen.pdbx_host_org_atcc                 ? 
_entity_src_gen.pdbx_host_org_culture_collection   ? 
_entity_src_gen.pdbx_host_org_cell                 ? 
_entity_src_gen.pdbx_host_org_organelle            ? 
_entity_src_gen.pdbx_host_org_cellular_location    ? 
_entity_src_gen.pdbx_host_org_vector_type          ? 
_entity_src_gen.pdbx_host_org_vector               ? 
_entity_src_gen.host_org_details                   ? 
_entity_src_gen.expression_system_id               ? 
_entity_src_gen.plasmid_name                       ? 
_entity_src_gen.plasmid_details                    ? 
_entity_src_gen.pdbx_description                   ? 
# 
loop_
_chem_comp.id 
_chem_comp.type 
_chem_comp.mon_nstd_flag 
_chem_comp.name 
_chem_comp.pdbx_synonyms 
_chem_comp.formula 
_chem_comp.formula_weight 
ALA 'L-peptide linking' y ALANINE         ? 'C3 H7 N O2'     89.093  
ARG 'L-peptide linking' y ARGININE        ? 'C6 H15 N4 O2 1' 175.209 
ASN 'L-peptide linking' y ASPARAGINE      ? 'C4 H8 N2 O3'    132.118 
ASP 'L-peptide linking' y 'ASPARTIC ACID' ? 'C4 H7 N O4'     133.103 
CYS 'L-peptide linking' y CYSTEINE        ? 'C3 H7 N O2 S'   121.158 
GLN 'L-peptide linking' y GLUTAMINE       ? 'C5 H10 N2 O3'   146.144 
GLU 'L-peptide linking' y 'GLUTAMIC ACID' ? 'C5 H9 N O4'     147.129 
GLY 'peptide linking'   y GLYCINE         ? 'C2 H5 N O2'     75.067  
HIS 'L-peptide linking' y HISTIDINE       ? 'C6 H10 N3 O2 1' 156.162 
HOH non-polymer         . WATER           ? 'H2 O'           18.015  
ILE 'L-peptide linking' y ISOLEUCINE      ? 'C6 H13 N O2'    131.173 
LEU 'L-peptide linking' y LEUCINE         ? 'C6 H13 N O2'    131.173 
LYS 'L-peptide linking' y LYSINE          ? 'C6 H15 N2 O2 1' 147.195 
MET 'L-peptide linking' y METHIONINE      ? 'C5 H11 N O2 S'  149.211 
PHE 'L-peptide linking' y PHENYLALANINE   ? 'C9 H11 N O2'    165.189 
PRO 'L-peptide linking' y PROLINE         ? 'C5 H9 N O2'     115.130 
SER 'L-peptide linking' y SERINE          ? 'C3 H7 N O3'     105.093 
THR 'L-peptide linking' y THREONINE       ? 'C4 H9 N O3'     119.119 
TYR 'L-peptide linking' y TYROSINE        ? 'C9 H11 N O3'    181.189 
VAL 'L-peptide linking' y VALINE          ? 'C5 H11 N O2'    117.146 
# 
loop_
_pdbx_poly_seq_scheme.asym_id 
_pdbx_poly_seq_scheme.entity_id 
_pdbx_poly_seq_scheme.seq_id 
_pdbx_poly_seq_scheme.mon_id 
_pdbx_poly_seq_scheme.ndb_seq_num 
_pdbx_poly_seq_scheme.pdb_seq_num 
_pdbx_poly_seq_scheme.auth_seq_num 
_pdbx_poly_seq_scheme.pdb_mon_id 
_pdbx_poly_seq_scheme.auth_mon_id 
_pdbx_poly_seq_scheme.pdb_strand_id 
_pdbx_poly_seq_scheme.pdb_ins_code 
_pdbx_poly_seq_scheme.hetero 
A 1 1   MET 1   623 ?   ?   ?   A . n 
A 1 2   ASP 2   624 624 ASP ASP A . n 
A 1 3   GLU 3   625 625 GLU GLU A . n 
A 1 4   TYR 4   626 626 TYR TYR A . n 
A 1 5   LYS 5   627 627 LYS LYS A . n 
A 1 6   THR 6   628 628 THR THR A . n 
A 1 7   ASN 7   629 629 ASN ASN A . n 
A 1 8   PHE 8   630 630 PHE PHE A . n 
A 1 9   ILE 9   631 631 ILE ILE A . n 
A 1 10  ASP 10  632 632 ASP ASP A . n 
A 1 11  LEU 11  633 633 LEU LEU A . n 
A 1 12  THR 12  634 634 THR THR A . n 
A 1 13  ARG 13  635 635 ARG ARG A . n 
A 1 14  GLU 14  636 636 GLU GLU A . n 
A 1 15  ALA 15  637 637 ALA ALA A . n 
A 1 16  LEU 16  638 638 LEU LEU A . n 
A 1 17  SER 17  639 639 SER SER A . n 
A 1 18  LEU 18  640 640 LEU LEU A . n 
A 1 19  ILE 19  641 641 ILE ILE A . n 
A 1 20  LEU 20  642 642 LEU LEU A . n 
A 1 21  GLN 21  643 643 GLN GLN A . n 
A 1 22  ASP 22  644 644 ASP ASP A . n 
A 1 23  LEU 23  645 645 LEU LEU A . n 
A 1 24  LYS 24  646 646 LYS LYS A . n 
A 1 25  ASN 25  647 647 ASN ASN A . n 
A 1 26  ASN 26  648 648 ASN ASN A . n 
A 1 27  VAL 27  649 649 VAL VAL A . n 
A 1 28  ILE 28  650 650 ILE ILE A . n 
A 1 29  PRO 29  651 651 PRO PRO A . n 
A 1 30  LYS 30  652 652 LYS LYS A . n 
A 1 31  ILE 31  653 653 ILE ILE A . n 
A 1 32  PRO 32  654 654 PRO PRO A . n 
A 1 33  VAL 33  655 655 VAL VAL A . n 
A 1 34  GLY 34  656 656 GLY GLY A . n 
A 1 35  ILE 35  657 657 ILE ILE A . n 
A 1 36  GLU 36  658 658 GLU GLU A . n 
A 1 37  LYS 37  659 659 LYS LYS A . n 
A 1 38  ARG 38  660 660 ARG ARG A . n 
A 1 39  GLU 39  661 661 GLU GLU A . n 
A 1 40  ARG 40  662 662 ARG ARG A . n 
A 1 41  TYR 41  663 663 TYR TYR A . n 
A 1 42  LYS 42  664 664 LYS LYS A . n 
A 1 43  ASN 43  665 665 ASN ASN A . n 
A 1 44  SER 44  666 666 SER SER A . n 
A 1 45  LEU 45  667 667 LEU LEU A . n 
A 1 46  ARG 46  668 668 ARG ARG A . n 
A 1 47  LEU 47  669 669 LEU LEU A . n 
A 1 48  CYS 48  670 670 CYS CYS A . n 
A 1 49  LEU 49  671 671 LEU LEU A . n 
A 1 50  LYS 50  672 672 LYS LYS A . n 
A 1 51  SER 51  673 673 SER SER A . n 
A 1 52  ALA 52  674 674 ALA ALA A . n 
A 1 53  ARG 53  675 675 ARG ARG A . n 
A 1 54  ASN 54  676 676 ASN ASN A . n 
A 1 55  THR 55  677 677 THR THR A . n 
A 1 56  GLN 56  678 678 GLN GLN A . n 
A 1 57  HIS 57  679 679 HIS HIS A . n 
A 1 58  MET 58  680 680 MET MET A . n 
A 1 59  ASN 59  681 681 ASN ASN A . n 
A 1 60  GLU 60  682 682 GLU GLU A . n 
A 1 61  LEU 61  683 683 LEU LEU A . n 
A 1 62  GLU 62  684 684 GLU GLU A . n 
A 1 63  PRO 63  685 685 PRO PRO A . n 
A 1 64  TYR 64  686 686 TYR TYR A . n 
A 1 65  LEU 65  687 687 LEU LEU A . n 
A 1 66  GLU 66  688 688 GLU GLU A . n 
A 1 67  LEU 67  689 689 LEU LEU A . n 
A 1 68  PHE 68  690 690 PHE PHE A . n 
A 1 69  SER 69  691 691 SER SER A . n 
A 1 70  GLU 70  692 692 GLU GLU A . n 
A 1 71  CYS 71  693 693 CYS CYS A . n 
A 1 72  ILE 72  694 694 ILE ILE A . n 
A 1 73  LYS 73  695 695 LYS LYS A . n 
A 1 74  ASN 74  696 696 ASN ASN A . n 
A 1 75  SER 75  697 697 SER SER A . n 
A 1 76  LYS 76  698 698 LYS LYS A . n 
A 1 77  LEU 77  699 699 LEU LEU A . n 
A 1 78  PRO 78  700 700 PRO PRO A . n 
A 1 79  SER 79  701 701 SER SER A . n 
A 1 80  HIS 80  702 702 HIS HIS A . n 
A 1 81  MET 81  703 703 MET MET A . n 
A 1 82  SER 82  704 704 SER SER A . n 
A 1 83  LEU 83  705 705 LEU LEU A . n 
A 1 84  LYS 84  706 706 LYS LYS A . n 
A 1 85  ASP 85  707 707 ASP ASP A . n 
A 1 86  GLN 86  708 708 GLN GLN A . n 
A 1 87  LEU 87  709 709 LEU LEU A . n 
A 1 88  PHE 88  710 710 PHE PHE A . n 
A 1 89  TYR 89  711 711 TYR TYR A . n 
A 1 90  LEU 90  712 712 LEU LEU A . n 
A 1 91  ASP 91  713 713 ASP ASP A . n 
A 1 92  LYS 92  714 714 LYS LYS A . n 
A 1 93  LEU 93  715 715 LEU LEU A . n 
A 1 94  LEU 94  716 716 LEU LEU A . n 
A 1 95  GLU 95  717 717 GLU GLU A . n 
A 1 96  ASN 96  718 718 ASN ASN A . n 
A 1 97  LEU 97  719 719 LEU LEU A . n 
A 1 98  TYR 98  720 720 TYR TYR A . n 
A 1 99  PHE 99  721 721 PHE PHE A . n 
A 1 100 GLN 100 722 722 GLN GLN A . n 
A 1 101 GLY 101 723 723 GLY GLY A . n 
A 1 102 VAL 102 724 724 VAL VAL A . n 
A 1 103 GLU 103 725 725 GLU GLU A . n 
A 1 104 HIS 104 726 ?   ?   ?   A . n 
A 1 105 HIS 105 727 ?   ?   ?   A . n 
A 1 106 HIS 106 728 ?   ?   ?   A . n 
A 1 107 HIS 107 729 ?   ?   ?   A . n 
A 1 108 HIS 108 730 ?   ?   ?   A . n 
A 1 109 HIS 109 731 ?   ?   ?   A . n 
B 1 1   MET 1   623 ?   ?   ?   B . n 
B 1 2   ASP 2   624 624 ASP ASP B . n 
B 1 3   GLU 3   625 625 GLU GLU B . n 
B 1 4   TYR 4   626 626 TYR TYR B . n 
B 1 5   LYS 5   627 627 LYS LYS B . n 
B 1 6   THR 6   628 628 THR THR B . n 
B 1 7   ASN 7   629 629 ASN ASN B . n 
B 1 8   PHE 8   630 630 PHE PHE B . n 
B 1 9   ILE 9   631 631 ILE ILE B . n 
B 1 10  ASP 10  632 632 ASP ASP B . n 
B 1 11  LEU 11  633 633 LEU LEU B . n 
B 1 12  THR 12  634 634 THR THR B . n 
B 1 13  ARG 13  635 635 ARG ARG B . n 
B 1 14  GLU 14  636 636 GLU GLU B . n 
B 1 15  ALA 15  637 637 ALA ALA B . n 
B 1 16  LEU 16  638 638 LEU LEU B . n 
B 1 17  SER 17  639 639 SER SER B . n 
B 1 18  LEU 18  640 640 LEU LEU B . n 
B 1 19  ILE 19  641 641 ILE ILE B . n 
B 1 20  LEU 20  642 642 LEU LEU B . n 
B 1 21  GLN 21  643 643 GLN GLN B . n 
B 1 22  ASP 22  644 644 ASP ASP B . n 
B 1 23  LEU 23  645 645 LEU LEU B . n 
B 1 24  LYS 24  646 646 LYS LYS B . n 
B 1 25  ASN 25  647 647 ASN ASN B . n 
B 1 26  ASN 26  648 648 ASN ASN B . n 
B 1 27  VAL 27  649 649 VAL VAL B . n 
B 1 28  ILE 28  650 650 ILE ILE B . n 
B 1 29  PRO 29  651 651 PRO PRO B . n 
B 1 30  LYS 30  652 652 LYS LYS B . n 
B 1 31  ILE 31  653 653 ILE ILE B . n 
B 1 32  PRO 32  654 654 PRO PRO B . n 
B 1 33  VAL 33  655 655 VAL VAL B . n 
B 1 34  GLY 34  656 656 GLY GLY B . n 
B 1 35  ILE 35  657 657 ILE ILE B . n 
B 1 36  GLU 36  658 658 GLU GLU B . n 
B 1 37  LYS 37  659 659 LYS LYS B . n 
B 1 38  ARG 38  660 660 ARG ARG B . n 
B 1 39  GLU 39  661 661 GLU GLU B . n 
B 1 40  ARG 40  662 662 ARG ARG B . n 
B 1 41  TYR 41  663 663 TYR TYR B . n 
B 1 42  LYS 42  664 664 LYS LYS B . n 
B 1 43  ASN 43  665 665 ASN ASN B . n 
B 1 44  SER 44  666 666 SER SER B . n 
B 1 45  LEU 45  667 667 LEU LEU B . n 
B 1 46  ARG 46  668 668 ARG ARG B . n 
B 1 47  LEU 47  669 669 LEU LEU B . n 
B 1 48  CYS 48  670 670 CYS CYS B . n 
B 1 49  LEU 49  671 671 LEU LEU B . n 
B 1 50  LYS 50  672 672 LYS LYS B . n 
B 1 51  SER 51  673 673 SER SER B . n 
B 1 52  ALA 52  674 674 ALA ALA B . n 
B 1 53  ARG 53  675 675 ARG ARG B . n 
B 1 54  ASN 54  676 676 ASN ASN B . n 
B 1 55  THR 55  677 677 THR THR B . n 
B 1 56  GLN 56  678 678 GLN GLN B . n 
B 1 57  HIS 57  679 679 HIS HIS B . n 
B 1 58  MET 58  680 680 MET MET B . n 
B 1 59  ASN 59  681 681 ASN ASN B . n 
B 1 60  GLU 60  682 682 GLU GLU B . n 
B 1 61  LEU 61  683 683 LEU LEU B . n 
B 1 62  GLU 62  684 684 GLU GLU B . n 
B 1 63  PRO 63  685 685 PRO PRO B . n 
B 1 64  TYR 64  686 686 TYR TYR B . n 
B 1 65  LEU 65  687 687 LEU LEU B . n 
B 1 66  GLU 66  688 688 GLU GLU B . n 
B 1 67  LEU 67  689 689 LEU LEU B . n 
B 1 68  PHE 68  690 690 PHE PHE B . n 
B 1 69  SER 69  691 691 SER SER B . n 
B 1 70  GLU 70  692 692 GLU GLU B . n 
B 1 71  CYS 71  693 693 CYS CYS B . n 
B 1 72  ILE 72  694 694 ILE ILE B . n 
B 1 73  LYS 73  695 695 LYS LYS B . n 
B 1 74  ASN 74  696 696 ASN ASN B . n 
B 1 75  SER 75  697 697 SER SER B . n 
B 1 76  LYS 76  698 698 LYS LYS B . n 
B 1 77  LEU 77  699 699 LEU LEU B . n 
B 1 78  PRO 78  700 700 PRO PRO B . n 
B 1 79  SER 79  701 701 SER SER B . n 
B 1 80  HIS 80  702 702 HIS HIS B . n 
B 1 81  MET 81  703 703 MET MET B . n 
B 1 82  SER 82  704 704 SER SER B . n 
B 1 83  LEU 83  705 705 LEU LEU B . n 
B 1 84  LYS 84  706 706 LYS LYS B . n 
B 1 85  ASP 85  707 707 ASP ASP B . n 
B 1 86  GLN 86  708 708 GLN GLN B . n 
B 1 87  LEU 87  709 709 LEU LEU B . n 
B 1 88  PHE 88  710 710 PHE PHE B . n 
B 1 89  TYR 89  711 711 TYR TYR B . n 
B 1 90  LEU 90  712 712 LEU LEU B . n 
B 1 91  ASP 91  713 713 ASP ASP B . n 
B 1 92  LYS 92  714 714 LYS LYS B . n 
B 1 93  LEU 93  715 715 LEU LEU B . n 
B 1 94  LEU 94  716 716 LEU LEU B . n 
B 1 95  GLU 95  717 717 GLU GLU B . n 
B 1 96  ASN 96  718 718 ASN ASN B . n 
B 1 97  LEU 97  719 ?   ?   ?   B . n 
B 1 98  TYR 98  720 ?   ?   ?   B . n 
B 1 99  PHE 99  721 ?   ?   ?   B . n 
B 1 100 GLN 100 722 ?   ?   ?   B . n 
B 1 101 GLY 101 723 ?   ?   ?   B . n 
B 1 102 VAL 102 724 ?   ?   ?   B . n 
B 1 103 GLU 103 725 ?   ?   ?   B . n 
B 1 104 HIS 104 726 ?   ?   ?   B . n 
B 1 105 HIS 105 727 ?   ?   ?   B . n 
B 1 106 HIS 106 728 ?   ?   ?   B . n 
B 1 107 HIS 107 729 ?   ?   ?   B . n 
B 1 108 HIS 108 730 ?   ?   ?   B . n 
B 1 109 HIS 109 731 ?   ?   ?   B . n 
# 
loop_
_pdbx_nonpoly_scheme.asym_id 
_pdbx_nonpoly_scheme.entity_id 
_pdbx_nonpoly_scheme.mon_id 
_pdbx_nonpoly_scheme.ndb_seq_num 
_pdbx_nonpoly_scheme.pdb_seq_num 
_pdbx_nonpoly_scheme.auth_seq_num 
_pdbx_nonpoly_scheme.pdb_mon_id 
_pdbx_nonpoly_scheme.auth_mon_id 
_pdbx_nonpoly_scheme.pdb_strand_id 
_pdbx_nonpoly_scheme.pdb_ins_code 
C 2 HOH 1  801 2  HOH HOH A . 
C 2 HOH 2  802 48 HOH HOH A . 
C 2 HOH 3  803 35 HOH HOH A . 
C 2 HOH 4  804 20 HOH HOH A . 
C 2 HOH 5  805 53 HOH HOH A . 
C 2 HOH 6  806 27 HOH HOH A . 
C 2 HOH 7  807 3  HOH HOH A . 
C 2 HOH 8  808 14 HOH HOH A . 
C 2 HOH 9  809 11 HOH HOH A . 
C 2 HOH 10 810 22 HOH HOH A . 
C 2 HOH 11 811 36 HOH HOH A . 
C 2 HOH 12 812 29 HOH HOH A . 
C 2 HOH 13 813 19 HOH HOH A . 
C 2 HOH 14 814 37 HOH HOH A . 
C 2 HOH 15 815 60 HOH HOH A . 
C 2 HOH 16 816 7  HOH HOH A . 
C 2 HOH 17 817 24 HOH HOH A . 
D 2 HOH 1  801 28 HOH HOH B . 
D 2 HOH 2  802 44 HOH HOH B . 
D 2 HOH 3  803 38 HOH HOH B . 
D 2 HOH 4  804 57 HOH HOH B . 
D 2 HOH 5  805 61 HOH HOH B . 
D 2 HOH 6  806 54 HOH HOH B . 
D 2 HOH 7  807 41 HOH HOH B . 
D 2 HOH 8  808 58 HOH HOH B . 
D 2 HOH 9  809 23 HOH HOH B . 
D 2 HOH 10 810 4  HOH HOH B . 
D 2 HOH 11 811 15 HOH HOH B . 
D 2 HOH 12 812 13 HOH HOH B . 
D 2 HOH 13 813 32 HOH HOH B . 
D 2 HOH 14 814 8  HOH HOH B . 
D 2 HOH 15 815 6  HOH HOH B . 
D 2 HOH 16 816 17 HOH HOH B . 
D 2 HOH 17 817 30 HOH HOH B . 
D 2 HOH 18 818 10 HOH HOH B . 
D 2 HOH 19 819 42 HOH HOH B . 
D 2 HOH 20 820 49 HOH HOH B . 
D 2 HOH 21 821 31 HOH HOH B . 
D 2 HOH 22 822 39 HOH HOH B . 
D 2 HOH 23 823 9  HOH HOH B . 
D 2 HOH 24 824 26 HOH HOH B . 
D 2 HOH 25 825 12 HOH HOH B . 
D 2 HOH 26 826 51 HOH HOH B . 
D 2 HOH 27 827 56 HOH HOH B . 
D 2 HOH 28 828 21 HOH HOH B . 
D 2 HOH 29 829 5  HOH HOH B . 
D 2 HOH 30 830 33 HOH HOH B . 
D 2 HOH 31 831 25 HOH HOH B . 
D 2 HOH 32 832 62 HOH HOH B . 
D 2 HOH 33 833 47 HOH HOH B . 
# 
loop_
_software.citation_id 
_software.classification 
_software.compiler_name 
_software.compiler_version 
_software.contact_author 
_software.contact_author_email 
_software.date 
_software.description 
_software.dependencies 
_software.hardware 
_software.language 
_software.location 
_software.mods 
_software.name 
_software.os 
_software.os_version 
_software.type 
_software.version 
_software.pdbx_ordinal 
? refinement       ? ? ? ? ? ? ? ? ? ? ? PHENIX ? ? ? '(1.21.2_5419: ???)' 1 
? 'data scaling'   ? ? ? ? ? ? ? ? ? ? ? XDS    ? ? ? .                    2 
? 'data reduction' ? ? ? ? ? ? ? ? ? ? ? XDS    ? ? ? .                    3 
? phasing          ? ? ? ? ? ? ? ? ? ? ? PHASER ? ? ? .                    4 
# 
_cell.angle_alpha                  90.00 
_cell.angle_alpha_esd              ? 
_cell.angle_beta                   90.00 
_cell.angle_beta_esd               ? 
_cell.angle_gamma                  90.00 
_cell.angle_gamma_esd              ? 
_cell.entry_id                     8RXA 
_cell.details                      ? 
_cell.formula_units_Z              ? 
_cell.length_a                     58.930 
_cell.length_a_esd                 ? 
_cell.length_b                     108.930 
_cell.length_b_esd                 ? 
_cell.length_c                     34.010 
_cell.length_c_esd                 ? 
_cell.volume                       ? 
_cell.volume_esd                   ? 
_cell.Z_PDB                        8 
_cell.reciprocal_angle_alpha       ? 
_cell.reciprocal_angle_beta        ? 
_cell.reciprocal_angle_gamma       ? 
_cell.reciprocal_angle_alpha_esd   ? 
_cell.reciprocal_angle_beta_esd    ? 
_cell.reciprocal_angle_gamma_esd   ? 
_cell.reciprocal_length_a          ? 
_cell.reciprocal_length_b          ? 
_cell.reciprocal_length_c          ? 
_cell.reciprocal_length_a_esd      ? 
_cell.reciprocal_length_b_esd      ? 
_cell.reciprocal_length_c_esd      ? 
_cell.pdbx_unique_axis             ? 
_cell.pdbx_esd_method              ? 
# 
_symmetry.entry_id                         8RXA 
_symmetry.cell_setting                     ? 
_symmetry.Int_Tables_number                18 
_symmetry.space_group_name_Hall            ? 
_symmetry.space_group_name_H-M             'P 21 21 2' 
_symmetry.pdbx_full_space_group_name_H-M   ? 
# 
_exptl.absorpt_coefficient_mu     ? 
_exptl.absorpt_correction_T_max   ? 
_exptl.absorpt_correction_T_min   ? 
_exptl.absorpt_correction_type    ? 
_exptl.absorpt_process_details    ? 
_exptl.entry_id                   8RXA 
_exptl.crystals_number            1 
_exptl.details                    ? 
_exptl.method                     'X-RAY DIFFRACTION' 
_exptl.method_details             ? 
# 
_exptl_crystal.colour                       ? 
_exptl_crystal.density_diffrn               ? 
_exptl_crystal.density_Matthews             2.45 
_exptl_crystal.density_method               ? 
_exptl_crystal.density_percent_sol          49.80 
_exptl_crystal.description                  ? 
_exptl_crystal.F_000                        ? 
_exptl_crystal.id                           1 
_exptl_crystal.preparation                  ? 
_exptl_crystal.size_max                     ? 
_exptl_crystal.size_mid                     ? 
_exptl_crystal.size_min                     ? 
_exptl_crystal.size_rad                     ? 
_exptl_crystal.colour_lustre                ? 
_exptl_crystal.colour_modifier              ? 
_exptl_crystal.colour_primary               ? 
_exptl_crystal.density_meas                 ? 
_exptl_crystal.density_meas_esd             ? 
_exptl_crystal.density_meas_gt              ? 
_exptl_crystal.density_meas_lt              ? 
_exptl_crystal.density_meas_temp            ? 
_exptl_crystal.density_meas_temp_esd        ? 
_exptl_crystal.density_meas_temp_gt         ? 
_exptl_crystal.density_meas_temp_lt         ? 
_exptl_crystal.pdbx_crystal_image_url       ? 
_exptl_crystal.pdbx_crystal_image_format    ? 
_exptl_crystal.pdbx_mosaicity               ? 
_exptl_crystal.pdbx_mosaicity_esd           ? 
_exptl_crystal.pdbx_mosaic_method           ? 
_exptl_crystal.pdbx_mosaic_block_size       ? 
_exptl_crystal.pdbx_mosaic_block_size_esd   ? 
# 
_exptl_crystal_grow.apparatus       ? 
_exptl_crystal_grow.atmosphere      ? 
_exptl_crystal_grow.crystal_id      1 
_exptl_crystal_grow.details         ? 
_exptl_crystal_grow.method          'VAPOR DIFFUSION, SITTING DROP' 
_exptl_crystal_grow.method_ref      ? 
_exptl_crystal_grow.pH              6.5 
_exptl_crystal_grow.pressure        ? 
_exptl_crystal_grow.pressure_esd    ? 
_exptl_crystal_grow.seeding         ? 
_exptl_crystal_grow.seeding_ref     ? 
_exptl_crystal_grow.temp_details    ? 
_exptl_crystal_grow.temp_esd        ? 
_exptl_crystal_grow.time            ? 
_exptl_crystal_grow.pdbx_details    '30% PEG400, 0.1 M MES pH 6.5, 0.1 M Sodium acetate' 
_exptl_crystal_grow.pdbx_pH_range   ? 
_exptl_crystal_grow.temp            291 
# 
_diffrn.ambient_environment              ? 
_diffrn.ambient_temp                     100 
_diffrn.ambient_temp_details             ? 
_diffrn.ambient_temp_esd                 ? 
_diffrn.crystal_id                       1 
_diffrn.crystal_support                  ? 
_diffrn.crystal_treatment                ? 
_diffrn.details                          ? 
_diffrn.id                               1 
_diffrn.ambient_pressure                 ? 
_diffrn.ambient_pressure_esd             ? 
_diffrn.ambient_pressure_gt              ? 
_diffrn.ambient_pressure_lt              ? 
_diffrn.ambient_temp_gt                  ? 
_diffrn.ambient_temp_lt                  ? 
_diffrn.pdbx_serial_crystal_experiment   N 
# 
_diffrn_detector.details                      ? 
_diffrn_detector.detector                     PIXEL 
_diffrn_detector.diffrn_id                    1 
_diffrn_detector.type                         'DECTRIS EIGER X 9M' 
_diffrn_detector.area_resol_mean              ? 
_diffrn_detector.dtime                        ? 
_diffrn_detector.pdbx_frames_total            ? 
_diffrn_detector.pdbx_collection_time_total   ? 
_diffrn_detector.pdbx_collection_date         2022-06-29 
_diffrn_detector.pdbx_frequency               ? 
_diffrn_detector.id                           ? 
_diffrn_detector.number_of_axes               ? 
# 
_diffrn_radiation.collimation                      ? 
_diffrn_radiation.diffrn_id                        1 
_diffrn_radiation.filter_edge                      ? 
_diffrn_radiation.inhomogeneity                    ? 
_diffrn_radiation.monochromator                    ? 
_diffrn_radiation.polarisn_norm                    ? 
_diffrn_radiation.polarisn_ratio                   ? 
_diffrn_radiation.probe                            ? 
_diffrn_radiation.type                             ? 
_diffrn_radiation.xray_symbol                      ? 
_diffrn_radiation.wavelength_id                    1 
_diffrn_radiation.pdbx_monochromatic_or_laue_m_l   M 
_diffrn_radiation.pdbx_wavelength_list             ? 
_diffrn_radiation.pdbx_wavelength                  ? 
_diffrn_radiation.pdbx_diffrn_protocol             'SINGLE WAVELENGTH' 
_diffrn_radiation.pdbx_analyzer                    ? 
_diffrn_radiation.pdbx_scattering_type             x-ray 
# 
_diffrn_radiation_wavelength.id           1 
_diffrn_radiation_wavelength.wavelength   0.980112 
_diffrn_radiation_wavelength.wt           1.0 
# 
_diffrn_source.current                     ? 
_diffrn_source.details                     ? 
_diffrn_source.diffrn_id                   1 
_diffrn_source.power                       ? 
_diffrn_source.size                        ? 
_diffrn_source.source                      SYNCHROTRON 
_diffrn_source.target                      ? 
_diffrn_source.type                        'SOLEIL BEAMLINE PROXIMA 2' 
_diffrn_source.voltage                     ? 
_diffrn_source.take-off_angle              ? 
_diffrn_source.pdbx_wavelength_list        0.980112 
_diffrn_source.pdbx_wavelength             ? 
_diffrn_source.pdbx_synchrotron_beamline   'PROXIMA 2' 
_diffrn_source.pdbx_synchrotron_site       SOLEIL 
# 
_reflns.B_iso_Wilson_estimate                          ? 
_reflns.entry_id                                       8RXA 
_reflns.data_reduction_details                         ? 
_reflns.data_reduction_method                          ? 
_reflns.d_resolution_high                              1.75 
_reflns.d_resolution_low                               50 
_reflns.details                                        ? 
_reflns.limit_h_max                                    ? 
_reflns.limit_h_min                                    ? 
_reflns.limit_k_max                                    ? 
_reflns.limit_k_min                                    ? 
_reflns.limit_l_max                                    ? 
_reflns.limit_l_min                                    ? 
_reflns.number_all                                     ? 
_reflns.number_obs                                     22718 
_reflns.observed_criterion                             ? 
_reflns.observed_criterion_F_max                       ? 
_reflns.observed_criterion_F_min                       ? 
_reflns.observed_criterion_I_max                       ? 
_reflns.observed_criterion_I_min                       ? 
_reflns.observed_criterion_sigma_F                     ? 
_reflns.observed_criterion_sigma_I                     ? 
_reflns.percent_possible_obs                           99.5 
_reflns.R_free_details                                 ? 
_reflns.Rmerge_F_all                                   ? 
_reflns.Rmerge_F_obs                                   ? 
_reflns.Friedel_coverage                               ? 
_reflns.number_gt                                      ? 
_reflns.threshold_expression                           ? 
_reflns.pdbx_redundancy                                13 
_reflns.pdbx_netI_over_av_sigmaI                       ? 
_reflns.pdbx_netI_over_sigmaI                          22.24 
_reflns.pdbx_res_netI_over_av_sigmaI_2                 ? 
_reflns.pdbx_res_netI_over_sigmaI_2                    ? 
_reflns.pdbx_chi_squared                               ? 
_reflns.pdbx_scaling_rejects                           ? 
_reflns.pdbx_d_res_high_opt                            ? 
_reflns.pdbx_d_res_low_opt                             ? 
_reflns.pdbx_d_res_opt_method                          ? 
_reflns.phase_calculation_details                      ? 
_reflns.pdbx_Rrim_I_all                                0.059000000000000004 
_reflns.pdbx_Rpim_I_all                                ? 
_reflns.pdbx_d_opt                                     ? 
_reflns.pdbx_number_measured_all                       ? 
_reflns.pdbx_diffrn_id                                 1 
_reflns.pdbx_ordinal                                   1 
_reflns.pdbx_CC_half                                   0.9990000000000001 
_reflns.pdbx_CC_star                                   ? 
_reflns.pdbx_R_split                                   ? 
_reflns.pdbx_Rmerge_I_obs                              0.055999999999999994 
_reflns.pdbx_Rmerge_I_all                              ? 
_reflns.pdbx_Rsym_value                                ? 
_reflns.pdbx_CC_split_method                           ? 
_reflns.pdbx_aniso_diffraction_limit_axis_1_ortho[1]   ? 
_reflns.pdbx_aniso_diffraction_limit_axis_1_ortho[2]   ? 
_reflns.pdbx_aniso_diffraction_limit_axis_1_ortho[3]   ? 
_reflns.pdbx_aniso_diffraction_limit_axis_2_ortho[1]   ? 
_reflns.pdbx_aniso_diffraction_limit_axis_2_ortho[2]   ? 
_reflns.pdbx_aniso_diffraction_limit_axis_2_ortho[3]   ? 
_reflns.pdbx_aniso_diffraction_limit_axis_3_ortho[1]   ? 
_reflns.pdbx_aniso_diffraction_limit_axis_3_ortho[2]   ? 
_reflns.pdbx_aniso_diffraction_limit_axis_3_ortho[3]   ? 
_reflns.pdbx_aniso_diffraction_limit_1                 ? 
_reflns.pdbx_aniso_diffraction_limit_2                 ? 
_reflns.pdbx_aniso_diffraction_limit_3                 ? 
_reflns.pdbx_aniso_B_tensor_eigenvector_1_ortho[1]     ? 
_reflns.pdbx_aniso_B_tensor_eigenvector_1_ortho[2]     ? 
_reflns.pdbx_aniso_B_tensor_eigenvector_1_ortho[3]     ? 
_reflns.pdbx_aniso_B_tensor_eigenvector_2_ortho[1]     ? 
_reflns.pdbx_aniso_B_tensor_eigenvector_2_ortho[2]     ? 
_reflns.pdbx_aniso_B_tensor_eigenvector_2_ortho[3]     ? 
_reflns.pdbx_aniso_B_tensor_eigenvector_3_ortho[1]     ? 
_reflns.pdbx_aniso_B_tensor_eigenvector_3_ortho[2]     ? 
_reflns.pdbx_aniso_B_tensor_eigenvector_3_ortho[3]     ? 
_reflns.pdbx_aniso_B_tensor_eigenvalue_1               ? 
_reflns.pdbx_aniso_B_tensor_eigenvalue_2               ? 
_reflns.pdbx_aniso_B_tensor_eigenvalue_3               ? 
_reflns.pdbx_orthogonalization_convention              ? 
_reflns.pdbx_percent_possible_ellipsoidal              ? 
_reflns.pdbx_percent_possible_spherical                ? 
_reflns.pdbx_percent_possible_ellipsoidal_anomalous    ? 
_reflns.pdbx_percent_possible_spherical_anomalous      ? 
_reflns.pdbx_redundancy_anomalous                      ? 
_reflns.pdbx_CC_half_anomalous                         ? 
_reflns.pdbx_absDiff_over_sigma_anomalous              ? 
_reflns.pdbx_percent_possible_anomalous                ? 
_reflns.pdbx_observed_signal_threshold                 ? 
_reflns.pdbx_signal_type                               ? 
_reflns.pdbx_signal_details                            ? 
_reflns.pdbx_signal_software_id                        ? 
# 
loop_
_reflns_shell.d_res_high 
_reflns_shell.d_res_low 
_reflns_shell.meanI_over_sigI_all 
_reflns_shell.meanI_over_sigI_obs 
_reflns_shell.number_measured_all 
_reflns_shell.number_measured_obs 
_reflns_shell.number_possible 
_reflns_shell.number_unique_all 
_reflns_shell.number_unique_obs 
_reflns_shell.percent_possible_obs 
_reflns_shell.Rmerge_F_all 
_reflns_shell.Rmerge_F_obs 
_reflns_shell.meanI_over_sigI_gt 
_reflns_shell.meanI_over_uI_all 
_reflns_shell.meanI_over_uI_gt 
_reflns_shell.number_measured_gt 
_reflns_shell.number_unique_gt 
_reflns_shell.percent_possible_gt 
_reflns_shell.Rmerge_F_gt 
_reflns_shell.Rmerge_I_gt 
_reflns_shell.pdbx_redundancy 
_reflns_shell.pdbx_chi_squared 
_reflns_shell.pdbx_netI_over_sigmaI_all 
_reflns_shell.pdbx_netI_over_sigmaI_obs 
_reflns_shell.pdbx_Rrim_I_all 
_reflns_shell.pdbx_Rpim_I_all 
_reflns_shell.pdbx_rejects 
_reflns_shell.pdbx_ordinal 
_reflns_shell.pdbx_diffrn_id 
_reflns_shell.pdbx_CC_half 
_reflns_shell.pdbx_CC_star 
_reflns_shell.pdbx_R_split 
_reflns_shell.percent_possible_all 
_reflns_shell.Rmerge_I_all 
_reflns_shell.Rmerge_I_obs 
_reflns_shell.pdbx_Rsym_value 
_reflns_shell.pdbx_percent_possible_ellipsoidal 
_reflns_shell.pdbx_percent_possible_spherical 
_reflns_shell.pdbx_percent_possible_ellipsoidal_anomalous 
_reflns_shell.pdbx_percent_possible_spherical_anomalous 
_reflns_shell.pdbx_redundancy_anomalous 
_reflns_shell.pdbx_CC_half_anomalous 
_reflns_shell.pdbx_absDiff_over_sigma_anomalous 
_reflns_shell.pdbx_percent_possible_anomalous 
1.75 1.86 ? ? ? ? ? ? 3510 ? ? ? ? ? ? ? ? ? ? ? ? ? ? ? 0.9740000000000001  ? ? 1 1 0.941              ? ? ? ? 0.937 ? ? ? ? ? ? 
? ? ? 
1.86 1.99 ? ? ? ? ? ? 3408 ? ? ? ? ? ? ? ? ? ? ? ? ? ? ? 0.542               ? ? 2 1 0.986              ? ? ? ? 0.522 ? ? ? ? ? ? 
? ? ? 
1.99 2.14 ? ? ? ? ? ? 3203 ? ? ? ? ? ? ? ? ? ? ? ? ? ? ? 0.27699999999999997 ? ? 3 1 0.9940000000000001 ? ? ? ? 0.265 ? ? ? ? ? ? 
? ? ? 
2.14 2.35 ? ? ? ? ? ? 2917 ? ? ? ? ? ? ? ? ? ? ? ? ? ? ? 0.14800000000000002 ? ? 4 1 0.997              ? ? ? ? 
0.14300000000000002 ? ? ? ? ? ? ? ? ? 
2.35 2.62 ? ? ? ? ? ? 2699 ? ? ? ? ? ? ? ? ? ? ? ? ? ? ? 0.092               ? ? 5 1 0.998              ? ? ? ? 
0.08800000000000001 ? ? ? ? ? ? ? ? ? 
2.62 3.03 ? ? ? ? ? ? 2353 ? ? ? ? ? ? ? ? ? ? ? ? ? ? ? 0.063               ? ? 6 1 0.9990000000000001 ? ? ? ? 0.06 ? ? ? ? ? ? ? 
? ? 
3.03 3.7  ? ? ? ? ? ? 2043 ? ? ? ? ? ? ? ? ? ? ? ? ? ? ? 0.047               ? ? 7 1 0.9990000000000001 ? ? ? ? 0.045 ? ? ? ? ? ? 
? ? ? 
3.70 5.21 ? ? ? ? ? ? 1612 ? ? ? ? ? ? ? ? ? ? ? ? ? ? ? 0.039               ? ? 8 1 0.9990000000000001 ? ? ? ? 0.038 ? ? ? ? ? ? 
? ? ? 
# 
_refine.aniso_B[1][1]                            ? 
_refine.aniso_B[1][2]                            ? 
_refine.aniso_B[1][3]                            ? 
_refine.aniso_B[2][2]                            ? 
_refine.aniso_B[2][3]                            ? 
_refine.aniso_B[3][3]                            ? 
_refine.B_iso_max                                ? 
_refine.B_iso_mean                               ? 
_refine.B_iso_min                                ? 
_refine.correlation_coeff_Fo_to_Fc               ? 
_refine.correlation_coeff_Fo_to_Fc_free          ? 
_refine.details                                  ? 
_refine.diff_density_max                         ? 
_refine.diff_density_max_esd                     ? 
_refine.diff_density_min                         ? 
_refine.diff_density_min_esd                     ? 
_refine.diff_density_rms                         ? 
_refine.diff_density_rms_esd                     ? 
_refine.entry_id                                 8RXA 
_refine.pdbx_refine_id                           'X-RAY DIFFRACTION' 
_refine.ls_abs_structure_details                 ? 
_refine.ls_abs_structure_Flack                   ? 
_refine.ls_abs_structure_Flack_esd               ? 
_refine.ls_abs_structure_Rogers                  ? 
_refine.ls_abs_structure_Rogers_esd              ? 
_refine.ls_d_res_high                            1.75 
_refine.ls_d_res_low                             40.00 
_refine.ls_extinction_coef                       ? 
_refine.ls_extinction_coef_esd                   ? 
_refine.ls_extinction_expression                 ? 
_refine.ls_extinction_method                     ? 
_refine.ls_goodness_of_fit_all                   ? 
_refine.ls_goodness_of_fit_all_esd               ? 
_refine.ls_goodness_of_fit_obs                   ? 
_refine.ls_goodness_of_fit_obs_esd               ? 
_refine.ls_hydrogen_treatment                    ? 
_refine.ls_matrix_type                           ? 
_refine.ls_number_constraints                    ? 
_refine.ls_number_parameters                     ? 
_refine.ls_number_reflns_all                     ? 
_refine.ls_number_reflns_obs                     22658 
_refine.ls_number_reflns_R_free                  2099 
_refine.ls_number_reflns_R_work                  ? 
_refine.ls_number_restraints                     ? 
_refine.ls_percent_reflns_obs                    99.12 
_refine.ls_percent_reflns_R_free                 4.97 
_refine.ls_R_factor_all                          ? 
_refine.ls_R_factor_obs                          0.2096 
_refine.ls_R_factor_R_free                       0.2397 
_refine.ls_R_factor_R_free_error                 ? 
_refine.ls_R_factor_R_free_error_details         ? 
_refine.ls_R_factor_R_work                       0.2080 
_refine.ls_R_Fsqd_factor_obs                     ? 
_refine.ls_R_I_factor_obs                        ? 
_refine.ls_redundancy_reflns_all                 ? 
_refine.ls_redundancy_reflns_obs                 ? 
_refine.ls_restrained_S_all                      ? 
_refine.ls_restrained_S_obs                      ? 
_refine.ls_shift_over_esd_max                    ? 
_refine.ls_shift_over_esd_mean                   ? 
_refine.ls_structure_factor_coef                 ? 
_refine.ls_weighting_details                     ? 
_refine.ls_weighting_scheme                      ? 
_refine.ls_wR_factor_all                         ? 
_refine.ls_wR_factor_obs                         ? 
_refine.ls_wR_factor_R_free                      ? 
_refine.ls_wR_factor_R_work                      ? 
_refine.occupancy_max                            ? 
_refine.occupancy_min                            ? 
_refine.solvent_model_details                    'FLAT BULK SOLVENT MODEL' 
_refine.solvent_model_param_bsol                 ? 
_refine.solvent_model_param_ksol                 ? 
_refine.pdbx_R_complete                          ? 
_refine.ls_R_factor_gt                           ? 
_refine.ls_goodness_of_fit_gt                    ? 
_refine.ls_goodness_of_fit_ref                   ? 
_refine.ls_shift_over_su_max                     ? 
_refine.ls_shift_over_su_max_lt                  ? 
_refine.ls_shift_over_su_mean                    ? 
_refine.ls_shift_over_su_mean_lt                 ? 
_refine.pdbx_ls_sigma_I                          ? 
_refine.pdbx_ls_sigma_F                          1.36 
_refine.pdbx_ls_sigma_Fsqd                       ? 
_refine.pdbx_data_cutoff_high_absF               ? 
_refine.pdbx_data_cutoff_high_rms_absF           ? 
_refine.pdbx_data_cutoff_low_absF                ? 
_refine.pdbx_isotropic_thermal_model             ? 
_refine.pdbx_ls_cross_valid_method               'FREE R-VALUE' 
_refine.pdbx_method_to_determine_struct          'MOLECULAR REPLACEMENT' 
_refine.pdbx_starting_model                      ? 
_refine.pdbx_stereochemistry_target_values       ML 
_refine.pdbx_R_Free_selection_details            ? 
_refine.pdbx_stereochem_target_val_spec_case     ? 
_refine.pdbx_overall_ESU_R                       ? 
_refine.pdbx_overall_ESU_R_Free                  ? 
_refine.pdbx_solvent_vdw_probe_radii             1.10 
_refine.pdbx_solvent_ion_probe_radii             ? 
_refine.pdbx_solvent_shrinkage_radii             0.90 
_refine.pdbx_real_space_R                        ? 
_refine.pdbx_density_correlation                 ? 
_refine.pdbx_pd_number_of_powder_patterns        ? 
_refine.pdbx_pd_number_of_points                 ? 
_refine.pdbx_pd_meas_number_of_points            ? 
_refine.pdbx_pd_proc_ls_prof_R_factor            ? 
_refine.pdbx_pd_proc_ls_prof_wR_factor           ? 
_refine.pdbx_pd_Marquardt_correlation_coeff      ? 
_refine.pdbx_pd_Fsqrd_R_factor                   ? 
_refine.pdbx_pd_ls_matrix_band_width             ? 
_refine.pdbx_overall_phase_error                 28.61 
_refine.pdbx_overall_SU_R_free_Cruickshank_DPI   ? 
_refine.pdbx_overall_SU_R_free_Blow_DPI          ? 
_refine.pdbx_overall_SU_R_Blow_DPI               ? 
_refine.pdbx_TLS_residual_ADP_flag               ? 
_refine.pdbx_diffrn_id                           1 
_refine.overall_SU_B                             ? 
_refine.overall_SU_ML                            0.20 
_refine.overall_SU_R_Cruickshank_DPI             ? 
_refine.overall_SU_R_free                        ? 
_refine.overall_FOM_free_R_set                   ? 
_refine.overall_FOM_work_R_set                   ? 
_refine.pdbx_average_fsc_overall                 ? 
_refine.pdbx_average_fsc_work                    ? 
_refine.pdbx_average_fsc_free                    ? 
# 
_refine_hist.pdbx_refine_id                   'X-RAY DIFFRACTION' 
_refine_hist.cycle_id                         LAST 
_refine_hist.details                          ? 
_refine_hist.d_res_high                       1.75 
_refine_hist.d_res_low                        40.00 
_refine_hist.number_atoms_solvent             50 
_refine_hist.number_atoms_total               1688 
_refine_hist.number_reflns_all                ? 
_refine_hist.number_reflns_obs                ? 
_refine_hist.number_reflns_R_free             ? 
_refine_hist.number_reflns_R_work             ? 
_refine_hist.R_factor_all                     ? 
_refine_hist.R_factor_obs                     ? 
_refine_hist.R_factor_R_free                  ? 
_refine_hist.R_factor_R_work                  ? 
_refine_hist.pdbx_number_residues_total       ? 
_refine_hist.pdbx_B_iso_mean_ligand           ? 
_refine_hist.pdbx_B_iso_mean_solvent          ? 
_refine_hist.pdbx_number_atoms_protein        1638 
_refine_hist.pdbx_number_atoms_nucleic_acid   0 
_refine_hist.pdbx_number_atoms_ligand         0 
_refine_hist.pdbx_number_atoms_lipid          ? 
_refine_hist.pdbx_number_atoms_carb           ? 
_refine_hist.pdbx_pseudo_atom_details         ? 
# 
loop_
_refine_ls_restr.pdbx_refine_id 
_refine_ls_restr.criterion 
_refine_ls_restr.dev_ideal 
_refine_ls_restr.dev_ideal_target 
_refine_ls_restr.number 
_refine_ls_restr.rejects 
_refine_ls_restr.type 
_refine_ls_restr.weight 
_refine_ls_restr.pdbx_restraint_function 
'X-RAY DIFFRACTION' ? 0.006  ? ?   ? f_bond_d           ? ? 
'X-RAY DIFFRACTION' ? 0.787  ? ?   ? f_angle_d          ? ? 
'X-RAY DIFFRACTION' ? 20.041 ? 678 ? f_dihedral_angle_d ? ? 
'X-RAY DIFFRACTION' ? 0.045  ? 255 ? f_chiral_restr     ? ? 
'X-RAY DIFFRACTION' ? 0.007  ? 289 ? f_plane_restr      ? ? 
# 
loop_
_refine_ls_shell.pdbx_refine_id 
_refine_ls_shell.d_res_high 
_refine_ls_shell.d_res_low 
_refine_ls_shell.number_reflns_all 
_refine_ls_shell.number_reflns_obs 
_refine_ls_shell.number_reflns_R_free 
_refine_ls_shell.number_reflns_R_work 
_refine_ls_shell.percent_reflns_obs 
_refine_ls_shell.percent_reflns_R_free 
_refine_ls_shell.R_factor_all 
_refine_ls_shell.R_factor_obs 
_refine_ls_shell.R_factor_R_free_error 
_refine_ls_shell.R_factor_R_work 
_refine_ls_shell.redundancy_reflns_all 
_refine_ls_shell.redundancy_reflns_obs 
_refine_ls_shell.wR_factor_all 
_refine_ls_shell.wR_factor_obs 
_refine_ls_shell.wR_factor_R_free 
_refine_ls_shell.wR_factor_R_work 
_refine_ls_shell.pdbx_R_complete 
_refine_ls_shell.pdbx_total_number_of_bins_used 
_refine_ls_shell.pdbx_phase_error 
_refine_ls_shell.pdbx_fsc_work 
_refine_ls_shell.pdbx_fsc_free 
_refine_ls_shell.R_factor_R_free 
'X-RAY DIFFRACTION' 1.75 1.79 . . 131 2514 91.00  . . . . 0.3208 . . . . . . . . . . . 0.3540 
'X-RAY DIFFRACTION' 1.79 1.84 . . 145 2682 99.00  . . . . 0.2861 . . . . . . . . . . . 0.3396 
'X-RAY DIFFRACTION' 1.84 1.89 . . 143 2683 100.00 . . . . 0.2606 . . . . . . . . . . . 0.2511 
'X-RAY DIFFRACTION' 1.89 1.94 . . 140 2634 99.00  . . . . 0.2416 . . . . . . . . . . . 0.3045 
'X-RAY DIFFRACTION' 1.94 2.00 . . 143 2742 100.00 . . . . 0.2466 . . . . . . . . . . . 0.2690 
'X-RAY DIFFRACTION' 2.00 2.08 . . 139 2639 99.00  . . . . 0.2265 . . . . . . . . . . . 0.2517 
'X-RAY DIFFRACTION' 2.08 2.16 . . 138 2669 100.00 . . . . 0.2188 . . . . . . . . . . . 0.2402 
'X-RAY DIFFRACTION' 2.16 2.26 . . 142 2743 100.00 . . . . 0.2109 . . . . . . . . . . . 0.2473 
'X-RAY DIFFRACTION' 2.26 2.38 . . 141 2658 100.00 . . . . 0.2108 . . . . . . . . . . . 0.2910 
'X-RAY DIFFRACTION' 2.38 2.53 . . 134 2693 100.00 . . . . 0.2377 . . . . . . . . . . . 0.2595 
'X-RAY DIFFRACTION' 2.53 2.72 . . 144 2722 100.00 . . . . 0.2224 . . . . . . . . . . . 0.2735 
'X-RAY DIFFRACTION' 2.72 2.99 . . 134 2675 100.00 . . . . 0.2277 . . . . . . . . . . . 0.2744 
'X-RAY DIFFRACTION' 2.99 3.43 . . 143 2705 100.00 . . . . 0.2215 . . . . . . . . . . . 0.2856 
'X-RAY DIFFRACTION' 3.43 4.32 . . 143 2694 100.00 . . . . 0.1824 . . . . . . . . . . . 0.2090 
'X-RAY DIFFRACTION' 4.32 40.  . . 139 2697 100.00 . . . . 0.1798 . . . . . . . . . . . 0.1854 
# 
_struct.entry_id                     8RXA 
_struct.title                        'ACDC domain of AP2-O5 from Plasmodium falciparum' 
_struct.pdbx_model_details           ? 
_struct.pdbx_formula_weight          ? 
_struct.pdbx_formula_weight_method   ? 
_struct.pdbx_model_type_details      ? 
_struct.pdbx_CASP_flag               N 
# 
_struct_keywords.entry_id        8RXA 
_struct_keywords.text            
'AP2-coincident domain mainly at the C-terminus, Orthogonal four helix bundle, TRANSCRIPTION, UNKNOWN FUNCTION' 
_struct_keywords.pdbx_keywords   'UNKNOWN FUNCTION' 
# 
loop_
_struct_asym.id 
_struct_asym.pdbx_blank_PDB_chainid_flag 
_struct_asym.pdbx_modified 
_struct_asym.entity_id 
_struct_asym.details 
A N N 1 ? 
B N N 1 ? 
C N N 2 ? 
D N N 2 ? 
# 
_struct_ref.id                         1 
_struct_ref.db_name                    UNP 
_struct_ref.db_code                    Q8IKY0_PLAF7 
_struct_ref.pdbx_db_accession          Q8IKY0 
_struct_ref.pdbx_db_isoform            ? 
_struct_ref.entity_id                  1 
_struct_ref.pdbx_seq_one_letter_code   
;DEYKTNFIDLTREALSLILQDLKNNVIPKIPVGIEKRERYKNSLRLCLKSARNTQHMNELEPYLELFSECIKNSKLPSHM
SLKDQLFYLDKL
;
_struct_ref.pdbx_align_begin           624 
# 
loop_
_struct_ref_seq.align_id 
_struct_ref_seq.ref_id 
_struct_ref_seq.pdbx_PDB_id_code 
_struct_ref_seq.pdbx_strand_id 
_struct_ref_seq.seq_align_beg 
_struct_ref_seq.pdbx_seq_align_beg_ins_code 
_struct_ref_seq.seq_align_end 
_struct_ref_seq.pdbx_seq_align_end_ins_code 
_struct_ref_seq.pdbx_db_accession 
_struct_ref_seq.db_align_beg 
_struct_ref_seq.pdbx_db_align_beg_ins_code 
_struct_ref_seq.db_align_end 
_struct_ref_seq.pdbx_db_align_end_ins_code 
_struct_ref_seq.pdbx_auth_seq_align_beg 
_struct_ref_seq.pdbx_auth_seq_align_end 
1 1 8RXA A 2 ? 93 ? Q8IKY0 624 ? 715 ? 624 715 
2 1 8RXA B 2 ? 93 ? Q8IKY0 624 ? 715 ? 624 715 
# 
loop_
_struct_ref_seq_dif.align_id 
_struct_ref_seq_dif.pdbx_pdb_id_code 
_struct_ref_seq_dif.mon_id 
_struct_ref_seq_dif.pdbx_pdb_strand_id 
_struct_ref_seq_dif.seq_num 
_struct_ref_seq_dif.pdbx_pdb_ins_code 
_struct_ref_seq_dif.pdbx_seq_db_name 
_struct_ref_seq_dif.pdbx_seq_db_accession_code 
_struct_ref_seq_dif.db_mon_id 
_struct_ref_seq_dif.pdbx_seq_db_seq_num 
_struct_ref_seq_dif.details 
_struct_ref_seq_dif.pdbx_auth_seq_num 
_struct_ref_seq_dif.pdbx_ordinal 
1 8RXA MET A 1   ? UNP Q8IKY0 ? ? 'initiating methionine' 623 1  
1 8RXA LEU A 94  ? UNP Q8IKY0 ? ? 'expression tag'        716 2  
1 8RXA GLU A 95  ? UNP Q8IKY0 ? ? 'expression tag'        717 3  
1 8RXA ASN A 96  ? UNP Q8IKY0 ? ? 'expression tag'        718 4  
1 8RXA LEU A 97  ? UNP Q8IKY0 ? ? 'expression tag'        719 5  
1 8RXA TYR A 98  ? UNP Q8IKY0 ? ? 'expression tag'        720 6  
1 8RXA PHE A 99  ? UNP Q8IKY0 ? ? 'expression tag'        721 7  
1 8RXA GLN A 100 ? UNP Q8IKY0 ? ? 'expression tag'        722 8  
1 8RXA GLY A 101 ? UNP Q8IKY0 ? ? 'expression tag'        723 9  
1 8RXA VAL A 102 ? UNP Q8IKY0 ? ? 'expression tag'        724 10 
1 8RXA GLU A 103 ? UNP Q8IKY0 ? ? 'expression tag'        725 11 
1 8RXA HIS A 104 ? UNP Q8IKY0 ? ? 'expression tag'        726 12 
1 8RXA HIS A 105 ? UNP Q8IKY0 ? ? 'expression tag'        727 13 
1 8RXA HIS A 106 ? UNP Q8IKY0 ? ? 'expression tag'        728 14 
1 8RXA HIS A 107 ? UNP Q8IKY0 ? ? 'expression tag'        729 15 
1 8RXA HIS A 108 ? UNP Q8IKY0 ? ? 'expression tag'        730 16 
1 8RXA HIS A 109 ? UNP Q8IKY0 ? ? 'expression tag'        731 17 
2 8RXA MET B 1   ? UNP Q8IKY0 ? ? 'initiating methionine' 623 18 
2 8RXA LEU B 94  ? UNP Q8IKY0 ? ? 'expression tag'        716 19 
2 8RXA GLU B 95  ? UNP Q8IKY0 ? ? 'expression tag'        717 20 
2 8RXA ASN B 96  ? UNP Q8IKY0 ? ? 'expression tag'        718 21 
2 8RXA LEU B 97  ? UNP Q8IKY0 ? ? 'expression tag'        719 22 
2 8RXA TYR B 98  ? UNP Q8IKY0 ? ? 'expression tag'        720 23 
2 8RXA PHE B 99  ? UNP Q8IKY0 ? ? 'expression tag'        721 24 
2 8RXA GLN B 100 ? UNP Q8IKY0 ? ? 'expression tag'        722 25 
2 8RXA GLY B 101 ? UNP Q8IKY0 ? ? 'expression tag'        723 26 
2 8RXA VAL B 102 ? UNP Q8IKY0 ? ? 'expression tag'        724 27 
2 8RXA GLU B 103 ? UNP Q8IKY0 ? ? 'expression tag'        725 28 
2 8RXA HIS B 104 ? UNP Q8IKY0 ? ? 'expression tag'        726 29 
2 8RXA HIS B 105 ? UNP Q8IKY0 ? ? 'expression tag'        727 30 
2 8RXA HIS B 106 ? UNP Q8IKY0 ? ? 'expression tag'        728 31 
2 8RXA HIS B 107 ? UNP Q8IKY0 ? ? 'expression tag'        729 32 
2 8RXA HIS B 108 ? UNP Q8IKY0 ? ? 'expression tag'        730 33 
2 8RXA HIS B 109 ? UNP Q8IKY0 ? ? 'expression tag'        731 34 
# 
loop_
_pdbx_struct_assembly.id 
_pdbx_struct_assembly.details 
_pdbx_struct_assembly.method_details 
_pdbx_struct_assembly.oligomeric_details 
_pdbx_struct_assembly.oligomeric_count 
1 author_defined_assembly ? monomeric 1 
2 author_defined_assembly ? monomeric 1 
# 
loop_
_pdbx_struct_assembly_gen.assembly_id 
_pdbx_struct_assembly_gen.oper_expression 
_pdbx_struct_assembly_gen.asym_id_list 
1 1 A,C 
2 1 B,D 
# 
_pdbx_struct_assembly_auth_evidence.id                     1 
_pdbx_struct_assembly_auth_evidence.assembly_id            1 
_pdbx_struct_assembly_auth_evidence.experimental_support   'gel filtration' 
_pdbx_struct_assembly_auth_evidence.details                'Eluted as a monomer on a SEC column.' 
# 
_pdbx_struct_oper_list.id                   1 
_pdbx_struct_oper_list.type                 'identity operation' 
_pdbx_struct_oper_list.name                 1_555 
_pdbx_struct_oper_list.symmetry_operation   x,y,z 
_pdbx_struct_oper_list.matrix[1][1]         1.0000000000 
_pdbx_struct_oper_list.matrix[1][2]         0.0000000000 
_pdbx_struct_oper_list.matrix[1][3]         0.0000000000 
_pdbx_struct_oper_list.vector[1]            0.0000000000 
_pdbx_struct_oper_list.matrix[2][1]         0.0000000000 
_pdbx_struct_oper_list.matrix[2][2]         1.0000000000 
_pdbx_struct_oper_list.matrix[2][3]         0.0000000000 
_pdbx_struct_oper_list.vector[2]            0.0000000000 
_pdbx_struct_oper_list.matrix[3][1]         0.0000000000 
_pdbx_struct_oper_list.matrix[3][2]         0.0000000000 
_pdbx_struct_oper_list.matrix[3][3]         1.0000000000 
_pdbx_struct_oper_list.vector[3]            0.0000000000 
# 
loop_
_struct_conf.conf_type_id 
_struct_conf.id 
_struct_conf.pdbx_PDB_helix_id 
_struct_conf.beg_label_comp_id 
_struct_conf.beg_label_asym_id 
_struct_conf.beg_label_seq_id 
_struct_conf.pdbx_beg_PDB_ins_code 
_struct_conf.end_label_comp_id 
_struct_conf.end_label_asym_id 
_struct_conf.end_label_seq_id 
_struct_conf.pdbx_end_PDB_ins_code 
_struct_conf.beg_auth_comp_id 
_struct_conf.beg_auth_asym_id 
_struct_conf.beg_auth_seq_id 
_struct_conf.end_auth_comp_id 
_struct_conf.end_auth_asym_id 
_struct_conf.end_auth_seq_id 
_struct_conf.pdbx_PDB_helix_class 
_struct_conf.details 
_struct_conf.pdbx_PDB_helix_length 
HELX_P HELX_P1  AA1 TYR A 4  ? VAL A 27  ? TYR A 626 VAL A 649 1 ? 24 
HELX_P HELX_P2  AA2 GLY A 34 ? ARG A 53  ? GLY A 656 ARG A 675 1 ? 20 
HELX_P HELX_P3  AA3 HIS A 57 ? GLU A 60  ? HIS A 679 GLU A 682 5 ? 4  
HELX_P HELX_P4  AA4 LEU A 61 ? PHE A 68  ? LEU A 683 PHE A 690 1 ? 8  
HELX_P HELX_P5  AA5 PHE A 68 ? ASN A 74  ? PHE A 690 ASN A 696 1 ? 7  
HELX_P HELX_P6  AA6 LEU A 77 ? MET A 81  ? LEU A 699 MET A 703 5 ? 5  
HELX_P HELX_P7  AA7 SER A 82 ? GLY A 101 ? SER A 704 GLY A 723 1 ? 20 
HELX_P HELX_P8  AA8 TYR B 4  ? ASN B 26  ? TYR B 626 ASN B 648 1 ? 23 
HELX_P HELX_P9  AA9 VAL B 27 ? ILE B 31  ? VAL B 649 ILE B 653 5 ? 5  
HELX_P HELX_P10 AB1 GLY B 34 ? THR B 55  ? GLY B 656 THR B 677 1 ? 22 
HELX_P HELX_P11 AB2 HIS B 57 ? GLU B 60  ? HIS B 679 GLU B 682 5 ? 4  
HELX_P HELX_P12 AB3 LEU B 61 ? PHE B 68  ? LEU B 683 PHE B 690 1 ? 8  
HELX_P HELX_P13 AB4 PHE B 68 ? SER B 75  ? PHE B 690 SER B 697 1 ? 8  
HELX_P HELX_P14 AB5 LEU B 77 ? MET B 81  ? LEU B 699 MET B 703 5 ? 5  
HELX_P HELX_P15 AB6 SER B 82 ? ASN B 96  ? SER B 704 ASN B 718 1 ? 15 
# 
_struct_conf_type.id          HELX_P 
_struct_conf_type.criteria    ? 
_struct_conf_type.reference   ? 
# 
_pdbx_entry_details.entry_id                   8RXA 
_pdbx_entry_details.compound_details           ? 
_pdbx_entry_details.source_details             ? 
_pdbx_entry_details.nonpolymer_details         ? 
_pdbx_entry_details.sequence_details           ? 
_pdbx_entry_details.has_ligand_of_interest     ? 
_pdbx_entry_details.has_protein_modification   N 
# 
_pdbx_struct_special_symmetry.id              1 
_pdbx_struct_special_symmetry.PDB_model_num   1 
_pdbx_struct_special_symmetry.auth_asym_id    B 
_pdbx_struct_special_symmetry.auth_comp_id    HOH 
_pdbx_struct_special_symmetry.auth_seq_id     833 
_pdbx_struct_special_symmetry.PDB_ins_code    ? 
_pdbx_struct_special_symmetry.label_asym_id   D 
_pdbx_struct_special_symmetry.label_comp_id   HOH 
_pdbx_struct_special_symmetry.label_seq_id    . 
# 
loop_
_pdbx_unobs_or_zero_occ_residues.id 
_pdbx_unobs_or_zero_occ_residues.PDB_model_num 
_pdbx_unobs_or_zero_occ_residues.polymer_flag 
_pdbx_unobs_or_zero_occ_residues.occupancy_flag 
_pdbx_unobs_or_zero_occ_residues.auth_asym_id 
_pdbx_unobs_or_zero_occ_residues.auth_comp_id 
_pdbx_unobs_or_zero_occ_residues.auth_seq_id 
_pdbx_unobs_or_zero_occ_residues.PDB_ins_code 
_pdbx_unobs_or_zero_occ_residues.label_asym_id 
_pdbx_unobs_or_zero_occ_residues.label_comp_id 
_pdbx_unobs_or_zero_occ_residues.label_seq_id 
1  1 Y 1 A MET 623 ? A MET 1   
2  1 Y 1 A HIS 726 ? A HIS 104 
3  1 Y 1 A HIS 727 ? A HIS 105 
4  1 Y 1 A HIS 728 ? A HIS 106 
5  1 Y 1 A HIS 729 ? A HIS 107 
6  1 Y 1 A HIS 730 ? A HIS 108 
7  1 Y 1 A HIS 731 ? A HIS 109 
8  1 Y 1 B MET 623 ? B MET 1   
9  1 Y 1 B LEU 719 ? B LEU 97  
10 1 Y 1 B TYR 720 ? B TYR 98  
11 1 Y 1 B PHE 721 ? B PHE 99  
12 1 Y 1 B GLN 722 ? B GLN 100 
13 1 Y 1 B GLY 723 ? B GLY 101 
14 1 Y 1 B VAL 724 ? B VAL 102 
15 1 Y 1 B GLU 725 ? B GLU 103 
16 1 Y 1 B HIS 726 ? B HIS 104 
17 1 Y 1 B HIS 727 ? B HIS 105 
18 1 Y 1 B HIS 728 ? B HIS 106 
19 1 Y 1 B HIS 729 ? B HIS 107 
20 1 Y 1 B HIS 730 ? B HIS 108 
21 1 Y 1 B HIS 731 ? B HIS 109 
# 
loop_
_chem_comp_atom.comp_id 
_chem_comp_atom.atom_id 
_chem_comp_atom.type_symbol 
_chem_comp_atom.pdbx_aromatic_flag 
_chem_comp_atom.pdbx_stereo_config 
_chem_comp_atom.pdbx_ordinal 
ALA N    N N N 1   
ALA CA   C N S 2   
ALA C    C N N 3   
ALA O    O N N 4   
ALA CB   C N N 5   
ALA OXT  O N N 6   
ALA H    H N N 7   
ALA H2   H N N 8   
ALA HA   H N N 9   
ALA HB1  H N N 10  
ALA HB2  H N N 11  
ALA HB3  H N N 12  
ALA HXT  H N N 13  
ARG N    N N N 14  
ARG CA   C N S 15  
ARG C    C N N 16  
ARG O    O N N 17  
ARG CB   C N N 18  
ARG CG   C N N 19  
ARG CD   C N N 20  
ARG NE   N N N 21  
ARG CZ   C N N 22  
ARG NH1  N N N 23  
ARG NH2  N N N 24  
ARG OXT  O N N 25  
ARG H    H N N 26  
ARG H2   H N N 27  
ARG HA   H N N 28  
ARG HB2  H N N 29  
ARG HB3  H N N 30  
ARG HG2  H N N 31  
ARG HG3  H N N 32  
ARG HD2  H N N 33  
ARG HD3  H N N 34  
ARG HE   H N N 35  
ARG HH11 H N N 36  
ARG HH12 H N N 37  
ARG HH21 H N N 38  
ARG HH22 H N N 39  
ARG HXT  H N N 40  
ASN N    N N N 41  
ASN CA   C N S 42  
ASN C    C N N 43  
ASN O    O N N 44  
ASN CB   C N N 45  
ASN CG   C N N 46  
ASN OD1  O N N 47  
ASN ND2  N N N 48  
ASN OXT  O N N 49  
ASN H    H N N 50  
ASN H2   H N N 51  
ASN HA   H N N 52  
ASN HB2  H N N 53  
ASN HB3  H N N 54  
ASN HD21 H N N 55  
ASN HD22 H N N 56  
ASN HXT  H N N 57  
ASP N    N N N 58  
ASP CA   C N S 59  
ASP C    C N N 60  
ASP O    O N N 61  
ASP CB   C N N 62  
ASP CG   C N N 63  
ASP OD1  O N N 64  
ASP OD2  O N N 65  
ASP OXT  O N N 66  
ASP H    H N N 67  
ASP H2   H N N 68  
ASP HA   H N N 69  
ASP HB2  H N N 70  
ASP HB3  H N N 71  
ASP HD2  H N N 72  
ASP HXT  H N N 73  
CYS N    N N N 74  
CYS CA   C N R 75  
CYS C    C N N 76  
CYS O    O N N 77  
CYS CB   C N N 78  
CYS SG   S N N 79  
CYS OXT  O N N 80  
CYS H    H N N 81  
CYS H2   H N N 82  
CYS HA   H N N 83  
CYS HB2  H N N 84  
CYS HB3  H N N 85  
CYS HG   H N N 86  
CYS HXT  H N N 87  
GLN N    N N N 88  
GLN CA   C N S 89  
GLN C    C N N 90  
GLN O    O N N 91  
GLN CB   C N N 92  
GLN CG   C N N 93  
GLN CD   C N N 94  
GLN OE1  O N N 95  
GLN NE2  N N N 96  
GLN OXT  O N N 97  
GLN H    H N N 98  
GLN H2   H N N 99  
GLN HA   H N N 100 
GLN HB2  H N N 101 
GLN HB3  H N N 102 
GLN HG2  H N N 103 
GLN HG3  H N N 104 
GLN HE21 H N N 105 
GLN HE22 H N N 106 
GLN HXT  H N N 107 
GLU N    N N N 108 
GLU CA   C N S 109 
GLU C    C N N 110 
GLU O    O N N 111 
GLU CB   C N N 112 
GLU CG   C N N 113 
GLU CD   C N N 114 
GLU OE1  O N N 115 
GLU OE2  O N N 116 
GLU OXT  O N N 117 
GLU H    H N N 118 
GLU H2   H N N 119 
GLU HA   H N N 120 
GLU HB2  H N N 121 
GLU HB3  H N N 122 
GLU HG2  H N N 123 
GLU HG3  H N N 124 
GLU HE2  H N N 125 
GLU HXT  H N N 126 
GLY N    N N N 127 
GLY CA   C N N 128 
GLY C    C N N 129 
GLY O    O N N 130 
GLY OXT  O N N 131 
GLY H    H N N 132 
GLY H2   H N N 133 
GLY HA2  H N N 134 
GLY HA3  H N N 135 
GLY HXT  H N N 136 
HIS N    N N N 137 
HIS CA   C N S 138 
HIS C    C N N 139 
HIS O    O N N 140 
HIS CB   C N N 141 
HIS CG   C Y N 142 
HIS ND1  N Y N 143 
HIS CD2  C Y N 144 
HIS CE1  C Y N 145 
HIS NE2  N Y N 146 
HIS OXT  O N N 147 
HIS H    H N N 148 
HIS H2   H N N 149 
HIS HA   H N N 150 
HIS HB2  H N N 151 
HIS HB3  H N N 152 
HIS HD1  H N N 153 
HIS HD2  H N N 154 
HIS HE1  H N N 155 
HIS HE2  H N N 156 
HIS HXT  H N N 157 
HOH O    O N N 158 
HOH H1   H N N 159 
HOH H2   H N N 160 
ILE N    N N N 161 
ILE CA   C N S 162 
ILE C    C N N 163 
ILE O    O N N 164 
ILE CB   C N S 165 
ILE CG1  C N N 166 
ILE CG2  C N N 167 
ILE CD1  C N N 168 
ILE OXT  O N N 169 
ILE H    H N N 170 
ILE H2   H N N 171 
ILE HA   H N N 172 
ILE HB   H N N 173 
ILE HG12 H N N 174 
ILE HG13 H N N 175 
ILE HG21 H N N 176 
ILE HG22 H N N 177 
ILE HG23 H N N 178 
ILE HD11 H N N 179 
ILE HD12 H N N 180 
ILE HD13 H N N 181 
ILE HXT  H N N 182 
LEU N    N N N 183 
LEU CA   C N S 184 
LEU C    C N N 185 
LEU O    O N N 186 
LEU CB   C N N 187 
LEU CG   C N N 188 
LEU CD1  C N N 189 
LEU CD2  C N N 190 
LEU OXT  O N N 191 
LEU H    H N N 192 
LEU H2   H N N 193 
LEU HA   H N N 194 
LEU HB2  H N N 195 
LEU HB3  H N N 196 
LEU HG   H N N 197 
LEU HD11 H N N 198 
LEU HD12 H N N 199 
LEU HD13 H N N 200 
LEU HD21 H N N 201 
LEU HD22 H N N 202 
LEU HD23 H N N 203 
LEU HXT  H N N 204 
LYS N    N N N 205 
LYS CA   C N S 206 
LYS C    C N N 207 
LYS O    O N N 208 
LYS CB   C N N 209 
LYS CG   C N N 210 
LYS CD   C N N 211 
LYS CE   C N N 212 
LYS NZ   N N N 213 
LYS OXT  O N N 214 
LYS H    H N N 215 
LYS H2   H N N 216 
LYS HA   H N N 217 
LYS HB2  H N N 218 
LYS HB3  H N N 219 
LYS HG2  H N N 220 
LYS HG3  H N N 221 
LYS HD2  H N N 222 
LYS HD3  H N N 223 
LYS HE2  H N N 224 
LYS HE3  H N N 225 
LYS HZ1  H N N 226 
LYS HZ2  H N N 227 
LYS HZ3  H N N 228 
LYS HXT  H N N 229 
MET N    N N N 230 
MET CA   C N S 231 
MET C    C N N 232 
MET O    O N N 233 
MET CB   C N N 234 
MET CG   C N N 235 
MET SD   S N N 236 
MET CE   C N N 237 
MET OXT  O N N 238 
MET H    H N N 239 
MET H2   H N N 240 
MET HA   H N N 241 
MET HB2  H N N 242 
MET HB3  H N N 243 
MET HG2  H N N 244 
MET HG3  H N N 245 
MET HE1  H N N 246 
MET HE2  H N N 247 
MET HE3  H N N 248 
MET HXT  H N N 249 
PHE N    N N N 250 
PHE CA   C N S 251 
PHE C    C N N 252 
PHE O    O N N 253 
PHE CB   C N N 254 
PHE CG   C Y N 255 
PHE CD1  C Y N 256 
PHE CD2  C Y N 257 
PHE CE1  C Y N 258 
PHE CE2  C Y N 259 
PHE CZ   C Y N 260 
PHE OXT  O N N 261 
PHE H    H N N 262 
PHE H2   H N N 263 
PHE HA   H N N 264 
PHE HB2  H N N 265 
PHE HB3  H N N 266 
PHE HD1  H N N 267 
PHE HD2  H N N 268 
PHE HE1  H N N 269 
PHE HE2  H N N 270 
PHE HZ   H N N 271 
PHE HXT  H N N 272 
PRO N    N N N 273 
PRO CA   C N S 274 
PRO C    C N N 275 
PRO O    O N N 276 
PRO CB   C N N 277 
PRO CG   C N N 278 
PRO CD   C N N 279 
PRO OXT  O N N 280 
PRO H    H N N 281 
PRO HA   H N N 282 
PRO HB2  H N N 283 
PRO HB3  H N N 284 
PRO HG2  H N N 285 
PRO HG3  H N N 286 
PRO HD2  H N N 287 
PRO HD3  H N N 288 
PRO HXT  H N N 289 
SER N    N N N 290 
SER CA   C N S 291 
SER C    C N N 292 
SER O    O N N 293 
SER CB   C N N 294 
SER OG   O N N 295 
SER OXT  O N N 296 
SER H    H N N 297 
SER H2   H N N 298 
SER HA   H N N 299 
SER HB2  H N N 300 
SER HB3  H N N 301 
SER HG   H N N 302 
SER HXT  H N N 303 
THR N    N N N 304 
THR CA   C N S 305 
THR C    C N N 306 
THR O    O N N 307 
THR CB   C N R 308 
THR OG1  O N N 309 
THR CG2  C N N 310 
THR OXT  O N N 311 
THR H    H N N 312 
THR H2   H N N 313 
THR HA   H N N 314 
THR HB   H N N 315 
THR HG1  H N N 316 
THR HG21 H N N 317 
THR HG22 H N N 318 
THR HG23 H N N 319 
THR HXT  H N N 320 
TYR N    N N N 321 
TYR CA   C N S 322 
TYR C    C N N 323 
TYR O    O N N 324 
TYR CB   C N N 325 
TYR CG   C Y N 326 
TYR CD1  C Y N 327 
TYR CD2  C Y N 328 
TYR CE1  C Y N 329 
TYR CE2  C Y N 330 
TYR CZ   C Y N 331 
TYR OH   O N N 332 
TYR OXT  O N N 333 
TYR H    H N N 334 
TYR H2   H N N 335 
TYR HA   H N N 336 
TYR HB2  H N N 337 
TYR HB3  H N N 338 
TYR HD1  H N N 339 
TYR HD2  H N N 340 
TYR HE1  H N N 341 
TYR HE2  H N N 342 
TYR HH   H N N 343 
TYR HXT  H N N 344 
VAL N    N N N 345 
VAL CA   C N S 346 
VAL C    C N N 347 
VAL O    O N N 348 
VAL CB   C N N 349 
VAL CG1  C N N 350 
VAL CG2  C N N 351 
VAL OXT  O N N 352 
VAL H    H N N 353 
VAL H2   H N N 354 
VAL HA   H N N 355 
VAL HB   H N N 356 
VAL HG11 H N N 357 
VAL HG12 H N N 358 
VAL HG13 H N N 359 
VAL HG21 H N N 360 
VAL HG22 H N N 361 
VAL HG23 H N N 362 
VAL HXT  H N N 363 
# 
loop_
_chem_comp_bond.comp_id 
_chem_comp_bond.atom_id_1 
_chem_comp_bond.atom_id_2 
_chem_comp_bond.value_order 
_chem_comp_bond.pdbx_aromatic_flag 
_chem_comp_bond.pdbx_stereo_config 
_chem_comp_bond.pdbx_ordinal 
ALA N   CA   sing N N 1   
ALA N   H    sing N N 2   
ALA N   H2   sing N N 3   
ALA CA  C    sing N N 4   
ALA CA  CB   sing N N 5   
ALA CA  HA   sing N N 6   
ALA C   O    doub N N 7   
ALA C   OXT  sing N N 8   
ALA CB  HB1  sing N N 9   
ALA CB  HB2  sing N N 10  
ALA CB  HB3  sing N N 11  
ALA OXT HXT  sing N N 12  
ARG N   CA   sing N N 13  
ARG N   H    sing N N 14  
ARG N   H2   sing N N 15  
ARG CA  C    sing N N 16  
ARG CA  CB   sing N N 17  
ARG CA  HA   sing N N 18  
ARG C   O    doub N N 19  
ARG C   OXT  sing N N 20  
ARG CB  CG   sing N N 21  
ARG CB  HB2  sing N N 22  
ARG CB  HB3  sing N N 23  
ARG CG  CD   sing N N 24  
ARG CG  HG2  sing N N 25  
ARG CG  HG3  sing N N 26  
ARG CD  NE   sing N N 27  
ARG CD  HD2  sing N N 28  
ARG CD  HD3  sing N N 29  
ARG NE  CZ   sing N N 30  
ARG NE  HE   sing N N 31  
ARG CZ  NH1  sing N N 32  
ARG CZ  NH2  doub N N 33  
ARG NH1 HH11 sing N N 34  
ARG NH1 HH12 sing N N 35  
ARG NH2 HH21 sing N N 36  
ARG NH2 HH22 sing N N 37  
ARG OXT HXT  sing N N 38  
ASN N   CA   sing N N 39  
ASN N   H    sing N N 40  
ASN N   H2   sing N N 41  
ASN CA  C    sing N N 42  
ASN CA  CB   sing N N 43  
ASN CA  HA   sing N N 44  
ASN C   O    doub N N 45  
ASN C   OXT  sing N N 46  
ASN CB  CG   sing N N 47  
ASN CB  HB2  sing N N 48  
ASN CB  HB3  sing N N 49  
ASN CG  OD1  doub N N 50  
ASN CG  ND2  sing N N 51  
ASN ND2 HD21 sing N N 52  
ASN ND2 HD22 sing N N 53  
ASN OXT HXT  sing N N 54  
ASP N   CA   sing N N 55  
ASP N   H    sing N N 56  
ASP N   H2   sing N N 57  
ASP CA  C    sing N N 58  
ASP CA  CB   sing N N 59  
ASP CA  HA   sing N N 60  
ASP C   O    doub N N 61  
ASP C   OXT  sing N N 62  
ASP CB  CG   sing N N 63  
ASP CB  HB2  sing N N 64  
ASP CB  HB3  sing N N 65  
ASP CG  OD1  doub N N 66  
ASP CG  OD2  sing N N 67  
ASP OD2 HD2  sing N N 68  
ASP OXT HXT  sing N N 69  
CYS N   CA   sing N N 70  
CYS N   H    sing N N 71  
CYS N   H2   sing N N 72  
CYS CA  C    sing N N 73  
CYS CA  CB   sing N N 74  
CYS CA  HA   sing N N 75  
CYS C   O    doub N N 76  
CYS C   OXT  sing N N 77  
CYS CB  SG   sing N N 78  
CYS CB  HB2  sing N N 79  
CYS CB  HB3  sing N N 80  
CYS SG  HG   sing N N 81  
CYS OXT HXT  sing N N 82  
GLN N   CA   sing N N 83  
GLN N   H    sing N N 84  
GLN N   H2   sing N N 85  
GLN CA  C    sing N N 86  
GLN CA  CB   sing N N 87  
GLN CA  HA   sing N N 88  
GLN C   O    doub N N 89  
GLN C   OXT  sing N N 90  
GLN CB  CG   sing N N 91  
GLN CB  HB2  sing N N 92  
GLN CB  HB3  sing N N 93  
GLN CG  CD   sing N N 94  
GLN CG  HG2  sing N N 95  
GLN CG  HG3  sing N N 96  
GLN CD  OE1  doub N N 97  
GLN CD  NE2  sing N N 98  
GLN NE2 HE21 sing N N 99  
GLN NE2 HE22 sing N N 100 
GLN OXT HXT  sing N N 101 
GLU N   CA   sing N N 102 
GLU N   H    sing N N 103 
GLU N   H2   sing N N 104 
GLU CA  C    sing N N 105 
GLU CA  CB   sing N N 106 
GLU CA  HA   sing N N 107 
GLU C   O    doub N N 108 
GLU C   OXT  sing N N 109 
GLU CB  CG   sing N N 110 
GLU CB  HB2  sing N N 111 
GLU CB  HB3  sing N N 112 
GLU CG  CD   sing N N 113 
GLU CG  HG2  sing N N 114 
GLU CG  HG3  sing N N 115 
GLU CD  OE1  doub N N 116 
GLU CD  OE2  sing N N 117 
GLU OE2 HE2  sing N N 118 
GLU OXT HXT  sing N N 119 
GLY N   CA   sing N N 120 
GLY N   H    sing N N 121 
GLY N   H2   sing N N 122 
GLY CA  C    sing N N 123 
GLY CA  HA2  sing N N 124 
GLY CA  HA3  sing N N 125 
GLY C   O    doub N N 126 
GLY C   OXT  sing N N 127 
GLY OXT HXT  sing N N 128 
HIS N   CA   sing N N 129 
HIS N   H    sing N N 130 
HIS N   H2   sing N N 131 
HIS CA  C    sing N N 132 
HIS CA  CB   sing N N 133 
HIS CA  HA   sing N N 134 
HIS C   O    doub N N 135 
HIS C   OXT  sing N N 136 
HIS CB  CG   sing N N 137 
HIS CB  HB2  sing N N 138 
HIS CB  HB3  sing N N 139 
HIS CG  ND1  sing Y N 140 
HIS CG  CD2  doub Y N 141 
HIS ND1 CE1  doub Y N 142 
HIS ND1 HD1  sing N N 143 
HIS CD2 NE2  sing Y N 144 
HIS CD2 HD2  sing N N 145 
HIS CE1 NE2  sing Y N 146 
HIS CE1 HE1  sing N N 147 
HIS NE2 HE2  sing N N 148 
HIS OXT HXT  sing N N 149 
HOH O   H1   sing N N 150 
HOH O   H2   sing N N 151 
ILE N   CA   sing N N 152 
ILE N   H    sing N N 153 
ILE N   H2   sing N N 154 
ILE CA  C    sing N N 155 
ILE CA  CB   sing N N 156 
ILE CA  HA   sing N N 157 
ILE C   O    doub N N 158 
ILE C   OXT  sing N N 159 
ILE CB  CG1  sing N N 160 
ILE CB  CG2  sing N N 161 
ILE CB  HB   sing N N 162 
ILE CG1 CD1  sing N N 163 
ILE CG1 HG12 sing N N 164 
ILE CG1 HG13 sing N N 165 
ILE CG2 HG21 sing N N 166 
ILE CG2 HG22 sing N N 167 
ILE CG2 HG23 sing N N 168 
ILE CD1 HD11 sing N N 169 
ILE CD1 HD12 sing N N 170 
ILE CD1 HD13 sing N N 171 
ILE OXT HXT  sing N N 172 
LEU N   CA   sing N N 173 
LEU N   H    sing N N 174 
LEU N   H2   sing N N 175 
LEU CA  C    sing N N 176 
LEU CA  CB   sing N N 177 
LEU CA  HA   sing N N 178 
LEU C   O    doub N N 179 
LEU C   OXT  sing N N 180 
LEU CB  CG   sing N N 181 
LEU CB  HB2  sing N N 182 
LEU CB  HB3  sing N N 183 
LEU CG  CD1  sing N N 184 
LEU CG  CD2  sing N N 185 
LEU CG  HG   sing N N 186 
LEU CD1 HD11 sing N N 187 
LEU CD1 HD12 sing N N 188 
LEU CD1 HD13 sing N N 189 
LEU CD2 HD21 sing N N 190 
LEU CD2 HD22 sing N N 191 
LEU CD2 HD23 sing N N 192 
LEU OXT HXT  sing N N 193 
LYS N   CA   sing N N 194 
LYS N   H    sing N N 195 
LYS N   H2   sing N N 196 
LYS CA  C    sing N N 197 
LYS CA  CB   sing N N 198 
LYS CA  HA   sing N N 199 
LYS C   O    doub N N 200 
LYS C   OXT  sing N N 201 
LYS CB  CG   sing N N 202 
LYS CB  HB2  sing N N 203 
LYS CB  HB3  sing N N 204 
LYS CG  CD   sing N N 205 
LYS CG  HG2  sing N N 206 
LYS CG  HG3  sing N N 207 
LYS CD  CE   sing N N 208 
LYS CD  HD2  sing N N 209 
LYS CD  HD3  sing N N 210 
LYS CE  NZ   sing N N 211 
LYS CE  HE2  sing N N 212 
LYS CE  HE3  sing N N 213 
LYS NZ  HZ1  sing N N 214 
LYS NZ  HZ2  sing N N 215 
LYS NZ  HZ3  sing N N 216 
LYS OXT HXT  sing N N 217 
MET N   CA   sing N N 218 
MET N   H    sing N N 219 
MET N   H2   sing N N 220 
MET CA  C    sing N N 221 
MET CA  CB   sing N N 222 
MET CA  HA   sing N N 223 
MET C   O    doub N N 224 
MET C   OXT  sing N N 225 
MET CB  CG   sing N N 226 
MET CB  HB2  sing N N 227 
MET CB  HB3  sing N N 228 
MET CG  SD   sing N N 229 
MET CG  HG2  sing N N 230 
MET CG  HG3  sing N N 231 
MET SD  CE   sing N N 232 
MET CE  HE1  sing N N 233 
MET CE  HE2  sing N N 234 
MET CE  HE3  sing N N 235 
MET OXT HXT  sing N N 236 
PHE N   CA   sing N N 237 
PHE N   H    sing N N 238 
PHE N   H2   sing N N 239 
PHE CA  C    sing N N 240 
PHE CA  CB   sing N N 241 
PHE CA  HA   sing N N 242 
PHE C   O    doub N N 243 
PHE C   OXT  sing N N 244 
PHE CB  CG   sing N N 245 
PHE CB  HB2  sing N N 246 
PHE CB  HB3  sing N N 247 
PHE CG  CD1  doub Y N 248 
PHE CG  CD2  sing Y N 249 
PHE CD1 CE1  sing Y N 250 
PHE CD1 HD1  sing N N 251 
PHE CD2 CE2  doub Y N 252 
PHE CD2 HD2  sing N N 253 
PHE CE1 CZ   doub Y N 254 
PHE CE1 HE1  sing N N 255 
PHE CE2 CZ   sing Y N 256 
PHE CE2 HE2  sing N N 257 
PHE CZ  HZ   sing N N 258 
PHE OXT HXT  sing N N 259 
PRO N   CA   sing N N 260 
PRO N   CD   sing N N 261 
PRO N   H    sing N N 262 
PRO CA  C    sing N N 263 
PRO CA  CB   sing N N 264 
PRO CA  HA   sing N N 265 
PRO C   O    doub N N 266 
PRO C   OXT  sing N N 267 
PRO CB  CG   sing N N 268 
PRO CB  HB2  sing N N 269 
PRO CB  HB3  sing N N 270 
PRO CG  CD   sing N N 271 
PRO CG  HG2  sing N N 272 
PRO CG  HG3  sing N N 273 
PRO CD  HD2  sing N N 274 
PRO CD  HD3  sing N N 275 
PRO OXT HXT  sing N N 276 
SER N   CA   sing N N 277 
SER N   H    sing N N 278 
SER N   H2   sing N N 279 
SER CA  C    sing N N 280 
SER CA  CB   sing N N 281 
SER CA  HA   sing N N 282 
SER C   O    doub N N 283 
SER C   OXT  sing N N 284 
SER CB  OG   sing N N 285 
SER CB  HB2  sing N N 286 
SER CB  HB3  sing N N 287 
SER OG  HG   sing N N 288 
SER OXT HXT  sing N N 289 
THR N   CA   sing N N 290 
THR N   H    sing N N 291 
THR N   H2   sing N N 292 
THR CA  C    sing N N 293 
THR CA  CB   sing N N 294 
THR CA  HA   sing N N 295 
THR C   O    doub N N 296 
THR C   OXT  sing N N 297 
THR CB  OG1  sing N N 298 
THR CB  CG2  sing N N 299 
THR CB  HB   sing N N 300 
THR OG1 HG1  sing N N 301 
THR CG2 HG21 sing N N 302 
THR CG2 HG22 sing N N 303 
THR CG2 HG23 sing N N 304 
THR OXT HXT  sing N N 305 
TYR N   CA   sing N N 306 
TYR N   H    sing N N 307 
TYR N   H2   sing N N 308 
TYR CA  C    sing N N 309 
TYR CA  CB   sing N N 310 
TYR CA  HA   sing N N 311 
TYR C   O    doub N N 312 
TYR C   OXT  sing N N 313 
TYR CB  CG   sing N N 314 
TYR CB  HB2  sing N N 315 
TYR CB  HB3  sing N N 316 
TYR CG  CD1  doub Y N 317 
TYR CG  CD2  sing Y N 318 
TYR CD1 CE1  sing Y N 319 
TYR CD1 HD1  sing N N 320 
TYR CD2 CE2  doub Y N 321 
TYR CD2 HD2  sing N N 322 
TYR CE1 CZ   doub Y N 323 
TYR CE1 HE1  sing N N 324 
TYR CE2 CZ   sing Y N 325 
TYR CE2 HE2  sing N N 326 
TYR CZ  OH   sing N N 327 
TYR OH  HH   sing N N 328 
TYR OXT HXT  sing N N 329 
VAL N   CA   sing N N 330 
VAL N   H    sing N N 331 
VAL N   H2   sing N N 332 
VAL CA  C    sing N N 333 
VAL CA  CB   sing N N 334 
VAL CA  HA   sing N N 335 
VAL C   O    doub N N 336 
VAL C   OXT  sing N N 337 
VAL CB  CG1  sing N N 338 
VAL CB  CG2  sing N N 339 
VAL CB  HB   sing N N 340 
VAL CG1 HG11 sing N N 341 
VAL CG1 HG12 sing N N 342 
VAL CG1 HG13 sing N N 343 
VAL CG2 HG21 sing N N 344 
VAL CG2 HG22 sing N N 345 
VAL CG2 HG23 sing N N 346 
VAL OXT HXT  sing N N 347 
# 
_pdbx_audit_support.funding_organization   'Not funded' 
_pdbx_audit_support.country                ? 
_pdbx_audit_support.grant_number           ? 
_pdbx_audit_support.ordinal                1 
# 
_pdbx_initial_refinement_model.id               1 
_pdbx_initial_refinement_model.entity_id_list   ? 
_pdbx_initial_refinement_model.type             'in silico model' 
_pdbx_initial_refinement_model.source_name      AlphaFold 
_pdbx_initial_refinement_model.accession_code   ? 
_pdbx_initial_refinement_model.details          ? 
# 
_atom_sites.entry_id                    8RXA 
_atom_sites.Cartn_transf_matrix[1][1]   ? 
_atom_sites.Cartn_transf_matrix[1][2]   ? 
_atom_sites.Cartn_transf_matrix[1][3]   ? 
_atom_sites.Cartn_transf_matrix[2][1]   ? 
_atom_sites.Cartn_transf_matrix[2][2]   ? 
_atom_sites.Cartn_transf_matrix[2][3]   ? 
_atom_sites.Cartn_transf_matrix[3][1]   ? 
_atom_sites.Cartn_transf_matrix[3][2]   ? 
_atom_sites.Cartn_transf_matrix[3][3]   ? 
_atom_sites.Cartn_transf_vector[1]      ? 
_atom_sites.Cartn_transf_vector[2]      ? 
_atom_sites.Cartn_transf_vector[3]      ? 
_atom_sites.Cartn_transform_axes        ? 
_atom_sites.fract_transf_matrix[1][1]   0.01303446 
_atom_sites.fract_transf_matrix[1][2]   0.01031733 
_atom_sites.fract_transf_matrix[1][3]   -0.00340622 
_atom_sites.fract_transf_matrix[2][1]   -0.00555492 
_atom_sites.fract_transf_matrix[2][2]   0.00538731 
_atom_sites.fract_transf_matrix[2][3]   -0.00493884 
_atom_sites.fract_transf_matrix[3][1]   -0.00615434 
_atom_sites.fract_transf_matrix[3][2]   0.01572241 
_atom_sites.fract_transf_matrix[3][3]   0.02407210 
_atom_sites.fract_transf_vector[1]      0.102774 
_atom_sites.fract_transf_vector[2]      0.366358 
_atom_sites.fract_transf_vector[3]      -0.067817 
_atom_sites.solution_primary            ? 
_atom_sites.solution_secondary          ? 
_atom_sites.solution_hydrogens          ? 
_atom_sites.special_details             ? 
# 
loop_
_atom_type.symbol 
C 
N 
O 
S 
# 
loop_
_atom_site.group_PDB 
_atom_site.id 
_atom_site.type_symbol 
_atom_site.label_atom_id 
_atom_site.label_alt_id 
_atom_site.label_comp_id 
_atom_site.label_asym_id 
_atom_site.label_entity_id 
_atom_site.label_seq_id 
_atom_site.pdbx_PDB_ins_code 
_atom_site.Cartn_x 
_atom_site.Cartn_y 
_atom_site.Cartn_z 
_atom_site.occupancy 
_atom_site.B_iso_or_equiv 
_atom_site.pdbx_formal_charge 
_atom_site.auth_seq_id 
_atom_site.auth_comp_id 
_atom_site.auth_asym_id 
_atom_site.auth_atom_id 
_atom_site.pdbx_PDB_model_num 
ATOM   1    N N   . ASP A 1 2   ? -15.090 15.845  -5.308  1.00 46.28 ? 624 ASP A N   1 
ATOM   2    C CA  . ASP A 1 2   ? -14.780 14.534  -4.740  1.00 41.42 ? 624 ASP A CA  1 
ATOM   3    C C   . ASP A 1 2   ? -13.562 14.564  -3.824  1.00 38.50 ? 624 ASP A C   1 
ATOM   4    O O   . ASP A 1 2   ? -12.585 15.260  -4.091  1.00 50.37 ? 624 ASP A O   1 
ATOM   5    C CB  . ASP A 1 2   ? -14.579 13.516  -5.862  1.00 44.02 ? 624 ASP A CB  1 
ATOM   6    C CG  . ASP A 1 2   ? -15.894 13.111  -6.533  1.00 40.82 ? 624 ASP A CG  1 
ATOM   7    O OD1 . ASP A 1 2   ? -16.472 13.902  -7.332  1.00 44.26 ? 624 ASP A OD1 1 
ATOM   8    O OD2 . ASP A 1 2   ? -16.347 11.983  -6.259  1.00 54.51 ? 624 ASP A OD2 1 
ATOM   9    N N   . GLU A 1 3   ? -13.645 13.801  -2.736  1.00 34.45 ? 625 GLU A N   1 
ATOM   10   C CA  . GLU A 1 3   ? -12.569 13.675  -1.761  1.00 42.13 ? 625 GLU A CA  1 
ATOM   11   C C   . GLU A 1 3   ? -12.315 12.198  -1.495  1.00 34.66 ? 625 GLU A C   1 
ATOM   12   O O   . GLU A 1 3   ? -13.240 11.453  -1.147  1.00 30.46 ? 625 GLU A O   1 
ATOM   13   C CB  . GLU A 1 3   ? -12.915 14.405  -0.454  1.00 42.91 ? 625 GLU A CB  1 
ATOM   14   C CG  . GLU A 1 3   ? -11.782 14.422  0.562   1.00 49.02 ? 625 GLU A CG  1 
ATOM   15   C CD  . GLU A 1 3   ? -10.483 14.974  -0.013  1.00 55.50 ? 625 GLU A CD  1 
ATOM   16   O OE1 . GLU A 1 3   ? -10.502 16.094  -0.584  1.00 47.80 ? 625 GLU A OE1 1 
ATOM   17   O OE2 . GLU A 1 3   ? -9.452  14.273  0.088   1.00 46.15 ? 625 GLU A OE2 1 
ATOM   18   N N   . TYR A 1 4   ? -11.064 11.775  -1.656  1.00 30.35 ? 626 TYR A N   1 
ATOM   19   C CA  . TYR A 1 4   ? -10.705 10.368  -1.551  1.00 31.47 ? 626 TYR A CA  1 
ATOM   20   C C   . TYR A 1 4   ? -9.884  10.057  -0.314  1.00 34.10 ? 626 TYR A C   1 
ATOM   21   O O   . TYR A 1 4   ? -9.516  8.898   -0.110  1.00 31.12 ? 626 TYR A O   1 
ATOM   22   C CB  . TYR A 1 4   ? -9.929  9.933   -2.802  1.00 32.44 ? 626 TYR A CB  1 
ATOM   23   C CG  . TYR A 1 4   ? -10.617 10.305  -4.096  1.00 27.68 ? 626 TYR A CG  1 
ATOM   24   C CD1 . TYR A 1 4   ? -11.756 9.633   -4.506  1.00 29.35 ? 626 TYR A CD1 1 
ATOM   25   C CD2 . TYR A 1 4   ? -10.117 11.319  -4.905  1.00 31.15 ? 626 TYR A CD2 1 
ATOM   26   C CE1 . TYR A 1 4   ? -12.405 9.982   -5.704  1.00 31.57 ? 626 TYR A CE1 1 
ATOM   27   C CE2 . TYR A 1 4   ? -10.745 11.668  -6.099  1.00 34.83 ? 626 TYR A CE2 1 
ATOM   28   C CZ  . TYR A 1 4   ? -11.881 10.995  -6.488  1.00 36.76 ? 626 TYR A CZ  1 
ATOM   29   O OH  . TYR A 1 4   ? -12.504 11.346  -7.670  1.00 37.76 ? 626 TYR A OH  1 
ATOM   30   N N   . LYS A 1 5   ? -9.603  11.061  0.518   1.00 34.48 ? 627 LYS A N   1 
ATOM   31   C CA  . LYS A 1 5   ? -8.672  10.887  1.634   1.00 34.67 ? 627 LYS A CA  1 
ATOM   32   C C   . LYS A 1 5   ? -9.108  9.765   2.567   1.00 37.20 ? 627 LYS A C   1 
ATOM   33   O O   . LYS A 1 5   ? -8.328  8.851   2.869   1.00 32.11 ? 627 LYS A O   1 
ATOM   34   C CB  . LYS A 1 5   ? -8.549  12.207  2.395   1.00 37.99 ? 627 LYS A CB  1 
ATOM   35   C CG  . LYS A 1 5   ? -7.703  12.129  3.660   1.00 33.31 ? 627 LYS A CG  1 
ATOM   36   C CD  . LYS A 1 5   ? -7.459  13.516  4.228   1.00 36.80 ? 627 LYS A CD  1 
ATOM   37   C CE  . LYS A 1 5   ? -6.892  13.465  5.636   1.00 43.50 ? 627 LYS A CE  1 
ATOM   38   N NZ  . LYS A 1 5   ? -7.965  13.441  6.664   1.00 49.50 ? 627 LYS A NZ  1 
ATOM   39   N N   . THR A 1 6   ? -10.360 9.815   3.037   1.00 37.53 ? 628 THR A N   1 
ATOM   40   C CA  . THR A 1 6   ? -10.813 8.816   4.004   1.00 36.38 ? 628 THR A CA  1 
ATOM   41   C C   . THR A 1 6   ? -10.840 7.426   3.387   1.00 42.68 ? 628 THR A C   1 
ATOM   42   O O   . THR A 1 6   ? -10.435 6.447   4.028   1.00 35.19 ? 628 THR A O   1 
ATOM   43   C CB  . THR A 1 6   ? -12.192 9.193   4.549   1.00 44.03 ? 628 THR A CB  1 
ATOM   44   O OG1 . THR A 1 6   ? -12.144 10.528  5.068   1.00 40.07 ? 628 THR A OG1 1 
ATOM   45   C CG2 . THR A 1 6   ? -12.620 8.217   5.643   1.00 40.54 ? 628 THR A CG2 1 
ATOM   46   N N   . ASN A 1 7   ? -11.281 7.312   2.135   1.00 31.21 ? 629 ASN A N   1 
ATOM   47   C CA  . ASN A 1 7   ? -11.319 5.987   1.526   1.00 29.59 ? 629 ASN A CA  1 
ATOM   48   C C   . ASN A 1 7   ? -9.915  5.439   1.296   1.00 32.32 ? 629 ASN A C   1 
ATOM   49   O O   . ASN A 1 7   ? -9.687  4.239   1.466   1.00 30.40 ? 629 ASN A O   1 
ATOM   50   C CB  . ASN A 1 7   ? -12.115 6.017   0.236   1.00 35.83 ? 629 ASN A CB  1 
ATOM   51   C CG  . ASN A 1 7   ? -13.605 6.154   0.491   1.00 44.47 ? 629 ASN A CG  1 
ATOM   52   O OD1 . ASN A 1 7   ? -14.098 5.807   1.575   1.00 43.89 ? 629 ASN A OD1 1 
ATOM   53   N ND2 . ASN A 1 7   ? -14.327 6.618   -0.508  1.00 40.49 ? 629 ASN A ND2 1 
ATOM   54   N N   . PHE A 1 8   ? -8.952  6.303   0.964   1.00 32.83 ? 630 PHE A N   1 
ATOM   55   C CA  . PHE A 1 8   ? -7.570  5.837   0.826   1.00 32.48 ? 630 PHE A CA  1 
ATOM   56   C C   . PHE A 1 8   ? -7.016  5.329   2.155   1.00 32.07 ? 630 PHE A C   1 
ATOM   57   O O   . PHE A 1 8   ? -6.347  4.283   2.205   1.00 28.80 ? 630 PHE A O   1 
ATOM   58   C CB  . PHE A 1 8   ? -6.686  6.955   0.271   1.00 29.85 ? 630 PHE A CB  1 
ATOM   59   C CG  . PHE A 1 8   ? -5.288  6.501   -0.104  1.00 31.85 ? 630 PHE A CG  1 
ATOM   60   C CD1 . PHE A 1 8   ? -5.098  5.566   -1.110  1.00 28.37 ? 630 PHE A CD1 1 
ATOM   61   C CD2 . PHE A 1 8   ? -4.171  7.039   0.522   1.00 31.69 ? 630 PHE A CD2 1 
ATOM   62   C CE1 . PHE A 1 8   ? -3.838  5.170   -1.489  1.00 26.57 ? 630 PHE A CE1 1 
ATOM   63   C CE2 . PHE A 1 8   ? -2.893  6.628   0.165   1.00 35.41 ? 630 PHE A CE2 1 
ATOM   64   C CZ  . PHE A 1 8   ? -2.725  5.693   -0.847  1.00 28.54 ? 630 PHE A CZ  1 
ATOM   65   N N   . ILE A 1 9   ? -7.269  6.064   3.239   1.00 32.00 ? 631 ILE A N   1 
ATOM   66   C CA  . ILE A 1 9   ? -6.834  5.606   4.557   1.00 37.81 ? 631 ILE A CA  1 
ATOM   67   C C   . ILE A 1 9   ? -7.475  4.264   4.907   1.00 36.75 ? 631 ILE A C   1 
ATOM   68   O O   . ILE A 1 9   ? -6.791  3.326   5.362   1.00 33.60 ? 631 ILE A O   1 
ATOM   69   C CB  . ILE A 1 9   ? -7.133  6.686   5.616   1.00 34.64 ? 631 ILE A CB  1 
ATOM   70   C CG1 . ILE A 1 9   ? -6.185  7.874   5.421   1.00 35.33 ? 631 ILE A CG1 1 
ATOM   71   C CG2 . ILE A 1 9   ? -6.950  6.099   7.025   1.00 41.04 ? 631 ILE A CG2 1 
ATOM   72   C CD1 . ILE A 1 9   ? -6.572  9.130   6.200   1.00 45.86 ? 631 ILE A CD1 1 
ATOM   73   N N   . ASP A 1 10  ? -8.794  4.146   4.695   1.00 33.25 ? 632 ASP A N   1 
ATOM   74   C CA  . ASP A 1 10  ? -9.479  2.876   4.935   1.00 34.75 ? 632 ASP A CA  1 
ATOM   75   C C   . ASP A 1 10  ? -8.840  1.752   4.131   1.00 32.57 ? 632 ASP A C   1 
ATOM   76   O O   . ASP A 1 10  ? -8.652  0.636   4.637   1.00 34.42 ? 632 ASP A O   1 
ATOM   77   C CB  . ASP A 1 10  ? -10.964 2.994   4.569   1.00 37.15 ? 632 ASP A CB  1 
ATOM   78   C CG  . ASP A 1 10  ? -11.774 3.789   5.587   1.00 49.37 ? 632 ASP A CG  1 
ATOM   79   O OD1 . ASP A 1 10  ? -11.378 3.853   6.769   1.00 41.80 ? 632 ASP A OD1 1 
ATOM   80   O OD2 . ASP A 1 10  ? -12.837 4.331   5.195   1.00 41.39 ? 632 ASP A OD2 1 
ATOM   81   N N   . LEU A 1 11  ? -8.478  2.037   2.880   1.00 34.67 ? 633 LEU A N   1 
ATOM   82   C CA  . LEU A 1 11  ? -7.913  1.004   2.020   1.00 32.16 ? 633 LEU A CA  1 
ATOM   83   C C   . LEU A 1 11  ? -6.549  0.553   2.508   1.00 28.93 ? 633 LEU A C   1 
ATOM   84   O O   . LEU A 1 11  ? -6.259  -0.647  2.498   1.00 33.33 ? 633 LEU A O   1 
ATOM   85   C CB  . LEU A 1 11  ? -7.809  1.502   0.585   1.00 38.38 ? 633 LEU A CB  1 
ATOM   86   C CG  . LEU A 1 11  ? -9.147  1.367   -0.141  1.00 58.61 ? 633 LEU A CG  1 
ATOM   87   C CD1 . LEU A 1 11  ? -9.224  2.341   -1.275  1.00 56.09 ? 633 LEU A CD1 1 
ATOM   88   C CD2 . LEU A 1 11  ? -9.335  -0.068  -0.649  1.00 59.29 ? 633 LEU A CD2 1 
ATOM   89   N N   . THR A 1 12  ? -5.683  1.493   2.896   1.00 29.49 ? 634 THR A N   1 
ATOM   90   C CA  . THR A 1 12  ? -4.370  1.074   3.381   1.00 30.28 ? 634 THR A CA  1 
ATOM   91   C C   . THR A 1 12  ? -4.503  0.269   4.665   1.00 33.81 ? 634 THR A C   1 
ATOM   92   O O   . THR A 1 12  ? -3.774  -0.712  4.863   1.00 32.77 ? 634 THR A O   1 
ATOM   93   C CB  . THR A 1 12  ? -3.425  2.268   3.576   1.00 31.93 ? 634 THR A CB  1 
ATOM   94   O OG1 . THR A 1 12  ? -3.973  3.200   4.521   1.00 34.44 ? 634 THR A OG1 1 
ATOM   95   C CG2 . THR A 1 12  ? -3.161  2.969   2.254   1.00 32.21 ? 634 THR A CG2 1 
ATOM   96   N N   . ARG A 1 13  ? -5.463  0.630   5.525   1.00 30.90 ? 635 ARG A N   1 
ATOM   97   C CA  . ARG A 1 13  ? -5.656  -0.168  6.738   1.00 31.90 ? 635 ARG A CA  1 
ATOM   98   C C   . ARG A 1 13  ? -6.128  -1.578  6.397   1.00 36.80 ? 635 ARG A C   1 
ATOM   99   O O   . ARG A 1 13  ? -5.649  -2.566  6.976   1.00 32.14 ? 635 ARG A O   1 
ATOM   100  C CB  . ARG A 1 13  ? -6.657  0.509   7.677   1.00 34.23 ? 635 ARG A CB  1 
ATOM   101  C CG  . ARG A 1 13  ? -6.806  -0.194  9.010   1.00 35.01 ? 635 ARG A CG  1 
ATOM   102  C CD  . ARG A 1 13  ? -8.202  -0.063  9.579   1.00 43.85 ? 635 ARG A CD  1 
ATOM   103  N NE  . ARG A 1 13  ? -9.206  -0.706  8.736   1.00 46.63 ? 635 ARG A NE  1 
ATOM   104  C CZ  . ARG A 1 13  ? -9.509  -1.999  8.774   1.00 49.72 ? 635 ARG A CZ  1 
ATOM   105  N NH1 . ARG A 1 13  ? -8.882  -2.834  9.587   1.00 48.59 ? 635 ARG A NH1 1 
ATOM   106  N NH2 . ARG A 1 13  ? -10.461 -2.466  7.970   1.00 55.35 ? 635 ARG A NH2 1 
ATOM   107  N N   . GLU A 1 14  ? -7.056  -1.686  5.445   1.00 32.90 ? 636 GLU A N   1 
ATOM   108  C CA  . GLU A 1 14  ? -7.568  -2.989  5.037   1.00 35.65 ? 636 GLU A CA  1 
ATOM   109  C C   . GLU A 1 14  ? -6.472  -3.843  4.411   1.00 32.44 ? 636 GLU A C   1 
ATOM   110  O O   . GLU A 1 14  ? -6.378  -5.050  4.679   1.00 32.36 ? 636 GLU A O   1 
ATOM   111  C CB  . GLU A 1 14  ? -8.731  -2.785  4.059   1.00 35.29 ? 636 GLU A CB  1 
ATOM   112  C CG  . GLU A 1 14  ? -9.695  -3.935  3.964   1.00 49.44 ? 636 GLU A CG  1 
ATOM   113  C CD  . GLU A 1 14  ? -11.021 -3.518  3.349   1.00 63.62 ? 636 GLU A CD  1 
ATOM   114  O OE1 . GLU A 1 14  ? -11.435 -2.353  3.545   1.00 57.21 ? 636 GLU A OE1 1 
ATOM   115  O OE2 . GLU A 1 14  ? -11.643 -4.360  2.671   1.00 66.81 ? 636 GLU A OE2 1 
ATOM   116  N N   . ALA A 1 15  ? -5.613  -3.232  3.593   1.00 31.30 ? 637 ALA A N   1 
ATOM   117  C CA  . ALA A 1 15  ? -4.513  -3.978  2.988   1.00 30.96 ? 637 ALA A CA  1 
ATOM   118  C C   . ALA A 1 15  ? -3.543  -4.497  4.043   1.00 32.82 ? 637 ALA A C   1 
ATOM   119  O O   . ALA A 1 15  ? -3.116  -5.662  3.985   1.00 33.23 ? 637 ALA A O   1 
ATOM   120  C CB  . ALA A 1 15  ? -3.783  -3.106  1.966   1.00 34.46 ? 637 ALA A CB  1 
ATOM   121  N N   . LEU A 1 16  ? -3.173  -3.644  5.004   1.00 30.29 ? 638 LEU A N   1 
ATOM   122  C CA  . LEU A 1 16  ? -2.316  -4.108  6.094   1.00 30.61 ? 638 LEU A CA  1 
ATOM   123  C C   . LEU A 1 16  ? -2.968  -5.254  6.862   1.00 32.49 ? 638 LEU A C   1 
ATOM   124  O O   . LEU A 1 16  ? -2.305  -6.257  7.188   1.00 32.70 ? 638 LEU A O   1 
ATOM   125  C CB  . LEU A 1 16  ? -1.993  -2.956  7.042   1.00 30.63 ? 638 LEU A CB  1 
ATOM   126  C CG  . LEU A 1 16  ? -1.218  -3.332  8.302   1.00 37.99 ? 638 LEU A CG  1 
ATOM   127  C CD1 . LEU A 1 16  ? 0.087   -4.028  7.934   1.00 33.83 ? 638 LEU A CD1 1 
ATOM   128  C CD2 . LEU A 1 16  ? -0.962  -2.080  9.125   1.00 33.43 ? 638 LEU A CD2 1 
ATOM   129  N N   . SER A 1 17  ? -4.257  -5.115  7.179   1.00 29.71 ? 639 SER A N   1 
ATOM   130  C CA  . SER A 1 17  ? -4.942  -6.150  7.944   1.00 31.32 ? 639 SER A CA  1 
ATOM   131  C C   . SER A 1 17  ? -4.956  -7.469  7.184   1.00 37.05 ? 639 SER A C   1 
ATOM   132  O O   . SER A 1 17  ? -4.741  -8.534  7.778   1.00 34.23 ? 639 SER A O   1 
ATOM   133  C CB  . SER A 1 17  ? -6.358  -5.699  8.297   1.00 35.04 ? 639 SER A CB  1 
ATOM   134  O OG  . SER A 1 17  ? -7.033  -6.688  9.056   1.00 49.46 ? 639 SER A OG  1 
ATOM   135  N N   . LEU A 1 18  ? -5.167  -7.417  5.866   1.00 30.87 ? 640 LEU A N   1 
ATOM   136  C CA  . LEU A 1 18  ? -5.152  -8.634  5.060   1.00 28.02 ? 640 LEU A CA  1 
ATOM   137  C C   . LEU A 1 18  ? -3.773  -9.281  5.057   1.00 32.51 ? 640 LEU A C   1 
ATOM   138  O O   . LEU A 1 18  ? -3.655  -10.512 5.170   1.00 35.65 ? 640 LEU A O   1 
ATOM   139  C CB  . LEU A 1 18  ? -5.610  -8.312  3.632   1.00 34.15 ? 640 LEU A CB  1 
ATOM   140  C CG  . LEU A 1 18  ? -6.212  -9.480  2.850   1.00 43.99 ? 640 LEU A CG  1 
ATOM   141  C CD1 . LEU A 1 18  ? -7.266  -10.183 3.702   1.00 49.70 ? 640 LEU A CD1 1 
ATOM   142  C CD2 . LEU A 1 18  ? -6.823  -8.985  1.537   1.00 34.10 ? 640 LEU A CD2 1 
ATOM   143  N N   . ILE A 1 19  ? -2.713  -8.479  4.961   1.00 27.79 ? 641 ILE A N   1 
ATOM   144  C CA  . ILE A 1 19  ? -1.368  -9.053  5.054   1.00 25.39 ? 641 ILE A CA  1 
ATOM   145  C C   . ILE A 1 19  ? -1.192  -9.771  6.389   1.00 29.23 ? 641 ILE A C   1 
ATOM   146  O O   . ILE A 1 19  ? -0.702  -10.912 6.452   1.00 30.27 ? 641 ILE A O   1 
ATOM   147  C CB  . ILE A 1 19  ? -0.298  -7.966  4.854   1.00 26.52 ? 641 ILE A CB  1 
ATOM   148  C CG1 . ILE A 1 19  ? -0.294  -7.490  3.404   1.00 32.30 ? 641 ILE A CG1 1 
ATOM   149  C CG2 . ILE A 1 19  ? 1.080   -8.521  5.237   1.00 28.18 ? 641 ILE A CG2 1 
ATOM   150  C CD1 . ILE A 1 19  ? 0.352   -6.124  3.201   1.00 34.71 ? 641 ILE A CD1 1 
ATOM   151  N N   . LEU A 1 20  ? -1.594  -9.115  7.475   1.00 29.51 ? 642 LEU A N   1 
ATOM   152  C CA  . LEU A 1 20  ? -1.427  -9.726  8.793   1.00 28.37 ? 642 LEU A CA  1 
ATOM   153  C C   . LEU A 1 20  ? -2.277  -10.993 8.941   1.00 36.40 ? 642 LEU A C   1 
ATOM   154  O O   . LEU A 1 20  ? -1.824  -11.984 9.528   1.00 34.31 ? 642 LEU A O   1 
ATOM   155  C CB  . LEU A 1 20  ? -1.752  -8.704  9.887   1.00 30.99 ? 642 LEU A CB  1 
ATOM   156  C CG  . LEU A 1 20  ? -0.865  -7.449  9.899   1.00 30.47 ? 642 LEU A CG  1 
ATOM   157  C CD1 . LEU A 1 20  ? -1.354  -6.429  10.914  1.00 33.01 ? 642 LEU A CD1 1 
ATOM   158  C CD2 . LEU A 1 20  ? 0.586   -7.836  10.207  1.00 29.42 ? 642 LEU A CD2 1 
ATOM   159  N N   . GLN A 1 21  ? -3.506  -10.987 8.416   1.00 35.27 ? 643 GLN A N   1 
ATOM   160  C CA  . GLN A 1 21  ? -4.339  -12.191 8.441   1.00 34.09 ? 643 GLN A CA  1 
ATOM   161  C C   . GLN A 1 21  ? -3.706  -13.315 7.629   1.00 37.56 ? 643 GLN A C   1 
ATOM   162  O O   . GLN A 1 21  ? -3.716  -14.482 8.051   1.00 35.28 ? 643 GLN A O   1 
ATOM   163  C CB  . GLN A 1 21  ? -5.743  -11.880 7.912   1.00 34.79 ? 643 GLN A CB  1 
ATOM   164  C CG  . GLN A 1 21  ? -6.556  -11.028 8.858   1.00 41.37 ? 643 GLN A CG  1 
ATOM   165  C CD  . GLN A 1 21  ? -7.803  -10.474 8.213   1.00 53.80 ? 643 GLN A CD  1 
ATOM   166  O OE1 . GLN A 1 21  ? -8.110  -9.290  8.348   1.00 61.13 ? 643 GLN A OE1 1 
ATOM   167  N NE2 . GLN A 1 21  ? -8.531  -11.327 7.503   1.00 51.49 ? 643 GLN A NE2 1 
ATOM   168  N N   . ASP A 1 22  ? -3.125  -12.985 6.476   1.00 30.54 ? 644 ASP A N   1 
ATOM   169  C CA  . ASP A 1 22  ? -2.404  -13.983 5.696   1.00 31.91 ? 644 ASP A CA  1 
ATOM   170  C C   . ASP A 1 22  ? -1.265  -14.597 6.499   1.00 30.59 ? 644 ASP A C   1 
ATOM   171  O O   . ASP A 1 22  ? -1.083  -15.819 6.493   1.00 35.96 ? 644 ASP A O   1 
ATOM   172  C CB  . ASP A 1 22  ? -1.859  -13.362 4.420   1.00 36.40 ? 644 ASP A CB  1 
ATOM   173  C CG  . ASP A 1 22  ? -1.150  -14.365 3.557   1.00 31.65 ? 644 ASP A CG  1 
ATOM   174  O OD1 . ASP A 1 22  ? -1.841  -15.233 2.981   1.00 38.39 ? 644 ASP A OD1 1 
ATOM   175  O OD2 . ASP A 1 22  ? 0.088   -14.289 3.456   1.00 31.85 ? 644 ASP A OD2 1 
ATOM   176  N N   . LEU A 1 23  ? -0.478  -13.766 7.184   1.00 27.74 ? 645 LEU A N   1 
ATOM   177  C CA  . LEU A 1 23  ? 0.599   -14.306 8.017   1.00 29.53 ? 645 LEU A CA  1 
ATOM   178  C C   . LEU A 1 23  ? 0.054   -15.203 9.128   1.00 36.74 ? 645 LEU A C   1 
ATOM   179  O O   . LEU A 1 23  ? 0.579   -16.296 9.374   1.00 36.88 ? 645 LEU A O   1 
ATOM   180  C CB  . LEU A 1 23  ? 1.434   -13.164 8.597   1.00 38.96 ? 645 LEU A CB  1 
ATOM   181  C CG  . LEU A 1 23  ? 2.414   -12.521 7.615   1.00 33.09 ? 645 LEU A CG  1 
ATOM   182  C CD1 . LEU A 1 23  ? 2.853   -11.165 8.119   1.00 38.09 ? 645 LEU A CD1 1 
ATOM   183  C CD2 . LEU A 1 23  ? 3.634   -13.431 7.397   1.00 30.26 ? 645 LEU A CD2 1 
ATOM   184  N N   . LYS A 1 24  ? -1.012  -14.769 9.802   1.00 35.52 ? 646 LYS A N   1 
ATOM   185  C CA  . LYS A 1 24  ? -1.481  -15.516 10.969  1.00 35.54 ? 646 LYS A CA  1 
ATOM   186  C C   . LYS A 1 24  ? -2.131  -16.841 10.576  1.00 39.25 ? 646 LYS A C   1 
ATOM   187  O O   . LYS A 1 24  ? -1.928  -17.860 11.246  1.00 37.43 ? 646 LYS A O   1 
ATOM   188  C CB  . LYS A 1 24  ? -2.459  -14.660 11.772  1.00 43.86 ? 646 LYS A CB  1 
ATOM   189  C CG  . LYS A 1 24  ? -3.088  -15.393 12.940  1.00 51.57 ? 646 LYS A CG  1 
ATOM   190  C CD  . LYS A 1 24  ? -4.287  -14.651 13.479  1.00 47.10 ? 646 LYS A CD  1 
ATOM   191  C CE  . LYS A 1 24  ? -5.411  -15.625 13.783  1.00 54.20 ? 646 LYS A CE  1 
ATOM   192  N NZ  . LYS A 1 24  ? -6.698  -14.933 14.054  1.00 57.43 ? 646 LYS A NZ  1 
ATOM   193  N N   . ASN A 1 25  ? -2.903  -16.857 9.488   1.00 35.21 ? 647 ASN A N   1 
ATOM   194  C CA  . ASN A 1 25  ? -3.721  -18.006 9.115   1.00 32.37 ? 647 ASN A CA  1 
ATOM   195  C C   . ASN A 1 25  ? -3.069  -18.915 8.080   1.00 38.22 ? 647 ASN A C   1 
ATOM   196  O O   . ASN A 1 25  ? -3.324  -20.129 8.082   1.00 36.28 ? 647 ASN A O   1 
ATOM   197  C CB  . ASN A 1 25  ? -5.079  -17.522 8.576   1.00 36.64 ? 647 ASN A CB  1 
ATOM   198  C CG  . ASN A 1 25  ? -5.851  -16.696 9.598   1.00 41.72 ? 647 ASN A CG  1 
ATOM   199  O OD1 . ASN A 1 25  ? -5.770  -16.942 10.805  1.00 49.02 ? 647 ASN A OD1 1 
ATOM   200  N ND2 . ASN A 1 25  ? -6.609  -15.713 9.116   1.00 41.30 ? 647 ASN A ND2 1 
ATOM   201  N N   . ASN A 1 26  ? -2.215  -18.379 7.205   1.00 32.89 ? 648 ASN A N   1 
ATOM   202  C CA  . ASN A 1 26  ? -1.653  -19.165 6.118   1.00 36.25 ? 648 ASN A CA  1 
ATOM   203  C C   . ASN A 1 26  ? -0.152  -19.408 6.226   1.00 41.27 ? 648 ASN A C   1 
ATOM   204  O O   . ASN A 1 26  ? 0.348   -20.353 5.605   1.00 48.16 ? 648 ASN A O   1 
ATOM   205  C CB  . ASN A 1 26  ? -1.967  -18.495 4.773   1.00 37.52 ? 648 ASN A CB  1 
ATOM   206  C CG  . ASN A 1 26  ? -3.463  -18.449 4.498   1.00 45.65 ? 648 ASN A CG  1 
ATOM   207  O OD1 . ASN A 1 26  ? -4.208  -19.341 4.930   1.00 41.68 ? 648 ASN A OD1 1 
ATOM   208  N ND2 . ASN A 1 26  ? -3.918  -17.399 3.788   1.00 37.63 ? 648 ASN A ND2 1 
ATOM   209  N N   . VAL A 1 27  ? 0.576   -18.608 7.006   1.00 35.09 ? 649 VAL A N   1 
ATOM   210  C CA  . VAL A 1 27  ? 2.023   -18.762 7.079   1.00 30.85 ? 649 VAL A CA  1 
ATOM   211  C C   . VAL A 1 27  ? 2.388   -19.441 8.397   1.00 40.82 ? 649 VAL A C   1 
ATOM   212  O O   . VAL A 1 27  ? 3.004   -20.510 8.404   1.00 37.21 ? 649 VAL A O   1 
ATOM   213  C CB  . VAL A 1 27  ? 2.746   -17.410 6.929   1.00 32.02 ? 649 VAL A CB  1 
ATOM   214  C CG1 . VAL A 1 27  ? 4.255   -17.579 7.145   1.00 32.17 ? 649 VAL A CG1 1 
ATOM   215  C CG2 . VAL A 1 27  ? 2.479   -16.821 5.551   1.00 31.37 ? 649 VAL A CG2 1 
ATOM   216  N N   . ILE A 1 28  ? 1.978   -18.827 9.516   1.00 37.45 ? 650 ILE A N   1 
ATOM   217  C CA  . ILE A 1 28  ? 2.463   -19.286 10.827  1.00 33.63 ? 650 ILE A CA  1 
ATOM   218  C C   . ILE A 1 28  ? 2.098   -20.729 11.138  1.00 45.14 ? 650 ILE A C   1 
ATOM   219  O O   . ILE A 1 28  ? 2.935   -21.429 11.731  1.00 39.36 ? 650 ILE A O   1 
ATOM   220  C CB  . ILE A 1 28  ? 2.003   -18.307 11.926  1.00 35.45 ? 650 ILE A CB  1 
ATOM   221  C CG1 . ILE A 1 28  ? 2.838   -17.033 11.879  1.00 41.58 ? 650 ILE A CG1 1 
ATOM   222  C CG2 . ILE A 1 28  ? 2.081   -18.955 13.302  1.00 47.84 ? 650 ILE A CG2 1 
ATOM   223  C CD1 . ILE A 1 28  ? 2.292   -15.925 12.739  1.00 40.91 ? 650 ILE A CD1 1 
ATOM   224  N N   . PRO A 1 29  ? 0.897   -21.242 10.827  1.00 40.45 ? 651 PRO A N   1 
ATOM   225  C CA  . PRO A 1 29  ? 0.626   -22.652 11.164  1.00 46.83 ? 651 PRO A CA  1 
ATOM   226  C C   . PRO A 1 29  ? 1.472   -23.638 10.378  1.00 48.31 ? 651 PRO A C   1 
ATOM   227  O O   . PRO A 1 29  ? 1.614   -24.786 10.811  1.00 58.16 ? 651 PRO A O   1 
ATOM   228  C CB  . PRO A 1 29  ? -0.868  -22.822 10.839  1.00 43.81 ? 651 PRO A CB  1 
ATOM   229  C CG  . PRO A 1 29  ? -1.426  -21.443 10.784  1.00 45.91 ? 651 PRO A CG  1 
ATOM   230  C CD  . PRO A 1 29  ? -0.308  -20.588 10.274  1.00 39.87 ? 651 PRO A CD  1 
ATOM   231  N N   . LYS A 1 30  ? 2.048   -23.227 9.248   1.00 55.06 ? 652 LYS A N   1 
ATOM   232  C CA  . LYS A 1 30  ? 2.727   -24.138 8.332   1.00 56.12 ? 652 LYS A CA  1 
ATOM   233  C C   . LYS A 1 30  ? 4.247   -24.113 8.439   1.00 59.91 ? 652 LYS A C   1 
ATOM   234  O O   . LYS A 1 30  ? 4.886   -25.120 8.112   1.00 61.09 ? 652 LYS A O   1 
ATOM   235  C CB  . LYS A 1 30  ? 2.311   -23.817 6.883   1.00 70.03 ? 652 LYS A CB  1 
ATOM   236  C CG  . LYS A 1 30  ? 3.093   -24.543 5.789   1.00 77.92 ? 652 LYS A CG  1 
ATOM   237  C CD  . LYS A 1 30  ? 2.685   -24.081 4.393   1.00 84.55 ? 652 LYS A CD  1 
ATOM   238  C CE  . LYS A 1 30  ? 1.441   -24.811 3.907   1.00 88.59 ? 652 LYS A CE  1 
ATOM   239  N NZ  . LYS A 1 30  ? 1.351   -24.834 2.418   1.00 89.77 ? 652 LYS A NZ  1 
ATOM   240  N N   . ILE A 1 31  ? 4.840   -23.022 8.907   1.00 48.11 ? 653 ILE A N   1 
ATOM   241  C CA  . ILE A 1 31  ? 6.293   -22.857 8.753   1.00 42.48 ? 653 ILE A CA  1 
ATOM   242  C C   . ILE A 1 31  ? 7.023   -23.857 9.639   1.00 43.85 ? 653 ILE A C   1 
ATOM   243  O O   . ILE A 1 31  ? 6.590   -24.104 10.778  1.00 42.56 ? 653 ILE A O   1 
ATOM   244  C CB  . ILE A 1 31  ? 6.716   -21.423 9.078   1.00 46.38 ? 653 ILE A CB  1 
ATOM   245  C CG1 . ILE A 1 31  ? 6.074   -20.958 10.383  1.00 44.21 ? 653 ILE A CG1 1 
ATOM   246  C CG2 . ILE A 1 31  ? 6.379   -20.504 7.910   1.00 48.24 ? 653 ILE A CG2 1 
ATOM   247  C CD1 . ILE A 1 31  ? 6.515   -19.579 10.799  1.00 50.69 ? 653 ILE A CD1 1 
ATOM   248  N N   . PRO A 1 32  ? 8.138   -24.425 9.175   1.00 46.97 ? 654 PRO A N   1 
ATOM   249  C CA  . PRO A 1 32  ? 8.959   -25.381 9.950   1.00 42.57 ? 654 PRO A CA  1 
ATOM   250  C C   . PRO A 1 32  ? 9.834   -24.708 11.008  1.00 39.14 ? 654 PRO A C   1 
ATOM   251  O O   . PRO A 1 32  ? 11.056  -24.583 10.900  1.00 49.58 ? 654 PRO A O   1 
ATOM   252  C CB  . PRO A 1 32  ? 9.798   -26.056 8.864   1.00 48.37 ? 654 PRO A CB  1 
ATOM   253  C CG  . PRO A 1 32  ? 9.948   -25.021 7.807   1.00 45.77 ? 654 PRO A CG  1 
ATOM   254  C CD  . PRO A 1 32  ? 8.656   -24.230 7.809   1.00 41.86 ? 654 PRO A CD  1 
ATOM   255  N N   . VAL A 1 33  ? 9.195   -24.251 12.079  1.00 34.83 ? 655 VAL A N   1 
ATOM   256  C CA  . VAL A 1 33  ? 9.889   -23.661 13.212  1.00 38.50 ? 655 VAL A CA  1 
ATOM   257  C C   . VAL A 1 33  ? 9.483   -24.439 14.460  1.00 45.81 ? 655 VAL A C   1 
ATOM   258  O O   . VAL A 1 33  ? 8.618   -25.318 14.422  1.00 49.51 ? 655 VAL A O   1 
ATOM   259  C CB  . VAL A 1 33  ? 9.583   -22.156 13.376  1.00 40.35 ? 655 VAL A CB  1 
ATOM   260  C CG1 . VAL A 1 33  ? 9.854   -21.410 12.077  1.00 44.95 ? 655 VAL A CG1 1 
ATOM   261  C CG2 . VAL A 1 33  ? 8.145   -21.955 13.819  1.00 38.44 ? 655 VAL A CG2 1 
ATOM   262  N N   . GLY A 1 34  ? 10.101  -24.086 15.578  1.00 43.07 ? 656 GLY A N   1 
ATOM   263  C CA  . GLY A 1 34  ? 9.791   -24.743 16.831  1.00 42.43 ? 656 GLY A CA  1 
ATOM   264  C C   . GLY A 1 34  ? 8.560   -24.157 17.491  1.00 41.42 ? 656 GLY A C   1 
ATOM   265  O O   . GLY A 1 34  ? 8.019   -23.134 17.065  1.00 34.50 ? 656 GLY A O   1 
ATOM   266  N N   . ILE A 1 35  ? 8.116   -24.838 18.547  1.00 40.10 ? 657 ILE A N   1 
ATOM   267  C CA  . ILE A 1 35  ? 6.924   -24.417 19.277  1.00 37.12 ? 657 ILE A CA  1 
ATOM   268  C C   . ILE A 1 35  ? 7.122   -23.034 19.875  1.00 40.61 ? 657 ILE A C   1 
ATOM   269  O O   . ILE A 1 35  ? 6.242   -22.169 19.781  1.00 38.55 ? 657 ILE A O   1 
ATOM   270  C CB  . ILE A 1 35  ? 6.567   -25.455 20.359  1.00 43.54 ? 657 ILE A CB  1 
ATOM   271  C CG1 . ILE A 1 35  ? 6.172   -26.769 19.707  1.00 45.36 ? 657 ILE A CG1 1 
ATOM   272  C CG2 . ILE A 1 35  ? 5.436   -24.961 21.240  1.00 46.31 ? 657 ILE A CG2 1 
ATOM   273  C CD1 . ILE A 1 35  ? 4.910   -26.707 18.911  1.00 45.82 ? 657 ILE A CD1 1 
ATOM   274  N N   . GLU A 1 36  ? 8.292   -22.790 20.473  1.00 34.84 ? 658 GLU A N   1 
ATOM   275  C CA  . GLU A 1 36  ? 8.528   -21.501 21.119  1.00 34.85 ? 658 GLU A CA  1 
ATOM   276  C C   . GLU A 1 36  ? 8.476   -20.363 20.104  1.00 29.75 ? 658 GLU A C   1 
ATOM   277  O O   . GLU A 1 36  ? 7.791   -19.349 20.314  1.00 36.75 ? 658 GLU A O   1 
ATOM   278  C CB  . GLU A 1 36  ? 9.878   -21.508 21.844  1.00 36.66 ? 658 GLU A CB  1 
ATOM   279  C CG  . GLU A 1 36  ? 10.146  -20.198 22.572  1.00 41.63 ? 658 GLU A CG  1 
ATOM   280  C CD  . GLU A 1 36  ? 11.408  -20.218 23.409  1.00 51.08 ? 658 GLU A CD  1 
ATOM   281  O OE1 . GLU A 1 36  ? 11.996  -21.305 23.575  1.00 45.55 ? 658 GLU A OE1 1 
ATOM   282  O OE2 . GLU A 1 36  ? 11.804  -19.135 23.896  1.00 60.50 ? 658 GLU A OE2 1 
ATOM   283  N N   . LYS A 1 37  ? 9.186   -20.529 18.989  1.00 31.74 ? 659 LYS A N   1 
ATOM   284  C CA  . LYS A 1 37  ? 9.204   -19.502 17.954  1.00 35.27 ? 659 LYS A CA  1 
ATOM   285  C C   . LYS A 1 37  ? 7.812   -19.277 17.379  1.00 36.88 ? 659 LYS A C   1 
ATOM   286  O O   . LYS A 1 37  ? 7.399   -18.128 17.156  1.00 36.01 ? 659 LYS A O   1 
ATOM   287  C CB  . LYS A 1 37  ? 10.190  -19.903 16.857  1.00 34.46 ? 659 LYS A CB  1 
ATOM   288  C CG  . LYS A 1 37  ? 10.686  -18.758 15.975  1.00 41.56 ? 659 LYS A CG  1 
ATOM   289  C CD  . LYS A 1 37  ? 11.933  -19.224 15.236  1.00 55.56 ? 659 LYS A CD  1 
ATOM   290  C CE  . LYS A 1 37  ? 12.466  -18.151 14.304  1.00 56.49 ? 659 LYS A CE  1 
ATOM   291  N NZ  . LYS A 1 37  ? 13.099  -18.763 13.099  1.00 60.04 ? 659 LYS A NZ  1 
ATOM   292  N N   . ARG A 1 38  ? 7.067   -20.362 17.138  1.00 32.30 ? 660 ARG A N   1 
ATOM   293  C CA  . ARG A 1 38  ? 5.729   -20.225 16.570  1.00 36.28 ? 660 ARG A CA  1 
ATOM   294  C C   . ARG A 1 38  ? 4.805   -19.461 17.510  1.00 42.73 ? 660 ARG A C   1 
ATOM   295  O O   . ARG A 1 38  ? 4.029   -18.607 17.062  1.00 35.28 ? 660 ARG A O   1 
ATOM   296  C CB  . ARG A 1 38  ? 5.149   -21.600 16.227  1.00 31.12 ? 660 ARG A CB  1 
ATOM   297  C CG  . ARG A 1 38  ? 3.858   -21.560 15.395  1.00 40.59 ? 660 ARG A CG  1 
ATOM   298  C CD  . ARG A 1 38  ? 3.224   -22.945 15.280  1.00 41.34 ? 660 ARG A CD  1 
ATOM   299  N NE  . ARG A 1 38  ? 4.191   -23.994 14.960  1.00 55.60 ? 660 ARG A NE  1 
ATOM   300  C CZ  . ARG A 1 38  ? 4.639   -24.243 13.736  1.00 46.60 ? 660 ARG A CZ  1 
ATOM   301  N NH1 . ARG A 1 38  ? 4.258   -23.514 12.701  1.00 45.80 ? 660 ARG A NH1 1 
ATOM   302  N NH2 . ARG A 1 38  ? 5.499   -25.240 13.547  1.00 43.41 ? 660 ARG A NH2 1 
ATOM   303  N N   . GLU A 1 39  ? 4.896   -19.726 18.818  1.00 39.36 ? 661 GLU A N   1 
ATOM   304  C CA  . GLU A 1 39  ? 4.090   -18.977 19.783  1.00 40.66 ? 661 GLU A CA  1 
ATOM   305  C C   . GLU A 1 39  ? 4.477   -17.502 19.816  1.00 35.08 ? 661 GLU A C   1 
ATOM   306  O O   . GLU A 1 39  ? 3.604   -16.631 19.933  1.00 40.51 ? 661 GLU A O   1 
ATOM   307  C CB  . GLU A 1 39  ? 4.215   -19.581 21.192  1.00 33.01 ? 661 GLU A CB  1 
ATOM   308  C CG  . GLU A 1 39  ? 3.916   -21.076 21.317  1.00 48.84 ? 661 GLU A CG  1 
ATOM   309  C CD  . GLU A 1 39  ? 2.432   -21.409 21.280  1.00 61.04 ? 661 GLU A CD  1 
ATOM   310  O OE1 . GLU A 1 39  ? 2.103   -22.619 21.297  1.00 57.89 ? 661 GLU A OE1 1 
ATOM   311  O OE2 . GLU A 1 39  ? 1.599   -20.468 21.237  1.00 63.48 ? 661 GLU A OE2 1 
ATOM   312  N N   . ARG A 1 40  ? 5.774   -17.192 19.725  1.00 36.98 ? 662 ARG A N   1 
ATOM   313  C CA  . ARG A 1 40  ? 6.161   -15.779 19.669  1.00 32.09 ? 662 ARG A CA  1 
ATOM   314  C C   . ARG A 1 40  ? 5.545   -15.094 18.446  1.00 31.88 ? 662 ARG A C   1 
ATOM   315  O O   . ARG A 1 40  ? 4.964   -13.999 18.554  1.00 33.10 ? 662 ARG A O   1 
ATOM   316  C CB  . ARG A 1 40  ? 7.684   -15.634 19.680  1.00 37.88 ? 662 ARG A CB  1 
ATOM   317  C CG  . ARG A 1 40  ? 8.305   -15.812 21.071  1.00 43.50 ? 662 ARG A CG  1 
ATOM   318  C CD  . ARG A 1 40  ? 9.787   -15.422 21.103  1.00 50.32 ? 662 ARG A CD  1 
ATOM   319  N NE  . ARG A 1 40  ? 10.428  -15.521 19.795  1.00 53.46 ? 662 ARG A NE  1 
ATOM   320  C CZ  . ARG A 1 40  ? 11.334  -16.432 19.460  1.00 49.77 ? 662 ARG A CZ  1 
ATOM   321  N NH1 . ARG A 1 40  ? 11.739  -17.355 20.319  1.00 44.69 ? 662 ARG A NH1 1 
ATOM   322  N NH2 . ARG A 1 40  ? 11.858  -16.405 18.236  1.00 54.14 ? 662 ARG A NH2 1 
ATOM   323  N N   . TYR A 1 41  ? 5.630   -15.745 17.284  1.00 31.93 ? 663 TYR A N   1 
ATOM   324  C CA  . TYR A 1 41  ? 4.978   -15.213 16.078  1.00 35.62 ? 663 TYR A CA  1 
ATOM   325  C C   . TYR A 1 41  ? 3.483   -15.000 16.294  1.00 39.15 ? 663 TYR A C   1 
ATOM   326  O O   . TYR A 1 41  ? 2.926   -13.956 15.925  1.00 35.12 ? 663 TYR A O   1 
ATOM   327  C CB  . TYR A 1 41  ? 5.181   -16.158 14.897  1.00 32.18 ? 663 TYR A CB  1 
ATOM   328  C CG  . TYR A 1 41  ? 6.576   -16.229 14.329  1.00 31.85 ? 663 TYR A CG  1 
ATOM   329  C CD1 . TYR A 1 41  ? 7.501   -15.218 14.546  1.00 33.03 ? 663 TYR A CD1 1 
ATOM   330  C CD2 . TYR A 1 41  ? 6.953   -17.307 13.545  1.00 32.74 ? 663 TYR A CD2 1 
ATOM   331  C CE1 . TYR A 1 41  ? 8.777   -15.292 14.001  1.00 34.43 ? 663 TYR A CE1 1 
ATOM   332  C CE2 . TYR A 1 41  ? 8.215   -17.398 13.004  1.00 39.15 ? 663 TYR A CE2 1 
ATOM   333  C CZ  . TYR A 1 41  ? 9.129   -16.395 13.238  1.00 44.00 ? 663 TYR A CZ  1 
ATOM   334  O OH  . TYR A 1 41  ? 10.386  -16.504 12.690  1.00 41.74 ? 663 TYR A OH  1 
ATOM   335  N N   . LYS A 1 42  ? 2.811   -16.006 16.847  1.00 35.73 ? 664 LYS A N   1 
ATOM   336  C CA  . LYS A 1 42  ? 1.366   -15.950 17.033  1.00 35.32 ? 664 LYS A CA  1 
ATOM   337  C C   . LYS A 1 42  ? 0.961   -14.758 17.904  1.00 43.75 ? 664 LYS A C   1 
ATOM   338  O O   . LYS A 1 42  ? 0.058   -13.980 17.548  1.00 39.22 ? 664 LYS A O   1 
ATOM   339  C CB  . LYS A 1 42  ? 0.887   -17.268 17.651  1.00 35.79 ? 664 LYS A CB  1 
ATOM   340  C CG  . LYS A 1 42  ? -0.390  -17.814 17.058  1.00 54.61 ? 664 LYS A CG  1 
ATOM   341  C CD  . LYS A 1 42  ? -0.994  -18.884 17.943  1.00 59.45 ? 664 LYS A CD  1 
ATOM   342  C CE  . LYS A 1 42  ? -2.447  -19.118 17.561  1.00 68.54 ? 664 LYS A CE  1 
ATOM   343  N NZ  . LYS A 1 42  ? -2.969  -20.416 18.070  1.00 71.51 ? 664 LYS A NZ  1 
ATOM   344  N N   . ASN A 1 43  ? 1.628   -14.611 19.058  1.00 36.88 ? 665 ASN A N   1 
ATOM   345  C CA  . ASN A 1 43  ? 1.381   -13.484 19.962  1.00 40.11 ? 665 ASN A CA  1 
ATOM   346  C C   . ASN A 1 43  ? 1.581   -12.142 19.257  1.00 39.62 ? 665 ASN A C   1 
ATOM   347  O O   . ASN A 1 43  ? 0.751   -11.223 19.392  1.00 42.81 ? 665 ASN A O   1 
ATOM   348  C CB  . ASN A 1 43  ? 2.294   -13.621 21.195  1.00 43.82 ? 665 ASN A CB  1 
ATOM   349  C CG  . ASN A 1 43  ? 2.328   -12.370 22.072  1.00 54.69 ? 665 ASN A CG  1 
ATOM   350  O OD1 . ASN A 1 43  ? 1.319   -11.973 22.654  1.00 57.03 ? 665 ASN A OD1 1 
ATOM   351  N ND2 . ASN A 1 43  ? 3.505   -11.776 22.202  1.00 57.17 ? 665 ASN A ND2 1 
ATOM   352  N N   . SER A 1 44  ? 2.666   -12.012 18.485  1.00 35.93 ? 666 SER A N   1 
ATOM   353  C CA  . SER A 1 44  ? 2.962   -10.720 17.878  1.00 39.01 ? 666 SER A CA  1 
ATOM   354  C C   . SER A 1 44  ? 1.981   -10.388 16.754  1.00 37.41 ? 666 SER A C   1 
ATOM   355  O O   . SER A 1 44  ? 1.622   -9.218  16.559  1.00 42.55 ? 666 SER A O   1 
ATOM   356  C CB  . SER A 1 44  ? 4.414   -10.700 17.393  1.00 47.67 ? 666 SER A CB  1 
ATOM   357  O OG  . SER A 1 44  ? 4.519   -10.934 16.006  1.00 53.50 ? 666 SER A OG  1 
ATOM   358  N N   . LEU A 1 45  ? 1.510   -11.398 16.018  1.00 34.97 ? 667 LEU A N   1 
ATOM   359  C CA  . LEU A 1 45  ? 0.496   -11.120 15.001  1.00 34.18 ? 667 LEU A CA  1 
ATOM   360  C C   . LEU A 1 45  ? -0.831  -10.737 15.637  1.00 35.48 ? 667 LEU A C   1 
ATOM   361  O O   . LEU A 1 45  ? -1.570  -9.916  15.085  1.00 38.99 ? 667 LEU A O   1 
ATOM   362  C CB  . LEU A 1 45  ? 0.303   -12.317 14.071  1.00 33.45 ? 667 LEU A CB  1 
ATOM   363  C CG  . LEU A 1 45  ? 1.120   -12.338 12.778  1.00 37.06 ? 667 LEU A CG  1 
ATOM   364  C CD1 . LEU A 1 45  ? 0.724   -11.179 11.865  1.00 42.16 ? 667 LEU A CD1 1 
ATOM   365  C CD2 . LEU A 1 45  ? 2.614   -12.299 13.070  1.00 43.44 ? 667 LEU A CD2 1 
ATOM   366  N N   . ARG A 1 46  ? -1.160  -11.322 16.791  1.00 35.12 ? 668 ARG A N   1 
ATOM   367  C CA  . ARG A 1 46  ? -2.372  -10.898 17.485  1.00 35.81 ? 668 ARG A CA  1 
ATOM   368  C C   . ARG A 1 46  ? -2.284  -9.427  17.874  1.00 43.33 ? 668 ARG A C   1 
ATOM   369  O O   . ARG A 1 46  ? -3.228  -8.651  17.648  1.00 44.59 ? 668 ARG A O   1 
ATOM   370  C CB  . ARG A 1 46  ? -2.617  -11.762 18.720  1.00 44.81 ? 668 ARG A CB  1 
ATOM   371  C CG  . ARG A 1 46  ? -3.863  -11.366 19.482  1.00 56.13 ? 668 ARG A CG  1 
ATOM   372  C CD  . ARG A 1 46  ? -4.175  -12.387 20.550  1.00 61.60 ? 668 ARG A CD  1 
ATOM   373  N NE  . ARG A 1 46  ? -2.972  -12.997 21.107  1.00 67.51 ? 668 ARG A NE  1 
ATOM   374  C CZ  . ARG A 1 46  ? -2.198  -12.433 22.027  1.00 74.57 ? 668 ARG A CZ  1 
ATOM   375  N NH1 . ARG A 1 46  ? -2.415  -11.201 22.451  1.00 75.45 ? 668 ARG A NH1 1 
ATOM   376  N NH2 . ARG A 1 46  ? -1.182  -13.127 22.537  1.00 72.92 ? 668 ARG A NH2 1 
ATOM   377  N N   . LEU A 1 47  ? -1.146  -9.022  18.448  1.00 44.21 ? 669 LEU A N   1 
ATOM   378  C CA  . LEU A 1 47  ? -0.973  -7.607  18.786  1.00 43.20 ? 669 LEU A CA  1 
ATOM   379  C C   . LEU A 1 47  ? -1.078  -6.718  17.549  1.00 43.81 ? 669 LEU A C   1 
ATOM   380  O O   . LEU A 1 47  ? -1.758  -5.678  17.578  1.00 37.66 ? 669 LEU A O   1 
ATOM   381  C CB  . LEU A 1 47  ? 0.365   -7.390  19.493  1.00 42.11 ? 669 LEU A CB  1 
ATOM   382  C CG  . LEU A 1 47  ? 0.541   -8.137  20.818  1.00 49.82 ? 669 LEU A CG  1 
ATOM   383  C CD1 . LEU A 1 47  ? 1.961   -7.997  21.319  1.00 47.98 ? 669 LEU A CD1 1 
ATOM   384  C CD2 . LEU A 1 47  ? -0.445  -7.654  21.865  1.00 52.91 ? 669 LEU A CD2 1 
ATOM   385  N N   . CYS A 1 48  ? -0.425  -7.109  16.450  1.00 36.63 ? 670 CYS A N   1 
ATOM   386  C CA  . CYS A 1 48  ? -0.447  -6.279  15.248  1.00 41.99 ? 670 CYS A CA  1 
ATOM   387  C C   . CYS A 1 48  ? -1.846  -6.160  14.661  1.00 35.27 ? 670 CYS A C   1 
ATOM   388  O O   . CYS A 1 48  ? -2.245  -5.081  14.206  1.00 39.39 ? 670 CYS A O   1 
ATOM   389  C CB  . CYS A 1 48  ? 0.522   -6.840  14.216  1.00 40.21 ? 670 CYS A CB  1 
ATOM   390  S SG  . CYS A 1 48  ? 2.226   -6.624  14.721  1.00 46.22 ? 670 CYS A SG  1 
ATOM   391  N N   . LEU A 1 49  ? -2.605  -7.257  14.646  1.00 39.66 ? 671 LEU A N   1 
ATOM   392  C CA  . LEU A 1 49  ? -3.961  -7.209  14.108  1.00 36.23 ? 671 LEU A CA  1 
ATOM   393  C C   . LEU A 1 49  ? -4.858  -6.324  14.962  1.00 45.77 ? 671 LEU A C   1 
ATOM   394  O O   . LEU A 1 49  ? -5.657  -5.534  14.432  1.00 37.28 ? 671 LEU A O   1 
ATOM   395  C CB  . LEU A 1 49  ? -4.532  -8.625  14.001  1.00 35.16 ? 671 LEU A CB  1 
ATOM   396  C CG  . LEU A 1 49  ? -4.073  -9.434  12.789  1.00 38.18 ? 671 LEU A CG  1 
ATOM   397  C CD1 . LEU A 1 49  ? -4.208  -10.927 13.034  1.00 42.38 ? 671 LEU A CD1 1 
ATOM   398  C CD2 . LEU A 1 49  ? -4.885  -9.016  11.571  1.00 39.41 ? 671 LEU A CD2 1 
ATOM   399  N N   . LYS A 1 50  ? -4.740  -6.443  16.290  1.00 47.35 ? 672 LYS A N   1 
ATOM   400  C CA  . LYS A 1 50  ? -5.457  -5.524  17.168  1.00 46.48 ? 672 LYS A CA  1 
ATOM   401  C C   . LYS A 1 50  ? -5.123  -4.076  16.825  1.00 43.96 ? 672 LYS A C   1 
ATOM   402  O O   . LYS A 1 50  ? -6.024  -3.243  16.638  1.00 47.16 ? 672 LYS A O   1 
ATOM   403  C CB  . LYS A 1 50  ? -5.120  -5.836  18.628  1.00 50.92 ? 672 LYS A CB  1 
ATOM   404  C CG  . LYS A 1 50  ? -5.909  -5.024  19.646  1.00 59.64 ? 672 LYS A CG  1 
ATOM   405  C CD  . LYS A 1 50  ? -5.344  -5.235  21.046  1.00 59.94 ? 672 LYS A CD  1 
ATOM   406  C CE  . LYS A 1 50  ? -5.475  -6.686  21.492  1.00 69.49 ? 672 LYS A CE  1 
ATOM   407  N NZ  . LYS A 1 50  ? -6.890  -7.058  21.784  1.00 75.16 ? 672 LYS A NZ  1 
ATOM   408  N N   . SER A 1 51  ? -3.828  -3.767  16.695  1.00 41.93 ? 673 SER A N   1 
ATOM   409  C CA  . SER A 1 51  ? -3.423  -2.404  16.351  1.00 41.64 ? 673 SER A CA  1 
ATOM   410  C C   . SER A 1 51  ? -4.025  -1.952  15.023  1.00 54.07 ? 673 SER A C   1 
ATOM   411  O O   . SER A 1 51  ? -4.421  -0.788  14.877  1.00 48.68 ? 673 SER A O   1 
ATOM   412  C CB  . SER A 1 51  ? -1.895  -2.298  16.304  1.00 51.49 ? 673 SER A CB  1 
ATOM   413  O OG  . SER A 1 51  ? -1.486  -1.077  15.711  1.00 56.77 ? 673 SER A OG  1 
ATOM   414  N N   . ALA A 1 52  ? -4.103  -2.850  14.044  1.00 41.07 ? 674 ALA A N   1 
ATOM   415  C CA  . ALA A 1 52  ? -4.569  -2.424  12.729  1.00 43.00 ? 674 ALA A CA  1 
ATOM   416  C C   . ALA A 1 52  ? -6.086  -2.451  12.574  1.00 49.39 ? 674 ALA A C   1 
ATOM   417  O O   . ALA A 1 52  ? -6.578  -2.103  11.493  1.00 41.02 ? 674 ALA A O   1 
ATOM   418  C CB  . ALA A 1 52  ? -3.927  -3.290  11.641  1.00 41.58 ? 674 ALA A CB  1 
ATOM   419  N N   . ARG A 1 53  ? -6.860  -2.837  13.593  1.00 48.18 ? 675 ARG A N   1 
ATOM   420  C CA  . ARG A 1 53  ? -8.284  -3.028  13.316  1.00 44.65 ? 675 ARG A CA  1 
ATOM   421  C C   . ARG A 1 53  ? -9.095  -1.736  13.153  1.00 49.80 ? 675 ARG A C   1 
ATOM   422  O O   . ARG A 1 53  ? -10.290 -1.833  12.858  1.00 44.75 ? 675 ARG A O   1 
ATOM   423  C CB  . ARG A 1 53  ? -8.923  -3.915  14.385  1.00 57.38 ? 675 ARG A CB  1 
ATOM   424  C CG  . ARG A 1 53  ? -9.082  -3.322  15.765  1.00 63.70 ? 675 ARG A CG  1 
ATOM   425  C CD  . ARG A 1 53  ? -9.723  -4.375  16.658  1.00 65.53 ? 675 ARG A CD  1 
ATOM   426  N NE  . ARG A 1 53  ? -9.197  -5.711  16.384  1.00 70.62 ? 675 ARG A NE  1 
ATOM   427  C CZ  . ARG A 1 53  ? -9.280  -6.737  17.223  1.00 70.76 ? 675 ARG A CZ  1 
ATOM   428  N NH1 . ARG A 1 53  ? -9.791  -6.596  18.435  1.00 75.36 ? 675 ARG A NH1 1 
ATOM   429  N NH2 . ARG A 1 53  ? -8.830  -7.932  16.841  1.00 69.41 ? 675 ARG A NH2 1 
ATOM   430  N N   . ASN A 1 54  ? -8.504  -0.543  13.291  1.00 44.36 ? 676 ASN A N   1 
ATOM   431  C CA  . ASN A 1 54  ? -9.243  0.704   13.048  1.00 50.51 ? 676 ASN A CA  1 
ATOM   432  C C   . ASN A 1 54  ? -8.311  1.750   12.436  1.00 48.58 ? 676 ASN A C   1 
ATOM   433  O O   . ASN A 1 54  ? -7.119  1.506   12.230  1.00 39.41 ? 676 ASN A O   1 
ATOM   434  C CB  . ASN A 1 54  ? -9.910  1.232   14.336  1.00 46.02 ? 676 ASN A CB  1 
ATOM   435  C CG  . ASN A 1 54  ? -8.907  1.707   15.384  1.00 51.81 ? 676 ASN A CG  1 
ATOM   436  O OD1 . ASN A 1 54  ? -8.021  2.522   15.107  1.00 47.96 ? 676 ASN A OD1 1 
ATOM   437  N ND2 . ASN A 1 54  ? -9.042  1.186   16.605  1.00 51.34 ? 676 ASN A ND2 1 
ATOM   438  N N   . THR A 1 55  ? -8.861  2.939   12.151  1.00 43.36 ? 677 THR A N   1 
ATOM   439  C CA  . THR A 1 55  ? -8.072  4.047   11.621  1.00 44.77 ? 677 THR A CA  1 
ATOM   440  C C   . THR A 1 55  ? -7.869  5.171   12.636  1.00 46.70 ? 677 THR A C   1 
ATOM   441  O O   . THR A 1 55  ? -7.689  6.328   12.258  1.00 50.56 ? 677 THR A O   1 
ATOM   442  C CB  . THR A 1 55  ? -8.715  4.625   10.358  1.00 40.66 ? 677 THR A CB  1 
ATOM   443  O OG1 . THR A 1 55  ? -10.041 5.104   10.655  1.00 44.24 ? 677 THR A OG1 1 
ATOM   444  C CG2 . THR A 1 55  ? -8.783  3.579   9.260   1.00 38.21 ? 677 THR A CG2 1 
ATOM   445  N N   . GLN A 1 56  ? -7.889  4.871   13.927  1.00 34.89 ? 678 GLN A N   1 
ATOM   446  C CA  . GLN A 1 56  ? -7.900  5.979   14.876  1.00 42.05 ? 678 GLN A CA  1 
ATOM   447  C C   . GLN A 1 56  ? -6.510  6.513   15.210  1.00 40.67 ? 678 GLN A C   1 
ATOM   448  O O   . GLN A 1 56  ? -6.396  7.655   15.657  1.00 44.24 ? 678 GLN A O   1 
ATOM   449  C CB  . GLN A 1 56  ? -8.610  5.577   16.160  1.00 43.63 ? 678 GLN A CB  1 
ATOM   450  C CG  . GLN A 1 56  ? -10.098 5.783   16.114  1.00 52.91 ? 678 GLN A CG  1 
ATOM   451  C CD  . GLN A 1 56  ? -10.765 5.139   17.296  1.00 47.31 ? 678 GLN A CD  1 
ATOM   452  O OE1 . GLN A 1 56  ? -10.145 4.362   18.024  1.00 59.13 ? 678 GLN A OE1 1 
ATOM   453  N NE2 . GLN A 1 56  ? -12.040 5.439   17.488  1.00 54.08 ? 678 GLN A NE2 1 
ATOM   454  N N   . HIS A 1 57  ? -5.442  5.722   15.051  1.00 39.69 ? 679 HIS A N   1 
ATOM   455  C CA  . HIS A 1 57  ? -4.075  6.240   15.216  1.00 36.35 ? 679 HIS A CA  1 
ATOM   456  C C   . HIS A 1 57  ? -3.289  5.795   13.979  1.00 46.37 ? 679 HIS A C   1 
ATOM   457  O O   . HIS A 1 57  ? -2.488  4.861   14.034  1.00 38.04 ? 679 HIS A O   1 
ATOM   458  C CB  . HIS A 1 57  ? -3.444  5.761   16.552  1.00 50.95 ? 679 HIS A CB  1 
ATOM   459  C CG  . HIS A 1 57  ? -4.188  6.247   17.759  1.00 47.47 ? 679 HIS A CG  1 
ATOM   460  N ND1 . HIS A 1 57  ? -3.816  7.383   18.448  1.00 44.12 ? 679 HIS A ND1 1 
ATOM   461  C CD2 . HIS A 1 57  ? -5.317  5.788   18.358  1.00 43.61 ? 679 HIS A CD2 1 
ATOM   462  C CE1 . HIS A 1 57  ? -4.665  7.582   19.442  1.00 47.25 ? 679 HIS A CE1 1 
ATOM   463  N NE2 . HIS A 1 57  ? -5.586  6.632   19.409  1.00 48.45 ? 679 HIS A NE2 1 
ATOM   464  N N   . MET A 1 58  ? -3.524  6.479   12.848  1.00 44.82 ? 680 MET A N   1 
ATOM   465  C CA  A MET A 1 58  ? -2.933  6.029   11.591  0.56 38.58 ? 680 MET A CA  1 
ATOM   466  C CA  B MET A 1 58  ? -2.934  6.053   11.579  0.44 38.54 ? 680 MET A CA  1 
ATOM   467  C C   . MET A 1 58  ? -1.412  6.144   11.597  1.00 41.69 ? 680 MET A C   1 
ATOM   468  O O   . MET A 1 58  ? -0.741  5.426   10.848  1.00 45.69 ? 680 MET A O   1 
ATOM   469  C CB  A MET A 1 58  ? -3.542  6.804   10.421  0.56 42.49 ? 680 MET A CB  1 
ATOM   470  C CB  B MET A 1 58  ? -3.510  6.877   10.418  0.44 42.14 ? 680 MET A CB  1 
ATOM   471  C CG  A MET A 1 58  ? -4.957  6.372   10.097  0.56 35.28 ? 680 MET A CG  1 
ATOM   472  C CG  B MET A 1 58  ? -3.002  8.310   10.321  0.44 40.51 ? 680 MET A CG  1 
ATOM   473  S SD  A MET A 1 58  ? -5.013  4.625   9.669   0.56 37.55 ? 680 MET A SD  1 
ATOM   474  S SD  B MET A 1 58  ? -3.976  9.402   9.252   0.44 57.22 ? 680 MET A SD  1 
ATOM   475  C CE  A MET A 1 58  ? -3.785  4.602   8.363   0.56 39.40 ? 680 MET A CE  1 
ATOM   476  C CE  B MET A 1 58  ? -3.156  9.142   7.681   0.44 36.94 ? 680 MET A CE  1 
ATOM   477  N N   . ASN A 1 59  ? -0.847  7.014   12.442  1.00 42.26 ? 681 ASN A N   1 
ATOM   478  C CA  . ASN A 1 59  ? 0.605   7.106   12.574  1.00 46.53 ? 681 ASN A CA  1 
ATOM   479  C C   . ASN A 1 59  ? 1.226   5.775   12.986  1.00 41.62 ? 681 ASN A C   1 
ATOM   480  O O   . ASN A 1 59  ? 2.391   5.500   12.674  1.00 52.26 ? 681 ASN A O   1 
ATOM   481  C CB  . ASN A 1 59  ? 0.961   8.183   13.602  1.00 45.91 ? 681 ASN A CB  1 
ATOM   482  C CG  . ASN A 1 59  ? 0.374   7.892   14.978  1.00 48.83 ? 681 ASN A CG  1 
ATOM   483  O OD1 . ASN A 1 59  ? -0.844  7.863   15.150  1.00 46.09 ? 681 ASN A OD1 1 
ATOM   484  N ND2 . ASN A 1 59  ? 1.245   7.676   15.964  1.00 55.87 ? 681 ASN A ND2 1 
ATOM   485  N N   . GLU A 1 60  ? 0.474   4.944   13.698  1.00 48.07 ? 682 GLU A N   1 
ATOM   486  C CA  . GLU A 1 60  ? 1.002   3.679   14.189  1.00 38.60 ? 682 GLU A CA  1 
ATOM   487  C C   . GLU A 1 60  ? 1.097   2.609   13.107  1.00 44.31 ? 682 GLU A C   1 
ATOM   488  O O   . GLU A 1 60  ? 1.807   1.615   13.297  1.00 48.07 ? 682 GLU A O   1 
ATOM   489  C CB  . GLU A 1 60  ? 0.137   3.183   15.337  1.00 47.71 ? 682 GLU A CB  1 
ATOM   490  C CG  . GLU A 1 60  ? 0.232   4.056   16.580  1.00 50.94 ? 682 GLU A CG  1 
ATOM   491  C CD  . GLU A 1 60  ? -0.764  3.660   17.642  1.00 44.72 ? 682 GLU A CD  1 
ATOM   492  O OE1 . GLU A 1 60  ? -1.481  2.652   17.455  1.00 48.02 ? 682 GLU A OE1 1 
ATOM   493  O OE2 . GLU A 1 60  ? -0.837  4.369   18.666  1.00 55.55 ? 682 GLU A OE2 1 
ATOM   494  N N   . LEU A 1 61  ? 0.396   2.779   11.993  1.00 46.34 ? 683 LEU A N   1 
ATOM   495  C CA  . LEU A 1 61  ? 0.441   1.804   10.910  1.00 46.09 ? 683 LEU A CA  1 
ATOM   496  C C   . LEU A 1 61  ? 1.541   2.086   9.893   1.00 39.60 ? 683 LEU A C   1 
ATOM   497  O O   . LEU A 1 61  ? 1.886   1.191   9.115   1.00 37.21 ? 683 LEU A O   1 
ATOM   498  C CB  . LEU A 1 61  ? -0.909  1.750   10.192  1.00 48.93 ? 683 LEU A CB  1 
ATOM   499  C CG  . LEU A 1 61  ? -2.149  1.610   11.082  1.00 52.05 ? 683 LEU A CG  1 
ATOM   500  C CD1 . LEU A 1 61  ? -3.381  1.201   10.273  1.00 46.83 ? 683 LEU A CD1 1 
ATOM   501  C CD2 . LEU A 1 61  ? -1.912  0.637   12.221  1.00 46.77 ? 683 LEU A CD2 1 
ATOM   502  N N   . GLU A 1 62  ? 2.099   3.298   9.882   1.00 34.33 ? 684 GLU A N   1 
ATOM   503  C CA  . GLU A 1 62  ? 3.159   3.624   8.932   1.00 33.94 ? 684 GLU A CA  1 
ATOM   504  C C   . GLU A 1 62  ? 4.345   2.660   8.965   1.00 41.99 ? 684 GLU A C   1 
ATOM   505  O O   . GLU A 1 62  ? 4.816   2.274   7.879   1.00 34.63 ? 684 GLU A O   1 
ATOM   506  C CB  . GLU A 1 62  ? 3.608   5.075   9.173   1.00 42.67 ? 684 GLU A CB  1 
ATOM   507  C CG  . GLU A 1 62  ? 4.565   5.633   8.136   1.00 42.62 ? 684 GLU A CG  1 
ATOM   508  C CD  . GLU A 1 62  ? 6.023   5.408   8.497   1.00 56.64 ? 684 GLU A CD  1 
ATOM   509  O OE1 . GLU A 1 62  ? 6.873   5.431   7.582   1.00 55.73 ? 684 GLU A OE1 1 
ATOM   510  O OE2 . GLU A 1 62  ? 6.316   5.207   9.697   1.00 56.07 ? 684 GLU A OE2 1 
ATOM   511  N N   . PRO A 1 63  ? 4.868   2.230   10.126  1.00 38.90 ? 685 PRO A N   1 
ATOM   512  C CA  . PRO A 1 63  ? 5.997   1.287   10.089  1.00 39.44 ? 685 PRO A CA  1 
ATOM   513  C C   . PRO A 1 63  ? 5.640   -0.039  9.447   1.00 36.12 ? 685 PRO A C   1 
ATOM   514  O O   . PRO A 1 63  ? 6.507   -0.694  8.841   1.00 37.17 ? 685 PRO A O   1 
ATOM   515  C CB  . PRO A 1 63  ? 6.358   1.107   11.571  1.00 41.33 ? 685 PRO A CB  1 
ATOM   516  C CG  . PRO A 1 63  ? 5.708   2.213   12.283  1.00 40.63 ? 685 PRO A CG  1 
ATOM   517  C CD  . PRO A 1 63  ? 4.488   2.576   11.506  1.00 39.58 ? 685 PRO A CD  1 
ATOM   518  N N   . TYR A 1 64  ? 4.379   -0.467  9.593   1.00 33.66 ? 686 TYR A N   1 
ATOM   519  C CA  . TYR A 1 64  ? 3.952   -1.726  9.002   1.00 31.81 ? 686 TYR A CA  1 
ATOM   520  C C   . TYR A 1 64  ? 3.780   -1.600  7.496   1.00 29.46 ? 686 TYR A C   1 
ATOM   521  O O   . TYR A 1 64  ? 4.212   -2.476  6.745   1.00 30.58 ? 686 TYR A O   1 
ATOM   522  C CB  . TYR A 1 64  ? 2.658   -2.203  9.653   1.00 36.48 ? 686 TYR A CB  1 
ATOM   523  C CG  . TYR A 1 64  ? 2.754   -2.426  11.151  1.00 49.81 ? 686 TYR A CG  1 
ATOM   524  C CD1 . TYR A 1 64  ? 3.963   -2.748  11.762  1.00 61.08 ? 686 TYR A CD1 1 
ATOM   525  C CD2 . TYR A 1 64  ? 1.626   -2.312  11.952  1.00 59.39 ? 686 TYR A CD2 1 
ATOM   526  C CE1 . TYR A 1 64  ? 4.041   -2.949  13.138  1.00 72.23 ? 686 TYR A CE1 1 
ATOM   527  C CE2 . TYR A 1 64  ? 1.691   -2.512  13.317  1.00 65.02 ? 686 TYR A CE2 1 
ATOM   528  C CZ  . TYR A 1 64  ? 2.895   -2.830  13.908  1.00 71.45 ? 686 TYR A CZ  1 
ATOM   529  O OH  . TYR A 1 64  ? 2.937   -3.020  15.272  1.00 79.26 ? 686 TYR A OH  1 
ATOM   530  N N   . LEU A 1 65  ? 3.156   -0.516  7.027   1.00 34.65 ? 687 LEU A N   1 
ATOM   531  C CA  . LEU A 1 65  ? 3.064   -0.319  5.584   1.00 35.22 ? 687 LEU A CA  1 
ATOM   532  C C   . LEU A 1 65  ? 4.447   -0.219  4.958   1.00 33.65 ? 687 LEU A C   1 
ATOM   533  O O   . LEU A 1 65  ? 4.672   -0.711  3.844   1.00 33.45 ? 687 LEU A O   1 
ATOM   534  C CB  . LEU A 1 65  ? 2.233   0.924   5.273   1.00 30.75 ? 687 LEU A CB  1 
ATOM   535  C CG  . LEU A 1 65  ? 0.777   0.780   5.723   1.00 34.21 ? 687 LEU A CG  1 
ATOM   536  C CD1 . LEU A 1 65  ? 0.121   2.144   5.830   1.00 38.48 ? 687 LEU A CD1 1 
ATOM   537  C CD2 . LEU A 1 65  ? -0.025  -0.124  4.784   1.00 38.87 ? 687 LEU A CD2 1 
ATOM   538  N N   . GLU A 1 66  ? 5.391   0.403   5.664   1.00 32.35 ? 688 GLU A N   1 
ATOM   539  C CA  . GLU A 1 66  ? 6.761   0.462   5.161   1.00 31.96 ? 688 GLU A CA  1 
ATOM   540  C C   . GLU A 1 66  ? 7.406   -0.924  5.127   1.00 37.80 ? 688 GLU A C   1 
ATOM   541  O O   . GLU A 1 66  ? 8.060   -1.294  4.142   1.00 35.32 ? 688 GLU A O   1 
ATOM   542  C CB  . GLU A 1 66  ? 7.587   1.430   6.012   1.00 37.98 ? 688 GLU A CB  1 
ATOM   543  C CG  . GLU A 1 66  ? 9.086   1.183   5.956   1.00 51.87 ? 688 GLU A CG  1 
ATOM   544  C CD  . GLU A 1 66  ? 9.708   1.628   4.650   1.00 62.72 ? 688 GLU A CD  1 
ATOM   545  O OE1 . GLU A 1 66  ? 9.164   2.558   4.016   1.00 71.83 ? 688 GLU A OE1 1 
ATOM   546  O OE2 . GLU A 1 66  ? 10.738  1.044   4.255   1.00 63.79 ? 688 GLU A OE2 1 
ATOM   547  N N   . LEU A 1 67  ? 7.242   -1.702  6.203   1.00 32.33 ? 689 LEU A N   1 
ATOM   548  C CA  . LEU A 1 67  ? 7.815   -3.048  6.235   1.00 31.87 ? 689 LEU A CA  1 
ATOM   549  C C   . LEU A 1 67  ? 7.300   -3.901  5.076   1.00 33.56 ? 689 LEU A C   1 
ATOM   550  O O   . LEU A 1 67  ? 8.081   -4.575  4.394   1.00 31.76 ? 689 LEU A O   1 
ATOM   551  C CB  . LEU A 1 67  ? 7.503   -3.731  7.572   1.00 30.58 ? 689 LEU A CB  1 
ATOM   552  C CG  . LEU A 1 67  ? 7.777   -5.241  7.624   1.00 38.17 ? 689 LEU A CG  1 
ATOM   553  C CD1 . LEU A 1 67  ? 9.257   -5.533  7.414   1.00 42.11 ? 689 LEU A CD1 1 
ATOM   554  C CD2 . LEU A 1 67  ? 7.295   -5.830  8.936   1.00 39.51 ? 689 LEU A CD2 1 
ATOM   555  N N   . PHE A 1 68  ? 5.991   -3.874  4.826   1.00 32.56 ? 690 PHE A N   1 
ATOM   556  C CA  . PHE A 1 68  ? 5.361   -4.718  3.816   1.00 32.92 ? 690 PHE A CA  1 
ATOM   557  C C   . PHE A 1 68  ? 5.266   -4.038  2.452   1.00 33.33 ? 690 PHE A C   1 
ATOM   558  O O   . PHE A 1 68  ? 4.368   -4.368  1.669   1.00 33.07 ? 690 PHE A O   1 
ATOM   559  C CB  . PHE A 1 68  ? 3.971   -5.146  4.299   1.00 32.07 ? 690 PHE A CB  1 
ATOM   560  C CG  . PHE A 1 68  ? 4.009   -6.034  5.520   1.00 31.56 ? 690 PHE A CG  1 
ATOM   561  C CD1 . PHE A 1 68  ? 4.658   -7.252  5.472   1.00 30.97 ? 690 PHE A CD1 1 
ATOM   562  C CD2 . PHE A 1 68  ? 3.400   -5.648  6.703   1.00 34.11 ? 690 PHE A CD2 1 
ATOM   563  C CE1 . PHE A 1 68  ? 4.711   -8.068  6.589   1.00 35.92 ? 690 PHE A CE1 1 
ATOM   564  C CE2 . PHE A 1 68  ? 3.441   -6.461  7.818   1.00 43.48 ? 690 PHE A CE2 1 
ATOM   565  C CZ  . PHE A 1 68  ? 4.097   -7.667  7.763   1.00 34.90 ? 690 PHE A CZ  1 
ATOM   566  N N   . SER A 1 69  ? 6.181   -3.113  2.144   1.00 34.58 ? 691 SER A N   1 
ATOM   567  C CA  . SER A 1 69  ? 6.048   -2.322  0.920   1.00 41.45 ? 691 SER A CA  1 
ATOM   568  C C   . SER A 1 69  ? 6.143   -3.198  -0.328  1.00 38.29 ? 691 SER A C   1 
ATOM   569  O O   . SER A 1 69  ? 5.480   -2.922  -1.343  1.00 37.86 ? 691 SER A O   1 
ATOM   570  C CB  . SER A 1 69  ? 7.111   -1.223  0.897   1.00 37.07 ? 691 SER A CB  1 
ATOM   571  O OG  . SER A 1 69  ? 8.407   -1.775  0.978   1.00 37.42 ? 691 SER A OG  1 
ATOM   572  N N   . GLU A 1 70  ? 6.942   -4.273  -0.262  1.00 35.26 ? 692 GLU A N   1 
ATOM   573  C CA  . GLU A 1 70  ? 7.080   -5.168  -1.409  1.00 35.98 ? 692 GLU A CA  1 
ATOM   574  C C   . GLU A 1 70  ? 5.823   -5.994  -1.634  1.00 34.75 ? 692 GLU A C   1 
ATOM   575  O O   . GLU A 1 70  ? 5.461   -6.266  -2.787  1.00 37.54 ? 692 GLU A O   1 
ATOM   576  C CB  . GLU A 1 70  ? 8.284   -6.085  -1.222  1.00 43.66 ? 692 GLU A CB  1 
ATOM   577  C CG  . GLU A 1 70  ? 9.614   -5.356  -1.195  1.00 47.28 ? 692 GLU A CG  1 
ATOM   578  C CD  . GLU A 1 70  ? 10.018  -4.819  -2.557  1.00 60.18 ? 692 GLU A CD  1 
ATOM   579  O OE1 . GLU A 1 70  ? 10.639  -3.735  -2.610  1.00 65.56 ? 692 GLU A OE1 1 
ATOM   580  O OE2 . GLU A 1 70  ? 9.715   -5.485  -3.572  1.00 63.67 ? 692 GLU A OE2 1 
ATOM   581  N N   . CYS A 1 71  ? 5.155   -6.414  -0.557  1.00 30.87 ? 693 CYS A N   1 
ATOM   582  C CA  . CYS A 1 71  ? 3.870   -7.088  -0.703  1.00 29.90 ? 693 CYS A CA  1 
ATOM   583  C C   . CYS A 1 71  ? 2.892   -6.216  -1.460  1.00 31.02 ? 693 CYS A C   1 
ATOM   584  O O   . CYS A 1 71  ? 2.212   -6.681  -2.381  1.00 32.45 ? 693 CYS A O   1 
ATOM   585  C CB  . CYS A 1 71  ? 3.279   -7.425  0.657   1.00 31.40 ? 693 CYS A CB  1 
ATOM   586  S SG  . CYS A 1 71  ? 4.297   -8.575  1.550   1.00 37.45 ? 693 CYS A SG  1 
ATOM   587  N N   . ILE A 1 72  ? 2.793   -4.951  -1.057  1.00 30.96 ? 694 ILE A N   1 
ATOM   588  C CA  . ILE A 1 72  ? 1.782   -4.062  -1.619  1.00 34.03 ? 694 ILE A CA  1 
ATOM   589  C C   . ILE A 1 72  ? 2.098   -3.739  -3.070  1.00 31.84 ? 694 ILE A C   1 
ATOM   590  O O   . ILE A 1 72  ? 1.230   -3.836  -3.943  1.00 31.58 ? 694 ILE A O   1 
ATOM   591  C CB  . ILE A 1 72  ? 1.658   -2.791  -0.761  1.00 34.78 ? 694 ILE A CB  1 
ATOM   592  C CG1 . ILE A 1 72  ? 1.045   -3.132  0.597   1.00 38.61 ? 694 ILE A CG1 1 
ATOM   593  C CG2 . ILE A 1 72  ? 0.840   -1.723  -1.476  1.00 35.70 ? 694 ILE A CG2 1 
ATOM   594  C CD1 . ILE A 1 72  ? 1.177   -2.020  1.606   1.00 39.81 ? 694 ILE A CD1 1 
ATOM   595  N N   . LYS A 1 73  ? 3.338   -3.345  -3.354  1.00 33.57 ? 695 LYS A N   1 
ATOM   596  C CA  . LYS A 1 73  ? 3.616   -2.880  -4.704  1.00 34.72 ? 695 LYS A CA  1 
ATOM   597  C C   . LYS A 1 73  ? 3.606   -4.025  -5.713  1.00 37.94 ? 695 LYS A C   1 
ATOM   598  O O   . LYS A 1 73  ? 3.324   -3.796  -6.897  1.00 33.08 ? 695 LYS A O   1 
ATOM   599  C CB  . LYS A 1 73  ? 4.934   -2.120  -4.737  1.00 36.09 ? 695 LYS A CB  1 
ATOM   600  C CG  . LYS A 1 73  ? 6.114   -2.950  -5.110  1.00 38.42 ? 695 LYS A CG  1 
ATOM   601  C CD  . LYS A 1 73  ? 7.330   -2.071  -5.287  1.00 42.90 ? 695 LYS A CD  1 
ATOM   602  C CE  . LYS A 1 73  ? 8.576   -2.894  -5.568  1.00 49.96 ? 695 LYS A CE  1 
ATOM   603  N NZ  . LYS A 1 73  ? 9.648   -2.063  -6.187  1.00 56.44 ? 695 LYS A NZ  1 
ATOM   604  N N   . ASN A 1 74  ? 3.859   -5.260  -5.268  1.00 30.64 ? 696 ASN A N   1 
ATOM   605  C CA  . ASN A 1 74  ? 3.748   -6.432  -6.135  1.00 34.30 ? 696 ASN A CA  1 
ATOM   606  C C   . ASN A 1 74  ? 2.394   -7.137  -6.044  1.00 30.28 ? 696 ASN A C   1 
ATOM   607  O O   . ASN A 1 74  ? 2.213   -8.179  -6.691  1.00 32.26 ? 696 ASN A O   1 
ATOM   608  C CB  . ASN A 1 74  ? 4.861   -7.442  -5.814  1.00 36.05 ? 696 ASN A CB  1 
ATOM   609  C CG  . ASN A 1 74  ? 6.239   -6.921  -6.168  1.00 42.17 ? 696 ASN A CG  1 
ATOM   610  O OD1 . ASN A 1 74  ? 6.489   -6.533  -7.308  1.00 41.80 ? 696 ASN A OD1 1 
ATOM   611  N ND2 . ASN A 1 74  ? 7.144   -6.915  -5.188  1.00 46.26 ? 696 ASN A ND2 1 
ATOM   612  N N   . SER A 1 75  ? 1.450   -6.618  -5.257  1.00 29.20 ? 697 SER A N   1 
ATOM   613  C CA  . SER A 1 75  ? 0.141   -7.257  -5.054  1.00 30.87 ? 697 SER A CA  1 
ATOM   614  C C   . SER A 1 75  ? 0.286   -8.743  -4.717  1.00 34.14 ? 697 SER A C   1 
ATOM   615  O O   . SER A 1 75  ? -0.418  -9.600  -5.259  1.00 32.21 ? 697 SER A O   1 
ATOM   616  C CB  . SER A 1 75  ? -0.764  -7.066  -6.277  1.00 33.61 ? 697 SER A CB  1 
ATOM   617  O OG  . SER A 1 75  ? -0.963  -5.689  -6.566  1.00 36.22 ? 697 SER A OG  1 
ATOM   618  N N   . LYS A 1 76  ? 1.203   -9.049  -3.803  1.00 28.15 ? 698 LYS A N   1 
ATOM   619  C CA  . LYS A 1 76  ? 1.583   -10.423 -3.487  1.00 32.22 ? 698 LYS A CA  1 
ATOM   620  C C   . LYS A 1 76  ? 1.674   -10.591 -1.978  1.00 32.39 ? 698 LYS A C   1 
ATOM   621  O O   . LYS A 1 76  ? 2.336   -9.798  -1.304  1.00 36.81 ? 698 LYS A O   1 
ATOM   622  C CB  . LYS A 1 76  ? 2.924   -10.768 -4.149  1.00 35.60 ? 698 LYS A CB  1 
ATOM   623  C CG  . LYS A 1 76  ? 3.355   -12.207 -3.987  1.00 45.47 ? 698 LYS A CG  1 
ATOM   624  C CD  . LYS A 1 76  ? 4.360   -12.590 -5.055  1.00 53.29 ? 698 LYS A CD  1 
ATOM   625  C CE  . LYS A 1 76  ? 4.117   -14.017 -5.520  1.00 60.89 ? 698 LYS A CE  1 
ATOM   626  N NZ  . LYS A 1 76  ? 4.857   -14.318 -6.772  1.00 64.61 ? 698 LYS A NZ  1 
ATOM   627  N N   . LEU A 1 77  ? 1.029   -11.630 -1.453  1.00 30.49 ? 699 LEU A N   1 
ATOM   628  C CA  . LEU A 1 77  ? 0.950   -11.858 -0.022  1.00 27.24 ? 699 LEU A CA  1 
ATOM   629  C C   . LEU A 1 77  ? 2.085   -12.759 0.435   1.00 30.21 ? 699 LEU A C   1 
ATOM   630  O O   . LEU A 1 77  ? 2.624   -13.528 -0.358  1.00 33.70 ? 699 LEU A O   1 
ATOM   631  C CB  . LEU A 1 77  ? -0.379  -12.500 0.326   1.00 29.58 ? 699 LEU A CB  1 
ATOM   632  C CG  . LEU A 1 77  ? -1.591  -11.582 0.199   1.00 32.01 ? 699 LEU A CG  1 
ATOM   633  C CD1 . LEU A 1 77  ? -2.839  -12.428 0.265   1.00 35.64 ? 699 LEU A CD1 1 
ATOM   634  C CD2 . LEU A 1 77  ? -1.579  -10.531 1.304   1.00 29.67 ? 699 LEU A CD2 1 
ATOM   635  N N   . PRO A 1 78  ? 2.459   -12.680 1.716   1.00 28.30 ? 700 PRO A N   1 
ATOM   636  C CA  . PRO A 1 78  ? 3.597   -13.484 2.207   1.00 31.18 ? 700 PRO A CA  1 
ATOM   637  C C   . PRO A 1 78  ? 3.440   -14.984 2.032   1.00 31.44 ? 700 PRO A C   1 
ATOM   638  O O   . PRO A 1 78  ? 4.452   -15.695 1.893   1.00 39.54 ? 700 PRO A O   1 
ATOM   639  C CB  . PRO A 1 78  ? 3.662   -13.109 3.693   1.00 31.75 ? 700 PRO A CB  1 
ATOM   640  C CG  . PRO A 1 78  ? 3.115   -11.725 3.744   1.00 30.54 ? 700 PRO A CG  1 
ATOM   641  C CD  . PRO A 1 78  ? 2.014   -11.700 2.719   1.00 29.67 ? 700 PRO A CD  1 
ATOM   642  N N   . SER A 1 79  ? 2.212   -15.501 2.073   1.00 32.56 ? 701 SER A N   1 
ATOM   643  C CA  . SER A 1 79  ? 2.026   -16.940 1.949   1.00 40.39 ? 701 SER A CA  1 
ATOM   644  C C   . SER A 1 79  ? 2.314   -17.423 0.538   1.00 40.27 ? 701 SER A C   1 
ATOM   645  O O   . SER A 1 79  ? 2.465   -18.629 0.325   1.00 39.26 ? 701 SER A O   1 
ATOM   646  C CB  . SER A 1 79  ? 0.617   -17.349 2.367   1.00 36.77 ? 701 SER A CB  1 
ATOM   647  O OG  . SER A 1 79  ? -0.358  -16.830 1.482   1.00 40.69 ? 701 SER A OG  1 
ATOM   648  N N   . HIS A 1 80  ? 2.409   -16.507 -0.423  1.00 33.50 ? 702 HIS A N   1 
ATOM   649  C CA  . HIS A 1 80  ? 2.812   -16.836 -1.780  1.00 36.89 ? 702 HIS A CA  1 
ATOM   650  C C   . HIS A 1 80  ? 4.262   -16.471 -2.062  1.00 38.89 ? 702 HIS A C   1 
ATOM   651  O O   . HIS A 1 80  ? 4.685   -16.503 -3.223  1.00 45.29 ? 702 HIS A O   1 
ATOM   652  C CB  . HIS A 1 80  ? 1.886   -16.142 -2.775  1.00 41.15 ? 702 HIS A CB  1 
ATOM   653  C CG  . HIS A 1 80  ? 0.458   -16.567 -2.643  1.00 40.77 ? 702 HIS A CG  1 
ATOM   654  N ND1 . HIS A 1 80  ? -0.004  -17.768 -3.141  1.00 50.97 ? 702 HIS A ND1 1 
ATOM   655  C CD2 . HIS A 1 80  ? -0.599  -15.975 -2.036  1.00 42.51 ? 702 HIS A CD2 1 
ATOM   656  C CE1 . HIS A 1 80  ? -1.290  -17.885 -2.863  1.00 55.55 ? 702 HIS A CE1 1 
ATOM   657  N NE2 . HIS A 1 80  ? -1.675  -16.812 -2.191  1.00 47.76 ? 702 HIS A NE2 1 
ATOM   658  N N   . MET A 1 81  ? 5.024   -16.096 -1.039  1.00 36.71 ? 703 MET A N   1 
ATOM   659  C CA  . MET A 1 81  ? 6.454   -15.862 -1.178  1.00 42.65 ? 703 MET A CA  1 
ATOM   660  C C   . MET A 1 81  ? 7.241   -17.043 -0.596  1.00 37.47 ? 703 MET A C   1 
ATOM   661  O O   . MET A 1 81  ? 6.676   -18.012 -0.079  1.00 41.25 ? 703 MET A O   1 
ATOM   662  C CB  . MET A 1 81  ? 6.839   -14.540 -0.511  1.00 43.30 ? 703 MET A CB  1 
ATOM   663  C CG  . MET A 1 81  ? 6.223   -13.307 -1.182  1.00 37.48 ? 703 MET A CG  1 
ATOM   664  S SD  . MET A 1 81  ? 6.262   -11.820 -0.150  1.00 46.56 ? 703 MET A SD  1 
ATOM   665  C CE  . MET A 1 81  ? 8.010   -11.473 -0.053  1.00 54.09 ? 703 MET A CE  1 
ATOM   666  N N   . SER A 1 82  ? 8.567   -16.953 -0.685  1.00 41.66 ? 704 SER A N   1 
ATOM   667  C CA  . SER A 1 82  ? 9.438   -18.023 -0.218  1.00 41.76 ? 704 SER A CA  1 
ATOM   668  C C   . SER A 1 82  ? 9.449   -18.099 1.306   1.00 38.19 ? 704 SER A C   1 
ATOM   669  O O   . SER A 1 82  ? 9.102   -17.144 2.009   1.00 35.72 ? 704 SER A O   1 
ATOM   670  C CB  . SER A 1 82  ? 10.865  -17.822 -0.737  1.00 41.57 ? 704 SER A CB  1 
ATOM   671  O OG  . SER A 1 82  ? 11.499  -16.701 -0.134  1.00 50.00 ? 704 SER A OG  1 
ATOM   672  N N   . LEU A 1 83  ? 9.863   -19.267 1.816   1.00 45.22 ? 705 LEU A N   1 
ATOM   673  C CA  . LEU A 1 83  ? 10.050  -19.414 3.256   1.00 41.10 ? 705 LEU A CA  1 
ATOM   674  C C   . LEU A 1 83  ? 10.992  -18.348 3.796   1.00 34.90 ? 705 LEU A C   1 
ATOM   675  O O   . LEU A 1 83  ? 10.709  -17.731 4.830   1.00 31.64 ? 705 LEU A O   1 
ATOM   676  C CB  . LEU A 1 83  ? 10.576  -20.814 3.594   1.00 38.57 ? 705 LEU A CB  1 
ATOM   677  C CG  . LEU A 1 83  ? 10.905  -21.057 5.072   1.00 39.43 ? 705 LEU A CG  1 
ATOM   678  C CD1 . LEU A 1 83  ? 9.685   -20.865 5.959   1.00 36.74 ? 705 LEU A CD1 1 
ATOM   679  C CD2 . LEU A 1 83  ? 11.517  -22.451 5.288   1.00 43.03 ? 705 LEU A CD2 1 
ATOM   680  N N   . LYS A 1 84  ? 12.117  -18.116 3.107   1.00 43.31 ? 706 LYS A N   1 
ATOM   681  C CA  . LYS A 1 84  ? 13.058  -17.091 3.550   1.00 42.32 ? 706 LYS A CA  1 
ATOM   682  C C   . LYS A 1 84  ? 12.369  -15.740 3.708   1.00 41.70 ? 706 LYS A C   1 
ATOM   683  O O   . LYS A 1 84  ? 12.584  -15.036 4.706   1.00 34.95 ? 706 LYS A O   1 
ATOM   684  C CB  . LYS A 1 84  ? 14.226  -16.975 2.570   1.00 43.64 ? 706 LYS A CB  1 
ATOM   685  C CG  . LYS A 1 84  ? 15.205  -18.145 2.573   1.00 55.12 ? 706 LYS A CG  1 
ATOM   686  C CD  . LYS A 1 84  ? 16.534  -17.716 1.956   1.00 55.72 ? 706 LYS A CD  1 
ATOM   687  C CE  . LYS A 1 84  ? 17.370  -18.911 1.518   1.00 62.13 ? 706 LYS A CE  1 
ATOM   688  N NZ  . LYS A 1 84  ? 17.389  -19.968 2.559   1.00 62.68 ? 706 LYS A NZ  1 
ATOM   689  N N   . ASP A 1 85  ? 11.529  -15.365 2.738   1.00 41.89 ? 707 ASP A N   1 
ATOM   690  C CA  . ASP A 1 85  ? 10.831  -14.085 2.810   1.00 37.92 ? 707 ASP A CA  1 
ATOM   691  C C   . ASP A 1 85  ? 9.848   -14.050 3.973   1.00 37.51 ? 707 ASP A C   1 
ATOM   692  O O   . ASP A 1 85  ? 9.715   -13.025 4.662   1.00 36.43 ? 707 ASP A O   1 
ATOM   693  C CB  . ASP A 1 85  ? 10.093  -13.812 1.495   1.00 40.91 ? 707 ASP A CB  1 
ATOM   694  C CG  . ASP A 1 85  ? 11.029  -13.444 0.361   1.00 48.60 ? 707 ASP A CG  1 
ATOM   695  O OD1 . ASP A 1 85  ? 12.177  -13.042 0.649   1.00 51.24 ? 707 ASP A OD1 1 
ATOM   696  O OD2 . ASP A 1 85  ? 10.623  -13.557 -0.819  1.00 50.81 ? 707 ASP A OD2 1 
ATOM   697  N N   . GLN A 1 86  ? 9.124   -15.151 4.184   1.00 30.66 ? 708 GLN A N   1 
ATOM   698  C CA  . GLN A 1 86  ? 8.178   -15.212 5.292   1.00 30.41 ? 708 GLN A CA  1 
ATOM   699  C C   . GLN A 1 86  ? 8.897   -15.037 6.624   1.00 33.66 ? 708 GLN A C   1 
ATOM   700  O O   . GLN A 1 86  ? 8.463   -14.264 7.489   1.00 31.14 ? 708 GLN A O   1 
ATOM   701  C CB  . GLN A 1 86  ? 7.416   -16.543 5.250   1.00 31.31 ? 708 GLN A CB  1 
ATOM   702  C CG  . GLN A 1 86  ? 6.554   -16.761 3.991   1.00 33.26 ? 708 GLN A CG  1 
ATOM   703  C CD  . GLN A 1 86  ? 6.048   -18.195 3.862   1.00 37.84 ? 708 GLN A CD  1 
ATOM   704  O OE1 . GLN A 1 86  ? 6.415   -19.070 4.655   1.00 43.20 ? 708 GLN A OE1 1 
ATOM   705  N NE2 . GLN A 1 86  ? 5.214   -18.444 2.851   1.00 36.86 ? 708 GLN A NE2 1 
ATOM   706  N N   . LEU A 1 87  ? 10.003  -15.763 6.806   1.00 35.50 ? 709 LEU A N   1 
ATOM   707  C CA  . LEU A 1 87  ? 10.786  -15.629 8.027   1.00 36.69 ? 709 LEU A CA  1 
ATOM   708  C C   . LEU A 1 87  ? 11.315  -14.216 8.185   1.00 40.18 ? 709 LEU A C   1 
ATOM   709  O O   . LEU A 1 87  ? 11.327  -13.674 9.294   1.00 35.65 ? 709 LEU A O   1 
ATOM   710  C CB  . LEU A 1 87  ? 11.942  -16.629 8.025   1.00 34.49 ? 709 LEU A CB  1 
ATOM   711  C CG  . LEU A 1 87  ? 11.471  -18.068 8.203   1.00 35.04 ? 709 LEU A CG  1 
ATOM   712  C CD1 . LEU A 1 87  ? 12.637  -19.020 8.018   1.00 43.49 ? 709 LEU A CD1 1 
ATOM   713  C CD2 . LEU A 1 87  ? 10.845  -18.235 9.585   1.00 41.56 ? 709 LEU A CD2 1 
ATOM   714  N N   . PHE A 1 88  ? 11.754  -13.596 7.085   1.00 39.92 ? 710 PHE A N   1 
ATOM   715  C CA  . PHE A 1 88  ? 12.224  -12.218 7.169   1.00 41.78 ? 710 PHE A CA  1 
ATOM   716  C C   . PHE A 1 88  ? 11.138  -11.319 7.729   1.00 36.86 ? 710 PHE A C   1 
ATOM   717  O O   . PHE A 1 88  ? 11.368  -10.563 8.675   1.00 36.75 ? 710 PHE A O   1 
ATOM   718  C CB  . PHE A 1 88  ? 12.681  -11.710 5.799   1.00 43.01 ? 710 PHE A CB  1 
ATOM   719  C CG  . PHE A 1 88  ? 12.796  -10.206 5.720   1.00 46.33 ? 710 PHE A CG  1 
ATOM   720  C CD1 . PHE A 1 88  ? 13.938  -9.560  6.171   1.00 55.30 ? 710 PHE A CD1 1 
ATOM   721  C CD2 . PHE A 1 88  ? 11.754  -9.442  5.214   1.00 43.47 ? 710 PHE A CD2 1 
ATOM   722  C CE1 . PHE A 1 88  ? 14.039  -8.178  6.109   1.00 52.24 ? 710 PHE A CE1 1 
ATOM   723  C CE2 . PHE A 1 88  ? 11.850  -8.063  5.152   1.00 51.26 ? 710 PHE A CE2 1 
ATOM   724  C CZ  . PHE A 1 88  ? 12.997  -7.432  5.599   1.00 52.69 ? 710 PHE A CZ  1 
ATOM   725  N N   . TYR A 1 89  ? 9.935   -11.402 7.156   1.00 39.18 ? 711 TYR A N   1 
ATOM   726  C CA  . TYR A 1 89  ? 8.850   -10.528 7.592   1.00 34.33 ? 711 TYR A CA  1 
ATOM   727  C C   . TYR A 1 89  ? 8.475   -10.780 9.044   1.00 36.67 ? 711 TYR A C   1 
ATOM   728  O O   . TYR A 1 89  ? 8.259   -9.835  9.812   1.00 31.58 ? 711 TYR A O   1 
ATOM   729  C CB  . TYR A 1 89  ? 7.634   -10.721 6.697   1.00 37.49 ? 711 TYR A CB  1 
ATOM   730  C CG  . TYR A 1 89  ? 7.752   -9.994  5.400   1.00 35.52 ? 711 TYR A CG  1 
ATOM   731  C CD1 . TYR A 1 89  ? 8.119   -8.653  5.366   1.00 35.38 ? 711 TYR A CD1 1 
ATOM   732  C CD2 . TYR A 1 89  ? 7.521   -10.649 4.203   1.00 40.59 ? 711 TYR A CD2 1 
ATOM   733  C CE1 . TYR A 1 89  ? 8.229   -7.978  4.167   1.00 42.06 ? 711 TYR A CE1 1 
ATOM   734  C CE2 . TYR A 1 89  ? 7.624   -9.987  3.007   1.00 44.39 ? 711 TYR A CE2 1 
ATOM   735  C CZ  . TYR A 1 89  ? 7.981   -8.654  2.992   1.00 44.74 ? 711 TYR A CZ  1 
ATOM   736  O OH  . TYR A 1 89  ? 8.084   -7.999  1.783   1.00 51.24 ? 711 TYR A OH  1 
ATOM   737  N N   . LEU A 1 90  ? 8.372   -12.050 9.435   1.00 34.58 ? 712 LEU A N   1 
ATOM   738  C CA  . LEU A 1 90  ? 7.976   -12.361 10.804  1.00 30.37 ? 712 LEU A CA  1 
ATOM   739  C C   . LEU A 1 90  ? 9.039   -11.905 11.804  1.00 30.37 ? 712 LEU A C   1 
ATOM   740  O O   . LEU A 1 90  ? 8.720   -11.324 12.857  1.00 33.01 ? 712 LEU A O   1 
ATOM   741  C CB  . LEU A 1 90  ? 7.701   -13.861 10.921  1.00 31.87 ? 712 LEU A CB  1 
ATOM   742  C CG  . LEU A 1 90  ? 6.449   -14.343 10.172  1.00 30.76 ? 712 LEU A CG  1 
ATOM   743  C CD1 . LEU A 1 90  ? 6.499   -15.840 9.878   1.00 36.96 ? 712 LEU A CD1 1 
ATOM   744  C CD2 . LEU A 1 90  ? 5.201   -14.003 10.971  1.00 31.88 ? 712 LEU A CD2 1 
ATOM   745  N N   . ASP A 1 91  ? 10.311  -12.125 11.475  1.00 34.14 ? 713 ASP A N   1 
ATOM   746  C CA  . ASP A 1 91  ? 11.386  -11.706 12.365  1.00 38.63 ? 713 ASP A CA  1 
ATOM   747  C C   . ASP A 1 91  ? 11.487  -10.191 12.440  1.00 40.85 ? 713 ASP A C   1 
ATOM   748  O O   . ASP A 1 91  ? 11.804  -9.637  13.501  1.00 39.53 ? 713 ASP A O   1 
ATOM   749  C CB  . ASP A 1 91  ? 12.709  -12.310 11.902  1.00 43.03 ? 713 ASP A CB  1 
ATOM   750  C CG  . ASP A 1 91  ? 12.780  -13.819 12.119  1.00 42.92 ? 713 ASP A CG  1 
ATOM   751  O OD1 . ASP A 1 91  ? 12.014  -14.356 12.957  1.00 44.86 ? 713 ASP A OD1 1 
ATOM   752  O OD2 . ASP A 1 91  ? 13.624  -14.465 11.461  1.00 37.81 ? 713 ASP A OD2 1 
ATOM   753  N N   . LYS A 1 92  ? 11.212  -9.502  11.327  1.00 38.66 ? 714 LYS A N   1 
ATOM   754  C CA  . LYS A 1 92  ? 11.246  -8.046  11.337  1.00 43.82 ? 714 LYS A CA  1 
ATOM   755  C C   . LYS A 1 92  ? 10.077  -7.476  12.118  1.00 37.28 ? 714 LYS A C   1 
ATOM   756  O O   . LYS A 1 92  ? 10.222  -6.453  12.787  1.00 41.69 ? 714 LYS A O   1 
ATOM   757  C CB  . LYS A 1 92  ? 11.246  -7.495  9.912   1.00 47.31 ? 714 LYS A CB  1 
ATOM   758  C CG  . LYS A 1 92  ? 12.589  -6.931  9.470   1.00 55.31 ? 714 LYS A CG  1 
ATOM   759  C CD  . LYS A 1 92  ? 12.982  -5.694  10.275  1.00 56.69 ? 714 LYS A CD  1 
ATOM   760  C CE  . LYS A 1 92  ? 13.879  -4.758  9.464   1.00 66.04 ? 714 LYS A CE  1 
ATOM   761  N NZ  . LYS A 1 92  ? 15.332  -5.082  9.553   1.00 66.47 ? 714 LYS A NZ  1 
ATOM   762  N N   . LEU A 1 93  ? 8.905   -8.108  12.032  1.00 37.90 ? 715 LEU A N   1 
ATOM   763  C CA  . LEU A 1 93  ? 7.812   -7.722  12.915  1.00 37.16 ? 715 LEU A CA  1 
ATOM   764  C C   . LEU A 1 93  ? 8.235   -7.819  14.373  1.00 42.26 ? 715 LEU A C   1 
ATOM   765  O O   . LEU A 1 93  ? 8.066   -6.859  15.136  1.00 41.02 ? 715 LEU A O   1 
ATOM   766  C CB  . LEU A 1 93  ? 6.576   -8.588  12.674  1.00 44.07 ? 715 LEU A CB  1 
ATOM   767  C CG  . LEU A 1 93  ? 5.538   -8.173  11.634  1.00 49.73 ? 715 LEU A CG  1 
ATOM   768  C CD1 . LEU A 1 93  ? 4.364   -9.127  11.683  1.00 44.68 ? 715 LEU A CD1 1 
ATOM   769  C CD2 . LEU A 1 93  ? 5.072   -6.745  11.871  1.00 46.19 ? 715 LEU A CD2 1 
ATOM   770  N N   . LEU A 1 94  ? 8.787   -8.969  14.779  1.00 40.80 ? 716 LEU A N   1 
ATOM   771  C CA  . LEU A 1 94  ? 9.225   -9.107  16.170  1.00 40.61 ? 716 LEU A CA  1 
ATOM   772  C C   . LEU A 1 94  ? 10.265  -8.044  16.539  1.00 37.92 ? 716 LEU A C   1 
ATOM   773  O O   . LEU A 1 94  ? 10.201  -7.463  17.630  1.00 43.32 ? 716 LEU A O   1 
ATOM   774  C CB  . LEU A 1 94  ? 9.773   -10.515 16.426  1.00 41.45 ? 716 LEU A CB  1 
ATOM   775  C CG  . LEU A 1 94  ? 8.799   -11.707 16.401  1.00 37.27 ? 716 LEU A CG  1 
ATOM   776  C CD1 . LEU A 1 94  ? 9.534   -13.020 16.557  1.00 45.62 ? 716 LEU A CD1 1 
ATOM   777  C CD2 . LEU A 1 94  ? 7.755   -11.577 17.489  1.00 44.33 ? 716 LEU A CD2 1 
ATOM   778  N N   . GLU A 1 95  ? 11.227  -7.771  15.649  1.00 37.51 ? 717 GLU A N   1 
ATOM   779  C CA  . GLU A 1 95  ? 12.272  -6.783  15.947  1.00 41.48 ? 717 GLU A CA  1 
ATOM   780  C C   . GLU A 1 95  ? 11.699  -5.370  16.056  1.00 40.40 ? 717 GLU A C   1 
ATOM   781  O O   . GLU A 1 95  ? 12.011  -4.622  16.995  1.00 37.29 ? 717 GLU A O   1 
ATOM   782  C CB  . GLU A 1 95  ? 13.354  -6.831  14.866  1.00 43.64 ? 717 GLU A CB  1 
ATOM   783  C CG  . GLU A 1 95  ? 14.545  -5.908  15.107  1.00 49.45 ? 717 GLU A CG  1 
ATOM   784  C CD  . GLU A 1 95  ? 14.969  -5.148  13.864  1.00 63.34 ? 717 GLU A CD  1 
ATOM   785  O OE1 . GLU A 1 95  ? 14.190  -4.285  13.408  1.00 65.97 ? 717 GLU A OE1 1 
ATOM   786  O OE2 . GLU A 1 95  ? 16.067  -5.431  13.334  1.00 69.89 ? 717 GLU A OE2 1 
ATOM   787  N N   . ASN A 1 96  ? 10.894  -4.972  15.072  1.00 41.47 ? 718 ASN A N   1 
ATOM   788  C CA  . ASN A 1 96  ? 10.171  -3.713  15.146  1.00 45.62 ? 718 ASN A CA  1 
ATOM   789  C C   . ASN A 1 96  ? 9.440   -3.574  16.469  1.00 39.78 ? 718 ASN A C   1 
ATOM   790  O O   . ASN A 1 96  ? 9.572   -2.557  17.154  1.00 49.73 ? 718 ASN A O   1 
ATOM   791  C CB  . ASN A 1 96  ? 9.180   -3.616  13.981  1.00 42.29 ? 718 ASN A CB  1 
ATOM   792  C CG  . ASN A 1 96  ? 9.818   -3.094  12.720  1.00 52.81 ? 718 ASN A CG  1 
ATOM   793  O OD1 . ASN A 1 96  ? 9.146   -2.515  11.862  1.00 62.89 ? 718 ASN A OD1 1 
ATOM   794  N ND2 . ASN A 1 96  ? 11.127  -3.279  12.604  1.00 52.65 ? 718 ASN A ND2 1 
ATOM   795  N N   . LEU A 1 97  ? 8.665   -4.590  16.852  1.00 39.76 ? 719 LEU A N   1 
ATOM   796  C CA  . LEU A 1 97  ? 7.870   -4.473  18.069  1.00 39.38 ? 719 LEU A CA  1 
ATOM   797  C C   . LEU A 1 97  ? 8.755   -4.363  19.304  1.00 52.13 ? 719 LEU A C   1 
ATOM   798  O O   . LEU A 1 97  ? 8.460   -3.578  20.214  1.00 49.23 ? 719 LEU A O   1 
ATOM   799  C CB  . LEU A 1 97  ? 6.908   -5.656  18.198  1.00 47.30 ? 719 LEU A CB  1 
ATOM   800  C CG  . LEU A 1 97  ? 5.488   -5.493  17.633  1.00 55.85 ? 719 LEU A CG  1 
ATOM   801  C CD1 . LEU A 1 97  ? 5.453   -5.469  16.099  1.00 59.16 ? 719 LEU A CD1 1 
ATOM   802  C CD2 . LEU A 1 97  ? 4.596   -6.588  18.189  1.00 53.62 ? 719 LEU A CD2 1 
ATOM   803  N N   . TYR A 1 98  ? 9.845   -5.135  19.356  1.00 43.03 ? 720 TYR A N   1 
ATOM   804  C CA  . TYR A 1 98  ? 10.746  -5.046  20.503  1.00 44.06 ? 720 TYR A CA  1 
ATOM   805  C C   . TYR A 1 98  ? 11.352  -3.649  20.617  1.00 49.59 ? 720 TYR A C   1 
ATOM   806  O O   . TYR A 1 98  ? 11.285  -3.016  21.680  1.00 55.82 ? 720 TYR A O   1 
ATOM   807  C CB  . TYR A 1 98  ? 11.848  -6.107  20.409  1.00 45.39 ? 720 TYR A CB  1 
ATOM   808  C CG  . TYR A 1 98  ? 12.868  -6.010  21.539  1.00 41.74 ? 720 TYR A CG  1 
ATOM   809  C CD1 . TYR A 1 98  ? 12.644  -6.632  22.761  1.00 49.49 ? 720 TYR A CD1 1 
ATOM   810  C CD2 . TYR A 1 98  ? 14.032  -5.264  21.387  1.00 44.96 ? 720 TYR A CD2 1 
ATOM   811  C CE1 . TYR A 1 98  ? 13.568  -6.538  23.802  1.00 41.79 ? 720 TYR A CE1 1 
ATOM   812  C CE2 . TYR A 1 98  ? 14.953  -5.147  22.415  1.00 41.86 ? 720 TYR A CE2 1 
ATOM   813  C CZ  . TYR A 1 98  ? 14.719  -5.788  23.621  1.00 50.12 ? 720 TYR A CZ  1 
ATOM   814  O OH  . TYR A 1 98  ? 15.631  -5.686  24.649  1.00 51.18 ? 720 TYR A OH  1 
ATOM   815  N N   . PHE A 1 99  ? 11.961  -3.151  19.535  1.00 48.86 ? 721 PHE A N   1 
ATOM   816  C CA  . PHE A 1 99  ? 12.693  -1.890  19.642  1.00 49.86 ? 721 PHE A CA  1 
ATOM   817  C C   . PHE A 1 99  ? 11.766  -0.691  19.732  1.00 55.63 ? 721 PHE A C   1 
ATOM   818  O O   . PHE A 1 99  ? 12.123  0.315   20.355  1.00 64.66 ? 721 PHE A O   1 
ATOM   819  C CB  . PHE A 1 99  ? 13.661  -1.720  18.471  1.00 48.05 ? 721 PHE A CB  1 
ATOM   820  C CG  . PHE A 1 99  ? 14.885  -2.552  18.596  1.00 45.64 ? 721 PHE A CG  1 
ATOM   821  C CD1 . PHE A 1 99  ? 15.726  -2.399  19.689  1.00 49.45 ? 721 PHE A CD1 1 
ATOM   822  C CD2 . PHE A 1 99  ? 15.200  -3.495  17.637  1.00 45.44 ? 721 PHE A CD2 1 
ATOM   823  C CE1 . PHE A 1 99  ? 16.853  -3.164  19.823  1.00 44.57 ? 721 PHE A CE1 1 
ATOM   824  C CE2 . PHE A 1 99  ? 16.333  -4.265  17.758  1.00 45.92 ? 721 PHE A CE2 1 
ATOM   825  C CZ  . PHE A 1 99  ? 17.168  -4.108  18.857  1.00 54.41 ? 721 PHE A CZ  1 
ATOM   826  N N   . GLN A 1 100 ? 10.587  -0.773  19.114  1.00 55.99 ? 722 GLN A N   1 
ATOM   827  C CA  . GLN A 1 100 ? 9.548   0.216   19.362  1.00 64.39 ? 722 GLN A CA  1 
ATOM   828  C C   . GLN A 1 100 ? 9.167   0.235   20.838  1.00 65.27 ? 722 GLN A C   1 
ATOM   829  O O   . GLN A 1 100 ? 8.913   1.302   21.411  1.00 73.53 ? 722 GLN A O   1 
ATOM   830  C CB  . GLN A 1 100 ? 8.338   -0.088  18.476  1.00 62.43 ? 722 GLN A CB  1 
ATOM   831  C CG  . GLN A 1 100 ? 7.027   0.538   18.920  1.00 68.86 ? 722 GLN A CG  1 
ATOM   832  C CD  . GLN A 1 100 ? 5.820   -0.296  18.507  1.00 68.92 ? 722 GLN A CD  1 
ATOM   833  O OE1 . GLN A 1 100 ? 5.533   -0.455  17.318  1.00 69.78 ? 722 GLN A OE1 1 
ATOM   834  N NE2 . GLN A 1 100 ? 5.115   -0.843  19.495  1.00 62.65 ? 722 GLN A NE2 1 
ATOM   835  N N   . GLY A 1 101 ? 9.149   -0.935  21.474  1.00 64.85 ? 723 GLY A N   1 
ATOM   836  C CA  . GLY A 1 101 ? 8.849   -1.050  22.888  1.00 66.99 ? 723 GLY A CA  1 
ATOM   837  C C   . GLY A 1 101 ? 10.049  -0.832  23.789  1.00 77.38 ? 723 GLY A C   1 
ATOM   838  O O   . GLY A 1 101 ? 10.037  -1.219  24.960  1.00 83.34 ? 723 GLY A O   1 
ATOM   839  N N   . VAL A 1 102 ? 11.106  -0.245  23.231  1.00 77.79 ? 724 VAL A N   1 
ATOM   840  C CA  . VAL A 1 102 ? 12.206  0.312   24.018  1.00 80.17 ? 724 VAL A CA  1 
ATOM   841  C C   . VAL A 1 102 ? 12.552  1.739   23.611  1.00 76.02 ? 724 VAL A C   1 
ATOM   842  O O   . VAL A 1 102 ? 13.145  2.487   24.412  1.00 77.51 ? 724 VAL A O   1 
ATOM   843  C CB  . VAL A 1 102 ? 13.455  -0.604  23.931  1.00 78.20 ? 724 VAL A CB  1 
ATOM   844  C CG1 . VAL A 1 102 ? 14.667  0.013   24.614  1.00 82.14 ? 724 VAL A CG1 1 
ATOM   845  C CG2 . VAL A 1 102 ? 13.163  -1.956  24.570  1.00 75.40 ? 724 VAL A CG2 1 
ATOM   846  N N   . GLU A 1 103 ? 12.165  2.187   22.420  1.00 78.96 ? 725 GLU A N   1 
ATOM   847  C CA  . GLU A 1 103 ? 12.289  3.589   22.025  1.00 83.00 ? 725 GLU A CA  1 
ATOM   848  C C   . GLU A 1 103 ? 11.069  4.381   22.489  1.00 78.94 ? 725 GLU A C   1 
ATOM   849  O O   . GLU A 1 103 ? 9.973   3.832   22.618  1.00 71.76 ? 725 GLU A O   1 
ATOM   850  C CB  . GLU A 1 103 ? 12.453  3.715   20.508  1.00 88.50 ? 725 GLU A CB  1 
ATOM   851  C CG  . GLU A 1 103 ? 13.838  3.348   19.996  1.00 96.41 ? 725 GLU A CG  1 
ATOM   852  C CD  . GLU A 1 103 ? 13.916  3.302   18.479  1.00 98.15 ? 725 GLU A CD  1 
ATOM   853  O OE1 . GLU A 1 103 ? 13.344  4.196   17.818  1.00 96.61 ? 725 GLU A OE1 1 
ATOM   854  O OE2 . GLU A 1 103 ? 14.544  2.361   17.948  1.00 97.25 ? 725 GLU A OE2 1 
ATOM   855  N N   . ASP B 1 2   ? -8.002  -19.821 4.417   1.00 57.76 ? 624 ASP B N   1 
ATOM   856  C CA  . ASP B 1 2   ? -8.649  -18.877 3.515   1.00 56.56 ? 624 ASP B CA  1 
ATOM   857  C C   . ASP B 1 2   ? -7.647  -18.255 2.549   1.00 49.92 ? 624 ASP B C   1 
ATOM   858  O O   . ASP B 1 2   ? -6.587  -17.800 2.957   1.00 55.85 ? 624 ASP B O   1 
ATOM   859  C CB  . ASP B 1 2   ? -9.359  -17.786 4.317   1.00 59.62 ? 624 ASP B CB  1 
ATOM   860  C CG  . ASP B 1 2   ? -10.650 -17.340 3.677   1.00 58.13 ? 624 ASP B CG  1 
ATOM   861  O OD1 . ASP B 1 2   ? -10.617 -16.448 2.807   1.00 64.86 ? 624 ASP B OD1 1 
ATOM   862  O OD2 . ASP B 1 2   ? -11.700 -17.905 4.036   1.00 65.15 ? 624 ASP B OD2 1 
ATOM   863  N N   . GLU B 1 3   ? -7.981  -18.238 1.265   1.00 48.88 ? 625 GLU B N   1 
ATOM   864  C CA  . GLU B 1 3   ? -7.105  -17.664 0.250   1.00 47.52 ? 625 GLU B CA  1 
ATOM   865  C C   . GLU B 1 3   ? -7.440  -16.185 0.069   1.00 41.52 ? 625 GLU B C   1 
ATOM   866  O O   . GLU B 1 3   ? -8.573  -15.839 -0.287  1.00 41.60 ? 625 GLU B O   1 
ATOM   867  C CB  . GLU B 1 3   ? -7.238  -18.420 -1.070  1.00 48.22 ? 625 GLU B CB  1 
ATOM   868  C CG  . GLU B 1 3   ? -6.311  -17.902 -2.151  1.00 44.77 ? 625 GLU B CG  1 
ATOM   869  C CD  . GLU B 1 3   ? -4.896  -17.708 -1.649  1.00 48.81 ? 625 GLU B CD  1 
ATOM   870  O OE1 . GLU B 1 3   ? -4.302  -18.677 -1.120  1.00 55.76 ? 625 GLU B OE1 1 
ATOM   871  O OE2 . GLU B 1 3   ? -4.380  -16.579 -1.771  1.00 43.29 ? 625 GLU B OE2 1 
ATOM   872  N N   . TYR B 1 4   ? -6.457  -15.313 0.305   1.00 37.74 ? 626 TYR B N   1 
ATOM   873  C CA  . TYR B 1 4   ? -6.715  -13.878 0.282   1.00 38.17 ? 626 TYR B CA  1 
ATOM   874  C C   . TYR B 1 4   ? -6.179  -13.158 -0.946  1.00 34.76 ? 626 TYR B C   1 
ATOM   875  O O   . TYR B 1 4   ? -6.288  -11.927 -0.992  1.00 33.01 ? 626 TYR B O   1 
ATOM   876  C CB  . TYR B 1 4   ? -6.116  -13.198 1.524   1.00 36.52 ? 626 TYR B CB  1 
ATOM   877  C CG  . TYR B 1 4   ? -6.566  -13.754 2.851   1.00 40.74 ? 626 TYR B CG  1 
ATOM   878  C CD1 . TYR B 1 4   ? -7.883  -13.645 3.258   1.00 43.13 ? 626 TYR B CD1 1 
ATOM   879  C CD2 . TYR B 1 4   ? -5.659  -14.369 3.707   1.00 40.08 ? 626 TYR B CD2 1 
ATOM   880  C CE1 . TYR B 1 4   ? -8.299  -14.138 4.471   1.00 41.10 ? 626 TYR B CE1 1 
ATOM   881  C CE2 . TYR B 1 4   ? -6.064  -14.866 4.929   1.00 37.86 ? 626 TYR B CE2 1 
ATOM   882  C CZ  . TYR B 1 4   ? -7.385  -14.750 5.307   1.00 44.18 ? 626 TYR B CZ  1 
ATOM   883  O OH  . TYR B 1 4   ? -7.811  -15.244 6.520   1.00 46.74 ? 626 TYR B OH  1 
ATOM   884  N N   . LYS B 1 5   ? -5.602  -13.864 -1.932  1.00 34.20 ? 627 LYS B N   1 
ATOM   885  C CA  . LYS B 1 5   ? -4.849  -13.166 -2.975  1.00 35.08 ? 627 LYS B CA  1 
ATOM   886  C C   . LYS B 1 5   ? -5.752  -12.264 -3.804  1.00 33.67 ? 627 LYS B C   1 
ATOM   887  O O   . LYS B 1 5   ? -5.372  -11.136 -4.149  1.00 34.06 ? 627 LYS B O   1 
ATOM   888  C CB  . LYS B 1 5   ? -4.097  -14.161 -3.870  1.00 40.40 ? 627 LYS B CB  1 
ATOM   889  C CG  . LYS B 1 5   ? -4.878  -14.862 -4.986  1.00 46.71 ? 627 LYS B CG  1 
ATOM   890  C CD  . LYS B 1 5   ? -3.914  -15.608 -5.905  1.00 54.38 ? 627 LYS B CD  1 
ATOM   891  C CE  . LYS B 1 5   ? -3.046  -14.614 -6.659  1.00 56.48 ? 627 LYS B CE  1 
ATOM   892  N NZ  . LYS B 1 5   ? -3.884  -13.540 -7.251  1.00 55.85 ? 627 LYS B NZ  1 
ATOM   893  N N   . THR B 1 6   ? -6.967  -12.729 -4.103  1.00 32.74 ? 628 THR B N   1 
ATOM   894  C CA  . THR B 1 6   ? -7.872  -11.933 -4.926  1.00 34.26 ? 628 THR B CA  1 
ATOM   895  C C   . THR B 1 6   ? -8.376  -10.698 -4.179  1.00 35.18 ? 628 THR B C   1 
ATOM   896  O O   . THR B 1 6   ? -8.426  -9.604  -4.755  1.00 34.24 ? 628 THR B O   1 
ATOM   897  C CB  . THR B 1 6   ? -9.038  -12.803 -5.405  1.00 40.87 ? 628 THR B CB  1 
ATOM   898  O OG1 . THR B 1 6   ? -8.524  -13.944 -6.098  1.00 40.26 ? 628 THR B OG1 1 
ATOM   899  C CG2 . THR B 1 6   ? -9.909  -12.034 -6.349  1.00 37.34 ? 628 THR B CG2 1 
ATOM   900  N N   . ASN B 1 7   ? -8.766  -10.851 -2.904  1.00 29.16 ? 629 ASN B N   1 
ATOM   901  C CA  . ASN B 1 7   ? -9.116  -9.682  -2.090  1.00 28.91 ? 629 ASN B CA  1 
ATOM   902  C C   . ASN B 1 7   ? -7.970  -8.667  -2.052  1.00 31.38 ? 629 ASN B C   1 
ATOM   903  O O   . ASN B 1 7   ? -8.190  -7.445  -2.130  1.00 33.24 ? 629 ASN B O   1 
ATOM   904  C CB  . ASN B 1 7   ? -9.477  -10.100 -0.655  1.00 38.17 ? 629 ASN B CB  1 
ATOM   905  C CG  . ASN B 1 7   ? -10.656 -11.084 -0.577  1.00 44.85 ? 629 ASN B CG  1 
ATOM   906  O OD1 . ASN B 1 7   ? -11.394 -11.281 -1.537  1.00 51.60 ? 629 ASN B OD1 1 
ATOM   907  N ND2 . ASN B 1 7   ? -10.833 -11.693 0.594   1.00 51.07 ? 629 ASN B ND2 1 
ATOM   908  N N   . PHE B 1 8   ? -6.729  -9.153  -1.932  1.00 31.58 ? 630 PHE B N   1 
ATOM   909  C CA  . PHE B 1 8   ? -5.592  -8.243  -1.863  1.00 29.71 ? 630 PHE B CA  1 
ATOM   910  C C   . PHE B 1 8   ? -5.391  -7.487  -3.177  1.00 28.40 ? 630 PHE B C   1 
ATOM   911  O O   . PHE B 1 8   ? -5.135  -6.274  -3.169  1.00 28.81 ? 630 PHE B O   1 
ATOM   912  C CB  . PHE B 1 8   ? -4.330  -9.024  -1.467  1.00 30.56 ? 630 PHE B CB  1 
ATOM   913  C CG  . PHE B 1 8   ? -3.184  -8.151  -1.055  1.00 29.20 ? 630 PHE B CG  1 
ATOM   914  C CD1 . PHE B 1 8   ? -3.310  -7.270  0.010   1.00 32.64 ? 630 PHE B CD1 1 
ATOM   915  C CD2 . PHE B 1 8   ? -1.975  -8.219  -1.723  1.00 28.23 ? 630 PHE B CD2 1 
ATOM   916  C CE1 . PHE B 1 8   ? -2.251  -6.461  0.391   1.00 31.21 ? 630 PHE B CE1 1 
ATOM   917  C CE2 . PHE B 1 8   ? -0.922  -7.417  -1.344  1.00 33.20 ? 630 PHE B CE2 1 
ATOM   918  C CZ  . PHE B 1 8   ? -1.061  -6.538  -0.285  1.00 30.76 ? 630 PHE B CZ  1 
ATOM   919  N N   . ILE B 1 9   ? -5.491  -8.181  -4.316  1.00 32.15 ? 631 ILE B N   1 
ATOM   920  C CA  . ILE B 1 9   ? -5.392  -7.488  -5.604  1.00 32.54 ? 631 ILE B CA  1 
ATOM   921  C C   . ILE B 1 9   ? -6.496  -6.446  -5.743  1.00 34.55 ? 631 ILE B C   1 
ATOM   922  O O   . ILE B 1 9   ? -6.271  -5.341  -6.267  1.00 31.54 ? 631 ILE B O   1 
ATOM   923  C CB  . ILE B 1 9   ? -5.412  -8.491  -6.775  1.00 31.11 ? 631 ILE B CB  1 
ATOM   924  C CG1 . ILE B 1 9   ? -4.104  -9.279  -6.822  1.00 36.57 ? 631 ILE B CG1 1 
ATOM   925  C CG2 . ILE B 1 9   ? -5.633  -7.765  -8.104  1.00 34.69 ? 631 ILE B CG2 1 
ATOM   926  C CD1 . ILE B 1 9   ? -4.119  -10.399 -7.821  1.00 36.66 ? 631 ILE B CD1 1 
ATOM   927  N N   . ASP B 1 10  ? -7.712  -6.777  -5.295  1.00 29.73 ? 632 ASP B N   1 
ATOM   928  C CA  . ASP B 1 10  ? -8.793  -5.787  -5.341  1.00 35.40 ? 632 ASP B CA  1 
ATOM   929  C C   . ASP B 1 10  ? -8.411  -4.524  -4.569  1.00 36.72 ? 632 ASP B C   1 
ATOM   930  O O   . ASP B 1 10  ? -8.667  -3.386  -5.025  1.00 31.28 ? 632 ASP B O   1 
ATOM   931  C CB  . ASP B 1 10  ? -10.081 -6.405  -4.799  1.00 28.56 ? 632 ASP B CB  1 
ATOM   932  C CG  . ASP B 1 10  ? -10.718 -7.364  -5.796  1.00 42.19 ? 632 ASP B CG  1 
ATOM   933  O OD1 . ASP B 1 10  ? -10.218 -7.436  -6.939  1.00 38.09 ? 632 ASP B OD1 1 
ATOM   934  O OD2 . ASP B 1 10  ? -11.706 -8.051  -5.448  1.00 44.90 ? 632 ASP B OD2 1 
ATOM   935  N N   . LEU B 1 11  ? -7.745  -4.708  -3.422  1.00 32.44 ? 633 LEU B N   1 
ATOM   936  C CA  . LEU B 1 11  ? -7.354  -3.568  -2.592  1.00 29.99 ? 633 LEU B CA  1 
ATOM   937  C C   . LEU B 1 11  ? -6.236  -2.748  -3.229  1.00 32.10 ? 633 LEU B C   1 
ATOM   938  O O   . LEU B 1 11  ? -6.272  -1.510  -3.204  1.00 31.00 ? 633 LEU B O   1 
ATOM   939  C CB  . LEU B 1 11  ? -6.932  -4.033  -1.196  1.00 28.37 ? 633 LEU B CB  1 
ATOM   940  C CG  . LEU B 1 11  ? -8.041  -4.633  -0.327  1.00 35.16 ? 633 LEU B CG  1 
ATOM   941  C CD1 . LEU B 1 11  ? -7.461  -5.302  0.930   1.00 35.67 ? 633 LEU B CD1 1 
ATOM   942  C CD2 . LEU B 1 11  ? -9.050  -3.577  0.067   1.00 36.23 ? 633 LEU B CD2 1 
ATOM   943  N N   . THR B 1 12  ? -5.201  -3.408  -3.755  1.00 30.52 ? 634 THR B N   1 
ATOM   944  C CA  . THR B 1 12  ? -4.104  -2.625  -4.325  1.00 32.91 ? 634 THR B CA  1 
ATOM   945  C C   . THR B 1 12  ? -4.562  -1.888  -5.580  1.00 32.50 ? 634 THR B C   1 
ATOM   946  O O   . THR B 1 12  ? -4.199  -0.718  -5.793  1.00 35.15 ? 634 THR B O   1 
ATOM   947  C CB  . THR B 1 12  ? -2.878  -3.495  -4.622  1.00 30.43 ? 634 THR B CB  1 
ATOM   948  O OG1 . THR B 1 12  ? -3.200  -4.489  -5.599  1.00 31.34 ? 634 THR B OG1 1 
ATOM   949  C CG2 . THR B 1 12  ? -2.390  -4.183  -3.342  1.00 31.71 ? 634 THR B CG2 1 
ATOM   950  N N   . ARG B 1 13  ? -5.394  -2.541  -6.401  1.00 28.20 ? 635 ARG B N   1 
ATOM   951  C CA  . ARG B 1 13  ? -5.934  -1.875  -7.585  1.00 28.72 ? 635 ARG B CA  1 
ATOM   952  C C   . ARG B 1 13  ? -6.764  -0.655  -7.202  1.00 31.82 ? 635 ARG B C   1 
ATOM   953  O O   . ARG B 1 13  ? -6.666  0.399   -7.852  1.00 32.21 ? 635 ARG B O   1 
ATOM   954  C CB  . ARG B 1 13  ? -6.775  -2.851  -8.408  1.00 28.46 ? 635 ARG B CB  1 
ATOM   955  C CG  . ARG B 1 13  ? -7.270  -2.267  -9.747  1.00 28.71 ? 635 ARG B CG  1 
ATOM   956  C CD  . ARG B 1 13  ? -8.365  -3.117  -10.388 1.00 28.85 ? 635 ARG B CD  1 
ATOM   957  N NE  . ARG B 1 13  ? -7.951  -4.502  -10.603 1.00 33.73 ? 635 ARG B NE  1 
ATOM   958  C CZ  . ARG B 1 13  ? -7.130  -4.913  -11.562 1.00 38.02 ? 635 ARG B CZ  1 
ATOM   959  N NH1 . ARG B 1 13  ? -6.566  -4.065  -12.405 1.00 34.54 ? 635 ARG B NH1 1 
ATOM   960  N NH2 . ARG B 1 13  ? -6.860  -6.212  -11.670 1.00 38.85 ? 635 ARG B NH2 1 
ATOM   961  N N   . GLU B 1 14  ? -7.586  -0.769  -6.149  1.00 32.24 ? 636 GLU B N   1 
ATOM   962  C CA  . GLU B 1 14  ? -8.389  0.389   -5.764  1.00 35.40 ? 636 GLU B CA  1 
ATOM   963  C C   . GLU B 1 14  ? -7.534  1.497   -5.149  1.00 38.93 ? 636 GLU B C   1 
ATOM   964  O O   . GLU B 1 14  ? -7.818  2.679   -5.365  1.00 33.76 ? 636 GLU B O   1 
ATOM   965  C CB  . GLU B 1 14  ? -9.511  -0.027  -4.810  1.00 36.47 ? 636 GLU B CB  1 
ATOM   966  C CG  . GLU B 1 14  ? -10.535 1.091   -4.518  1.00 43.31 ? 636 GLU B CG  1 
ATOM   967  C CD  . GLU B 1 14  ? -11.104 1.772   -5.771  1.00 51.34 ? 636 GLU B CD  1 
ATOM   968  O OE1 . GLU B 1 14  ? -11.154 1.147   -6.855  1.00 47.44 ? 636 GLU B OE1 1 
ATOM   969  O OE2 . GLU B 1 14  ? -11.512 2.949   -5.659  1.00 46.73 ? 636 GLU B OE2 1 
ATOM   970  N N   . ALA B 1 15  ? -6.488  1.151   -4.393  1.00 32.38 ? 637 ALA B N   1 
ATOM   971  C CA  . ALA B 1 15  ? -5.602  2.186   -3.861  1.00 35.45 ? 637 ALA B CA  1 
ATOM   972  C C   . ALA B 1 15  ? -4.938  2.975   -4.983  1.00 33.13 ? 637 ALA B C   1 
ATOM   973  O O   . ALA B 1 15  ? -4.835  4.213   -4.917  1.00 32.56 ? 637 ALA B O   1 
ATOM   974  C CB  . ALA B 1 15  ? -4.548  1.559   -2.944  1.00 39.35 ? 637 ALA B CB  1 
ATOM   975  N N   . LEU B 1 16  ? -4.494  2.276   -6.031  1.00 31.63 ? 638 LEU B N   1 
ATOM   976  C CA  . LEU B 1 16  ? -3.905  2.967   -7.169  1.00 32.44 ? 638 LEU B CA  1 
ATOM   977  C C   . LEU B 1 16  ? -4.943  3.822   -7.886  1.00 31.50 ? 638 LEU B C   1 
ATOM   978  O O   . LEU B 1 16  ? -4.649  4.946   -8.320  1.00 34.54 ? 638 LEU B O   1 
ATOM   979  C CB  . LEU B 1 16  ? -3.284  1.961   -8.134  1.00 34.19 ? 638 LEU B CB  1 
ATOM   980  C CG  . LEU B 1 16  ? -2.598  2.559   -9.370  1.00 39.58 ? 638 LEU B CG  1 
ATOM   981  C CD1 . LEU B 1 16  ? -1.545  3.580   -8.955  1.00 38.24 ? 638 LEU B CD1 1 
ATOM   982  C CD2 . LEU B 1 16  ? -1.985  1.464   -10.224 1.00 43.40 ? 638 LEU B CD2 1 
ATOM   983  N N   . SER B 1 17  ? -6.159  3.299   -8.029  1.00 32.65 ? 639 SER B N   1 
ATOM   984  C CA  A SER B 1 17  ? -7.197  4.085   -8.683  0.45 31.37 ? 639 SER B CA  1 
ATOM   985  C CA  B SER B 1 17  ? -7.242  4.058   -8.654  0.55 30.58 ? 639 SER B CA  1 
ATOM   986  C C   . SER B 1 17  ? -7.517  5.346   -7.891  1.00 32.09 ? 639 SER B C   1 
ATOM   987  O O   . SER B 1 17  ? -7.768  6.401   -8.483  1.00 31.81 ? 639 SER B O   1 
ATOM   988  C CB  A SER B 1 17  ? -8.437  3.226   -8.904  0.45 36.06 ? 639 SER B CB  1 
ATOM   989  C CB  B SER B 1 17  ? -8.506  3.194   -8.724  0.55 36.29 ? 639 SER B CB  1 
ATOM   990  O OG  A SER B 1 17  ? -8.098  2.105   -9.707  0.45 35.11 ? 639 SER B OG  1 
ATOM   991  O OG  B SER B 1 17  ? -9.660  3.975   -8.964  0.55 38.24 ? 639 SER B OG  1 
ATOM   992  N N   . LEU B 1 18  ? -7.488  5.273   -6.558  1.00 30.28 ? 640 LEU B N   1 
ATOM   993  C CA  . LEU B 1 18  ? -7.758  6.473   -5.771  1.00 29.08 ? 640 LEU B CA  1 
ATOM   994  C C   . LEU B 1 18  ? -6.646  7.502   -5.917  1.00 28.06 ? 640 LEU B C   1 
ATOM   995  O O   . LEU B 1 18  ? -6.922  8.701   -6.049  1.00 29.40 ? 640 LEU B O   1 
ATOM   996  C CB  . LEU B 1 18  ? -7.965  6.133   -4.301  1.00 32.06 ? 640 LEU B CB  1 
ATOM   997  C CG  . LEU B 1 18  ? -9.271  5.458   -3.896  1.00 38.23 ? 640 LEU B CG  1 
ATOM   998  C CD1 . LEU B 1 18  ? -9.386  5.553   -2.392  1.00 45.62 ? 640 LEU B CD1 1 
ATOM   999  C CD2 . LEU B 1 18  ? -10.496 6.078   -4.576  1.00 41.03 ? 640 LEU B CD2 1 
ATOM   1000 N N   . ILE B 1 19  ? -5.382  7.068   -5.878  1.00 26.29 ? 641 ILE B N   1 
ATOM   1001 C CA  . ILE B 1 19  ? -4.289  8.012   -6.121  1.00 29.06 ? 641 ILE B CA  1 
ATOM   1002 C C   . ILE B 1 19  ? -4.454  8.693   -7.476  1.00 29.86 ? 641 ILE B C   1 
ATOM   1003 O O   . ILE B 1 19  ? -4.356  9.926   -7.590  1.00 29.93 ? 641 ILE B O   1 
ATOM   1004 C CB  . ILE B 1 19  ? -2.924  7.309   -6.017  1.00 28.91 ? 641 ILE B CB  1 
ATOM   1005 C CG1 . ILE B 1 19  ? -2.732  6.788   -4.602  1.00 28.43 ? 641 ILE B CG1 1 
ATOM   1006 C CG2 . ILE B 1 19  ? -1.819  8.286   -6.405  1.00 27.81 ? 641 ILE B CG2 1 
ATOM   1007 C CD1 . ILE B 1 19  ? -1.548  5.831   -4.483  1.00 29.47 ? 641 ILE B CD1 1 
ATOM   1008 N N   . LEU B 1 20  ? -4.695  7.901   -8.523  1.00 28.25 ? 642 LEU B N   1 
ATOM   1009 C CA  . LEU B 1 20  ? -4.786  8.469   -9.867  1.00 30.67 ? 642 LEU B CA  1 
ATOM   1010 C C   . LEU B 1 20  ? -5.982  9.403   -10.000 1.00 29.06 ? 642 LEU B C   1 
ATOM   1011 O O   . LEU B 1 20  ? -5.874  10.466  -10.623 1.00 33.01 ? 642 LEU B O   1 
ATOM   1012 C CB  . LEU B 1 20  ? -4.857  7.359   -10.916 1.00 28.89 ? 642 LEU B CB  1 
ATOM   1013 C CG  . LEU B 1 20  ? -3.547  6.547   -10.972 1.00 27.90 ? 642 LEU B CG  1 
ATOM   1014 C CD1 . LEU B 1 20  ? -3.690  5.343   -11.878 1.00 31.34 ? 642 LEU B CD1 1 
ATOM   1015 C CD2 . LEU B 1 20  ? -2.413  7.442   -11.446 1.00 30.09 ? 642 LEU B CD2 1 
ATOM   1016 N N   . GLN B 1 21  ? -7.124  9.024   -9.420  1.00 29.24 ? 643 GLN B N   1 
ATOM   1017 C CA  . GLN B 1 21  ? -8.304  9.885   -9.459  1.00 30.49 ? 643 GLN B CA  1 
ATOM   1018 C C   . GLN B 1 21  ? -8.083  11.173  -8.687  1.00 34.00 ? 643 GLN B C   1 
ATOM   1019 O O   . GLN B 1 21  ? -8.561  12.231  -9.101  1.00 32.21 ? 643 GLN B O   1 
ATOM   1020 C CB  . GLN B 1 21  ? -9.505  9.144   -8.896  1.00 37.17 ? 643 GLN B CB  1 
ATOM   1021 C CG  . GLN B 1 21  ? -10.083 8.112   -9.843  1.00 36.48 ? 643 GLN B CG  1 
ATOM   1022 C CD  . GLN B 1 21  ? -11.387 7.579   -9.332  1.00 47.36 ? 643 GLN B CD  1 
ATOM   1023 O OE1 . GLN B 1 21  ? -11.416 6.789   -8.397  1.00 44.60 ? 643 GLN B OE1 1 
ATOM   1024 N NE2 . GLN B 1 21  ? -12.487 8.027   -9.931  1.00 49.89 ? 643 GLN B NE2 1 
ATOM   1025 N N   . ASP B 1 22  ? -7.390  11.100  -7.552  1.00 28.90 ? 644 ASP B N   1 
ATOM   1026 C CA  . ASP B 1 22  ? -7.022  12.310  -6.826  1.00 32.88 ? 644 ASP B CA  1 
ATOM   1027 C C   . ASP B 1 22  ? -6.187  13.241  -7.698  1.00 32.75 ? 644 ASP B C   1 
ATOM   1028 O O   . ASP B 1 22  ? -6.470  14.442  -7.791  1.00 34.16 ? 644 ASP B O   1 
ATOM   1029 C CB  . ASP B 1 22  ? -6.253  11.923  -5.554  1.00 26.98 ? 644 ASP B CB  1 
ATOM   1030 C CG  . ASP B 1 22  ? -5.895  13.121  -4.714  1.00 34.44 ? 644 ASP B CG  1 
ATOM   1031 O OD1 . ASP B 1 22  ? -6.823  13.739  -4.146  1.00 33.02 ? 644 ASP B OD1 1 
ATOM   1032 O OD2 . ASP B 1 22  ? -4.697  13.467  -4.647  1.00 30.99 ? 644 ASP B OD2 1 
ATOM   1033 N N   . LEU B 1 23  ? -5.190  12.688  -8.392  1.00 31.25 ? 645 LEU B N   1 
ATOM   1034 C CA  . LEU B 1 23  ? -4.380  13.496  -9.300  1.00 28.50 ? 645 LEU B CA  1 
ATOM   1035 C C   . LEU B 1 23  ? -5.233  14.116  -10.405 1.00 35.85 ? 645 LEU B C   1 
ATOM   1036 O O   . LEU B 1 23  ? -5.109  15.307  -10.702 1.00 31.84 ? 645 LEU B O   1 
ATOM   1037 C CB  . LEU B 1 23  ? -3.253  12.646  -9.891  1.00 31.25 ? 645 LEU B CB  1 
ATOM   1038 C CG  . LEU B 1 23  ? -2.077  12.395  -8.936  1.00 30.55 ? 645 LEU B CG  1 
ATOM   1039 C CD1 . LEU B 1 23  ? -1.225  11.218  -9.429  1.00 29.40 ? 645 LEU B CD1 1 
ATOM   1040 C CD2 . LEU B 1 23  ? -1.220  13.660  -8.781  1.00 35.87 ? 645 LEU B CD2 1 
ATOM   1041 N N   . LYS B 1 24  ? -6.120  13.327  -11.005 1.00 27.18 ? 646 LYS B N   1 
ATOM   1042 C CA  . LYS B 1 24  ? -6.868  13.827  -12.155 1.00 27.90 ? 646 LYS B CA  1 
ATOM   1043 C C   . LYS B 1 24  ? -7.913  14.854  -11.743 1.00 33.05 ? 646 LYS B C   1 
ATOM   1044 O O   . LYS B 1 24  ? -8.096  15.873  -12.430 1.00 35.41 ? 646 LYS B O   1 
ATOM   1045 C CB  . LYS B 1 24  ? -7.526  12.666  -12.898 1.00 32.92 ? 646 LYS B CB  1 
ATOM   1046 C CG  . LYS B 1 24  ? -8.300  13.103  -14.152 1.00 34.18 ? 646 LYS B CG  1 
ATOM   1047 C CD  . LYS B 1 24  ? -8.832  11.901  -14.911 1.00 46.32 ? 646 LYS B CD  1 
ATOM   1048 C CE  . LYS B 1 24  ? -10.291 11.608  -14.583 1.00 48.39 ? 646 LYS B CE  1 
ATOM   1049 N NZ  . LYS B 1 24  ? -11.209 12.579  -15.250 1.00 52.04 ? 646 LYS B NZ  1 
ATOM   1050 N N   . ASN B 1 25  ? -8.623  14.605  -10.646 1.00 31.84 ? 647 ASN B N   1 
ATOM   1051 C CA  . ASN B 1 25  ? -9.802  15.396  -10.311 1.00 33.60 ? 647 ASN B CA  1 
ATOM   1052 C C   . ASN B 1 25  ? -9.520  16.505  -9.321  1.00 39.60 ? 647 ASN B C   1 
ATOM   1053 O O   . ASN B 1 25  ? -10.251 17.499  -9.304  1.00 34.83 ? 647 ASN B O   1 
ATOM   1054 C CB  . ASN B 1 25  ? -10.907 14.498  -9.747  1.00 29.55 ? 647 ASN B CB  1 
ATOM   1055 C CG  . ASN B 1 25  ? -11.401 13.500  -10.763 1.00 41.40 ? 647 ASN B CG  1 
ATOM   1056 O OD1 . ASN B 1 25  ? -11.356 13.750  -11.970 1.00 36.17 ? 647 ASN B OD1 1 
ATOM   1057 N ND2 . ASN B 1 25  ? -11.882 12.358  -10.284 1.00 33.62 ? 647 ASN B ND2 1 
ATOM   1058 N N   . ASN B 1 26  ? -8.488  16.372  -8.486  1.00 31.44 ? 648 ASN B N   1 
ATOM   1059 C CA  . ASN B 1 26  ? -8.223  17.369  -7.463  1.00 31.78 ? 648 ASN B CA  1 
ATOM   1060 C C   . ASN B 1 26  ? -6.936  18.144  -7.680  1.00 44.87 ? 648 ASN B C   1 
ATOM   1061 O O   . ASN B 1 26  ? -6.871  19.319  -7.300  1.00 50.77 ? 648 ASN B O   1 
ATOM   1062 C CB  . ASN B 1 26  ? -8.194  16.715  -6.077  1.00 36.84 ? 648 ASN B CB  1 
ATOM   1063 C CG  . ASN B 1 26  ? -9.561  16.202  -5.657  1.00 43.10 ? 648 ASN B CG  1 
ATOM   1064 O OD1 . ASN B 1 26  ? -10.597 16.746  -6.067  1.00 39.96 ? 648 ASN B OD1 1 
ATOM   1065 N ND2 . ASN B 1 26  ? -9.573  15.154  -4.838  1.00 38.51 ? 648 ASN B ND2 1 
ATOM   1066 N N   . VAL B 1 27  ? -5.929  17.539  -8.309  1.00 31.65 ? 649 VAL B N   1 
ATOM   1067 C CA  . VAL B 1 27  ? -4.652  18.215  -8.510  1.00 35.22 ? 649 VAL B CA  1 
ATOM   1068 C C   . VAL B 1 27  ? -4.637  18.950  -9.842  1.00 34.83 ? 649 VAL B C   1 
ATOM   1069 O O   . VAL B 1 27  ? -4.437  20.169  -9.880  1.00 42.34 ? 649 VAL B O   1 
ATOM   1070 C CB  . VAL B 1 27  ? -3.481  17.223  -8.417  1.00 33.95 ? 649 VAL B CB  1 
ATOM   1071 C CG1 . VAL B 1 27  ? -2.161  17.905  -8.770  1.00 33.33 ? 649 VAL B CG1 1 
ATOM   1072 C CG2 . VAL B 1 27  ? -3.417  16.674  -7.017  1.00 36.35 ? 649 VAL B CG2 1 
ATOM   1073 N N   . ILE B 1 28  ? -4.846  18.214  -10.937 1.00 31.71 ? 650 ILE B N   1 
ATOM   1074 C CA  . ILE B 1 28  ? -4.675  18.813  -12.265 1.00 32.30 ? 650 ILE B CA  1 
ATOM   1075 C C   . ILE B 1 28  ? -5.522  20.062  -12.450 1.00 40.96 ? 650 ILE B C   1 
ATOM   1076 O O   . ILE B 1 28  ? -4.998  21.054  -12.980 1.00 44.08 ? 650 ILE B O   1 
ATOM   1077 C CB  . ILE B 1 28  ? -4.897  17.750  -13.356 1.00 34.04 ? 650 ILE B CB  1 
ATOM   1078 C CG1 . ILE B 1 28  ? -3.692  16.795  -13.400 1.00 40.46 ? 650 ILE B CG1 1 
ATOM   1079 C CG2 . ILE B 1 28  ? -5.078  18.403  -14.718 1.00 43.12 ? 650 ILE B CG2 1 
ATOM   1080 C CD1 . ILE B 1 28  ? -3.883  15.581  -14.282 1.00 39.45 ? 650 ILE B CD1 1 
ATOM   1081 N N   . PRO B 1 29  ? -6.785  20.127  -12.014 1.00 37.35 ? 651 PRO B N   1 
ATOM   1082 C CA  . PRO B 1 29  ? -7.549  21.375  -12.229 1.00 37.63 ? 651 PRO B CA  1 
ATOM   1083 C C   . PRO B 1 29  ? -7.038  22.567  -11.428 1.00 44.05 ? 651 PRO B C   1 
ATOM   1084 O O   . PRO B 1 29  ? -7.380  23.708  -11.770 1.00 50.98 ? 651 PRO B O   1 
ATOM   1085 C CB  . PRO B 1 29  ? -8.977  20.998  -11.811 1.00 38.66 ? 651 PRO B CB  1 
ATOM   1086 C CG  . PRO B 1 29  ? -9.027  19.509  -11.869 1.00 41.59 ? 651 PRO B CG  1 
ATOM   1087 C CD  . PRO B 1 29  ? -7.649  19.061  -11.472 1.00 37.49 ? 651 PRO B CD  1 
ATOM   1088 N N   . LYS B 1 30  ? -6.235  22.356  -10.383 1.00 46.42 ? 652 LYS B N   1 
ATOM   1089 C CA  . LYS B 1 30  ? -5.827  23.440  -9.498  1.00 41.90 ? 652 LYS B CA  1 
ATOM   1090 C C   . LYS B 1 30  ? -4.391  23.909  -9.689  1.00 48.95 ? 652 LYS B C   1 
ATOM   1091 O O   . LYS B 1 30  ? -4.039  24.967  -9.159  1.00 57.44 ? 652 LYS B O   1 
ATOM   1092 C CB  . LYS B 1 30  ? -6.004  23.030  -8.029  1.00 48.06 ? 652 LYS B CB  1 
ATOM   1093 C CG  . LYS B 1 30  ? -7.338  22.397  -7.706  1.00 54.08 ? 652 LYS B CG  1 
ATOM   1094 C CD  . LYS B 1 30  ? -8.476  23.406  -7.773  1.00 64.37 ? 652 LYS B CD  1 
ATOM   1095 C CE  . LYS B 1 30  ? -9.799  22.766  -7.362  1.00 71.53 ? 652 LYS B CE  1 
ATOM   1096 N NZ  . LYS B 1 30  ? -10.963 23.674  -7.581  1.00 75.53 ? 652 LYS B NZ  1 
ATOM   1097 N N   . ILE B 1 31  ? -3.556  23.174  -10.412 1.00 39.79 ? 653 ILE B N   1 
ATOM   1098 C CA  . ILE B 1 31  ? -2.134  23.539  -10.458 1.00 39.06 ? 653 ILE B CA  1 
ATOM   1099 C C   . ILE B 1 31  ? -1.944  24.751  -11.361 1.00 46.61 ? 653 ILE B C   1 
ATOM   1100 O O   . ILE B 1 31  ? -2.707  24.922  -12.330 1.00 41.93 ? 653 ILE B O   1 
ATOM   1101 C CB  . ILE B 1 31  ? -1.285  22.351  -10.930 1.00 45.60 ? 653 ILE B CB  1 
ATOM   1102 C CG1 . ILE B 1 31  ? -1.947  21.657  -12.125 1.00 50.19 ? 653 ILE B CG1 1 
ATOM   1103 C CG2 . ILE B 1 31  ? -1.073  21.388  -9.788  1.00 42.82 ? 653 ILE B CG2 1 
ATOM   1104 C CD1 . ILE B 1 31  ? -1.032  20.678  -12.855 1.00 48.38 ? 653 ILE B CD1 1 
ATOM   1105 N N   . PRO B 1 32  ? -0.967  25.642  -11.064 1.00 41.62 ? 654 PRO B N   1 
ATOM   1106 C CA  . PRO B 1 32  ? -0.654  26.813  -11.913 1.00 49.57 ? 654 PRO B CA  1 
ATOM   1107 C C   . PRO B 1 32  ? 0.213   26.404  -13.100 1.00 41.83 ? 654 PRO B C   1 
ATOM   1108 O O   . PRO B 1 32  ? 1.446   26.328  -13.049 1.00 56.36 ? 654 PRO B O   1 
ATOM   1109 C CB  . PRO B 1 32  ? 0.071   27.749  -10.943 1.00 41.47 ? 654 PRO B CB  1 
ATOM   1110 C CG  . PRO B 1 32  ? 0.699   26.840  -9.953  1.00 48.55 ? 654 PRO B CG  1 
ATOM   1111 C CD  . PRO B 1 32  ? -0.251  25.691  -9.781  1.00 47.54 ? 654 PRO B CD  1 
ATOM   1112 N N   . VAL B 1 33  ? -0.475  26.132  -14.206 1.00 46.49 ? 655 VAL B N   1 
ATOM   1113 C CA  . VAL B 1 33  ? 0.106   25.565  -15.413 1.00 48.32 ? 655 VAL B CA  1 
ATOM   1114 C C   . VAL B 1 33  ? -0.774  26.013  -16.577 1.00 43.08 ? 655 VAL B C   1 
ATOM   1115 O O   . VAL B 1 33  ? -1.961  26.302  -16.407 1.00 48.74 ? 655 VAL B O   1 
ATOM   1116 C CB  . VAL B 1 33  ? 0.197   24.016  -15.289 1.00 47.73 ? 655 VAL B CB  1 
ATOM   1117 C CG1 . VAL B 1 33  ? 0.149   23.344  -16.617 1.00 50.50 ? 655 VAL B CG1 1 
ATOM   1118 C CG2 . VAL B 1 33  ? 1.462   23.601  -14.549 1.00 51.33 ? 655 VAL B CG2 1 
ATOM   1119 N N   . GLY B 1 34  ? -0.169  26.116  -17.762 1.00 47.87 ? 656 GLY B N   1 
ATOM   1120 C CA  . GLY B 1 34  ? -0.917  26.501  -18.946 1.00 44.76 ? 656 GLY B CA  1 
ATOM   1121 C C   . GLY B 1 34  ? -1.896  25.430  -19.399 1.00 45.12 ? 656 GLY B C   1 
ATOM   1122 O O   . GLY B 1 34  ? -1.820  24.266  -19.009 1.00 50.63 ? 656 GLY B O   1 
ATOM   1123 N N   . ILE B 1 35  ? -2.842  25.832  -20.252 1.00 52.80 ? 657 ILE B N   1 
ATOM   1124 C CA  . ILE B 1 35  ? -3.910  24.907  -20.632 1.00 38.50 ? 657 ILE B CA  1 
ATOM   1125 C C   . ILE B 1 35  ? -3.339  23.710  -21.387 1.00 47.06 ? 657 ILE B C   1 
ATOM   1126 O O   . ILE B 1 35  ? -3.786  22.566  -21.198 1.00 39.76 ? 657 ILE B O   1 
ATOM   1127 C CB  . ILE B 1 35  ? -5.010  25.639  -21.431 1.00 41.62 ? 657 ILE B CB  1 
ATOM   1128 C CG1 . ILE B 1 35  ? -6.146  24.675  -21.771 1.00 43.05 ? 657 ILE B CG1 1 
ATOM   1129 C CG2 . ILE B 1 35  ? -4.441  26.308  -22.684 1.00 46.74 ? 657 ILE B CG2 1 
ATOM   1130 C CD1 . ILE B 1 35  ? -6.983  24.264  -20.567 1.00 44.83 ? 657 ILE B CD1 1 
ATOM   1131 N N   . GLU B 1 36  ? -2.319  23.941  -22.220 1.00 40.08 ? 658 GLU B N   1 
ATOM   1132 C CA  . GLU B 1 36  ? -1.751  22.852  -23.013 1.00 46.15 ? 658 GLU B CA  1 
ATOM   1133 C C   . GLU B 1 36  ? -1.119  21.797  -22.111 1.00 43.78 ? 658 GLU B C   1 
ATOM   1134 O O   . GLU B 1 36  ? -1.368  20.588  -22.258 1.00 44.08 ? 658 GLU B O   1 
ATOM   1135 C CB  . GLU B 1 36  ? -0.724  23.399  -24.011 1.00 53.16 ? 658 GLU B CB  1 
ATOM   1136 C CG  . GLU B 1 36  ? 0.257   24.437  -23.455 1.00 56.10 ? 658 GLU B CG  1 
ATOM   1137 C CD  . GLU B 1 36  ? -0.135  25.868  -23.819 1.00 55.25 ? 658 GLU B CD  1 
ATOM   1138 O OE1 . GLU B 1 36  ? -1.158  26.360  -23.302 1.00 51.84 ? 658 GLU B OE1 1 
ATOM   1139 O OE2 . GLU B 1 36  ? 0.580   26.495  -24.632 1.00 67.52 ? 658 GLU B OE2 1 
ATOM   1140 N N   . LYS B 1 37  ? -0.330  22.243  -21.140 1.00 44.97 ? 659 LYS B N   1 
ATOM   1141 C CA  . LYS B 1 37  ? 0.304   21.300  -20.234 1.00 36.78 ? 659 LYS B CA  1 
ATOM   1142 C C   . LYS B 1 37  ? -0.730  20.631  -19.336 1.00 37.85 ? 659 LYS B C   1 
ATOM   1143 O O   . LYS B 1 37  ? -0.599  19.442  -19.011 1.00 43.83 ? 659 LYS B O   1 
ATOM   1144 C CB  . LYS B 1 37  ? 1.378   22.018  -19.424 1.00 43.87 ? 659 LYS B CB  1 
ATOM   1145 C CG  . LYS B 1 37  ? 2.152   21.128  -18.472 1.00 43.80 ? 659 LYS B CG  1 
ATOM   1146 C CD  . LYS B 1 37  ? 3.223   20.376  -19.208 1.00 57.16 ? 659 LYS B CD  1 
ATOM   1147 C CE  . LYS B 1 37  ? 4.373   20.054  -18.279 1.00 58.40 ? 659 LYS B CE  1 
ATOM   1148 N NZ  . LYS B 1 37  ? 5.556   19.629  -19.065 1.00 61.55 ? 659 LYS B NZ  1 
ATOM   1149 N N   . ARG B 1 38  ? -1.783  21.365  -18.955 1.00 44.03 ? 660 ARG B N   1 
ATOM   1150 C CA  . ARG B 1 38  ? -2.838  20.771  -18.140 1.00 41.93 ? 660 ARG B CA  1 
ATOM   1151 C C   . ARG B 1 38  ? -3.529  19.639  -18.887 1.00 45.48 ? 660 ARG B C   1 
ATOM   1152 O O   . ARG B 1 38  ? -3.766  18.561  -18.324 1.00 40.19 ? 660 ARG B O   1 
ATOM   1153 C CB  . ARG B 1 38  ? -3.851  21.838  -17.727 1.00 41.49 ? 660 ARG B CB  1 
ATOM   1154 C CG  . ARG B 1 38  ? -4.750  21.402  -16.583 1.00 46.83 ? 660 ARG B CG  1 
ATOM   1155 C CD  . ARG B 1 38  ? -5.964  22.311  -16.387 1.00 42.97 ? 660 ARG B CD  1 
ATOM   1156 N NE  . ARG B 1 38  ? -5.625  23.724  -16.256 1.00 54.21 ? 660 ARG B NE  1 
ATOM   1157 C CZ  . ARG B 1 38  ? -5.129  24.295  -15.164 1.00 55.98 ? 660 ARG B CZ  1 
ATOM   1158 N NH1 . ARG B 1 38  ? -4.806  23.586  -14.093 1.00 44.58 ? 660 ARG B NH1 1 
ATOM   1159 N NH2 . ARG B 1 38  ? -4.946  25.611  -15.149 1.00 54.17 ? 660 ARG B NH2 1 
ATOM   1160 N N   . GLU B 1 39  ? -3.823  19.856  -20.169 1.00 40.07 ? 661 GLU B N   1 
ATOM   1161 C CA  . GLU B 1 39  ? -4.473  18.832  -20.983 1.00 38.08 ? 661 GLU B CA  1 
ATOM   1162 C C   . GLU B 1 39  ? -3.545  17.654  -21.260 1.00 38.69 ? 661 GLU B C   1 
ATOM   1163 O O   . GLU B 1 39  ? -4.010  16.511  -21.369 1.00 39.61 ? 661 GLU B O   1 
ATOM   1164 C CB  . GLU B 1 39  ? -4.979  19.459  -22.289 1.00 38.44 ? 661 GLU B CB  1 
ATOM   1165 C CG  . GLU B 1 39  ? -6.144  20.408  -22.099 1.00 42.14 ? 661 GLU B CG  1 
ATOM   1166 C CD  . GLU B 1 39  ? -7.418  19.701  -21.666 1.00 48.41 ? 661 GLU B CD  1 
ATOM   1167 O OE1 . GLU B 1 39  ? -7.798  18.712  -22.329 1.00 51.11 ? 661 GLU B OE1 1 
ATOM   1168 O OE2 . GLU B 1 39  ? -8.043  20.129  -20.668 1.00 49.01 ? 661 GLU B OE2 1 
ATOM   1169 N N   . ARG B 1 40  ? -2.231  17.895  -21.345 1.00 42.22 ? 662 ARG B N   1 
ATOM   1170 C CA  . ARG B 1 40  ? -1.295  16.777  -21.463 1.00 40.68 ? 662 ARG B CA  1 
ATOM   1171 C C   . ARG B 1 40  ? -1.303  15.910  -20.205 1.00 40.20 ? 662 ARG B C   1 
ATOM   1172 O O   . ARG B 1 40  ? -1.339  14.674  -20.288 1.00 41.11 ? 662 ARG B O   1 
ATOM   1173 C CB  . ARG B 1 40  ? 0.117   17.286  -21.755 1.00 45.63 ? 662 ARG B CB  1 
ATOM   1174 C CG  . ARG B 1 40  ? 0.275   17.955  -23.123 1.00 54.58 ? 662 ARG B CG  1 
ATOM   1175 C CD  . ARG B 1 40  ? 1.699   18.466  -23.314 1.00 51.87 ? 662 ARG B CD  1 
ATOM   1176 N NE  . ARG B 1 40  ? 2.688   17.406  -23.158 1.00 61.60 ? 662 ARG B NE  1 
ATOM   1177 C CZ  . ARG B 1 40  ? 3.984   17.611  -22.962 1.00 71.69 ? 662 ARG B CZ  1 
ATOM   1178 N NH1 . ARG B 1 40  ? 4.487   18.834  -22.890 1.00 73.83 ? 662 ARG B NH1 1 
ATOM   1179 N NH2 . ARG B 1 40  ? 4.796   16.565  -22.828 1.00 68.60 ? 662 ARG B NH2 1 
ATOM   1180 N N   . TYR B 1 41  ? -1.237  16.543  -19.027 1.00 41.92 ? 663 TYR B N   1 
ATOM   1181 C CA  . TYR B 1 41  ? -1.392  15.803  -17.774 1.00 40.76 ? 663 TYR B CA  1 
ATOM   1182 C C   . TYR B 1 41  ? -2.721  15.047  -17.727 1.00 37.64 ? 663 TYR B C   1 
ATOM   1183 O O   . TYR B 1 41  ? -2.778  13.900  -17.271 1.00 37.66 ? 663 TYR B O   1 
ATOM   1184 C CB  . TYR B 1 41  ? -1.313  16.745  -16.569 1.00 32.24 ? 663 TYR B CB  1 
ATOM   1185 C CG  . TYR B 1 41  ? 0.038   17.335  -16.216 1.00 37.20 ? 663 TYR B CG  1 
ATOM   1186 C CD1 . TYR B 1 41  ? 1.220   16.590  -16.309 1.00 37.77 ? 663 TYR B CD1 1 
ATOM   1187 C CD2 . TYR B 1 41  ? 0.122   18.640  -15.743 1.00 40.75 ? 663 TYR B CD2 1 
ATOM   1188 C CE1 . TYR B 1 41  ? 2.447   17.155  -15.955 1.00 36.08 ? 663 TYR B CE1 1 
ATOM   1189 C CE2 . TYR B 1 41  ? 1.334   19.204  -15.393 1.00 38.46 ? 663 TYR B CE2 1 
ATOM   1190 C CZ  . TYR B 1 41  ? 2.488   18.460  -15.495 1.00 43.79 ? 663 TYR B CZ  1 
ATOM   1191 O OH  . TYR B 1 41  ? 3.677   19.060  -15.132 1.00 38.29 ? 663 TYR B OH  1 
ATOM   1192 N N   . LYS B 1 42  ? -3.813  15.694  -18.135 1.00 29.35 ? 664 LYS B N   1 
ATOM   1193 C CA  . LYS B 1 42  ? -5.121  15.043  -18.062 1.00 30.87 ? 664 LYS B CA  1 
ATOM   1194 C C   . LYS B 1 42  ? -5.173  13.806  -18.956 1.00 35.87 ? 664 LYS B C   1 
ATOM   1195 O O   . LYS B 1 42  ? -5.662  12.745  -18.543 1.00 33.16 ? 664 LYS B O   1 
ATOM   1196 C CB  . LYS B 1 42  ? -6.227  16.036  -18.439 1.00 31.00 ? 664 LYS B CB  1 
ATOM   1197 C CG  . LYS B 1 42  ? -7.634  15.517  -18.203 1.00 37.19 ? 664 LYS B CG  1 
ATOM   1198 C CD  . LYS B 1 42  ? -8.654  16.491  -18.831 1.00 41.24 ? 664 LYS B CD  1 
ATOM   1199 C CE  . LYS B 1 42  ? -10.037 16.338  -18.225 1.00 53.20 ? 664 LYS B CE  1 
ATOM   1200 N NZ  . LYS B 1 42  ? -10.877 17.553  -18.470 1.00 57.33 ? 664 LYS B NZ  1 
ATOM   1201 N N   . ASN B 1 43  ? -4.673  13.925  -20.189 1.00 32.80 ? 665 ASN B N   1 
ATOM   1202 C CA  . ASN B 1 43  ? -4.642  12.777  -21.094 1.00 37.70 ? 665 ASN B CA  1 
ATOM   1203 C C   . ASN B 1 43  ? -3.756  11.659  -20.535 1.00 35.45 ? 665 ASN B C   1 
ATOM   1204 O O   . ASN B 1 43  ? -4.125  10.474  -20.585 1.00 33.81 ? 665 ASN B O   1 
ATOM   1205 C CB  . ASN B 1 43  ? -4.158  13.234  -22.474 1.00 38.42 ? 665 ASN B CB  1 
ATOM   1206 C CG  . ASN B 1 43  ? -3.949  12.083  -23.443 1.00 47.65 ? 665 ASN B CG  1 
ATOM   1207 O OD1 . ASN B 1 43  ? -4.889  11.376  -23.806 1.00 52.48 ? 665 ASN B OD1 1 
ATOM   1208 N ND2 . ASN B 1 43  ? -2.703  11.904  -23.882 1.00 51.34 ? 665 ASN B ND2 1 
ATOM   1209 N N   . SER B 1 44  ? -2.584  12.022  -20.005 1.00 34.56 ? 666 SER B N   1 
ATOM   1210 C CA  . SER B 1 44  ? -1.723  11.056  -19.327 1.00 32.08 ? 666 SER B CA  1 
ATOM   1211 C C   . SER B 1 44  ? -2.476  10.307  -18.232 1.00 33.75 ? 666 SER B C   1 
ATOM   1212 O O   . SER B 1 44  ? -2.435  9.072   -18.159 1.00 37.48 ? 666 SER B O   1 
ATOM   1213 C CB  . SER B 1 44  ? -0.513  11.786  -18.742 1.00 36.87 ? 666 SER B CB  1 
ATOM   1214 O OG  . SER B 1 44  ? 0.215   10.961  -17.856 1.00 49.12 ? 666 SER B OG  1 
ATOM   1215 N N   . LEU B 1 45  ? -3.155  11.042  -17.354 1.00 30.87 ? 667 LEU B N   1 
ATOM   1216 C CA  . LEU B 1 45  ? -3.822  10.400  -16.226 1.00 30.62 ? 667 LEU B CA  1 
ATOM   1217 C C   . LEU B 1 45  ? -4.965  9.507   -16.683 1.00 37.53 ? 667 LEU B C   1 
ATOM   1218 O O   . LEU B 1 45  ? -5.215  8.460   -16.080 1.00 31.45 ? 667 LEU B O   1 
ATOM   1219 C CB  . LEU B 1 45  ? -4.327  11.445  -15.238 1.00 30.96 ? 667 LEU B CB  1 
ATOM   1220 C CG  . LEU B 1 45  ? -3.399  11.741  -14.061 1.00 31.23 ? 667 LEU B CG  1 
ATOM   1221 C CD1 . LEU B 1 45  ? -3.383  10.556  -13.074 1.00 32.36 ? 667 LEU B CD1 1 
ATOM   1222 C CD2 . LEU B 1 45  ? -1.969  12.044  -14.530 1.00 33.68 ? 667 LEU B CD2 1 
ATOM   1223 N N   . ARG B 1 46  ? -5.702  9.911   -17.729 1.00 30.74 ? 668 ARG B N   1 
ATOM   1224 C CA  A ARG B 1 46  ? -6.755  9.035   -18.240 0.59 29.10 ? 668 ARG B CA  1 
ATOM   1225 C CA  B ARG B 1 46  ? -6.751  9.040   -18.258 0.41 29.09 ? 668 ARG B CA  1 
ATOM   1226 C C   . ARG B 1 46  ? -6.177  7.726   -18.760 1.00 34.43 ? 668 ARG B C   1 
ATOM   1227 O O   . ARG B 1 46  ? -6.764  6.651   -18.548 1.00 33.21 ? 668 ARG B O   1 
ATOM   1228 C CB  A ARG B 1 46  ? -7.558  9.743   -19.336 0.59 32.52 ? 668 ARG B CB  1 
ATOM   1229 C CB  B ARG B 1 46  ? -7.498  9.741   -19.387 0.41 31.96 ? 668 ARG B CB  1 
ATOM   1230 C CG  A ARG B 1 46  ? -8.293  10.980  -18.850 0.59 34.55 ? 668 ARG B CG  1 
ATOM   1231 C CG  B ARG B 1 46  ? -8.580  10.640  -18.897 0.41 34.27 ? 668 ARG B CG  1 
ATOM   1232 C CD  A ARG B 1 46  ? -9.309  11.505  -19.883 0.59 34.23 ? 668 ARG B CD  1 
ATOM   1233 C CD  B ARG B 1 46  ? -9.099  11.520  -20.008 0.41 34.70 ? 668 ARG B CD  1 
ATOM   1234 N NE  A ARG B 1 46  ? -10.442 10.604  -20.066 0.59 28.08 ? 668 ARG B NE  1 
ATOM   1235 N NE  B ARG B 1 46  ? -10.371 12.093  -19.604 0.41 33.97 ? 668 ARG B NE  1 
ATOM   1236 C CZ  A ARG B 1 46  ? -10.597 9.795   -21.104 0.59 31.27 ? 668 ARG B CZ  1 
ATOM   1237 C CZ  B ARG B 1 46  ? -10.999 13.065  -20.248 0.41 32.64 ? 668 ARG B CZ  1 
ATOM   1238 N NH1 A ARG B 1 46  ? -9.723  9.769   -22.096 0.59 36.31 ? 668 ARG B NH1 1 
ATOM   1239 N NH1 B ARG B 1 46  ? -10.508 13.591  -21.357 0.41 41.48 ? 668 ARG B NH1 1 
ATOM   1240 N NH2 A ARG B 1 46  ? -11.665 9.002   -21.156 0.59 37.62 ? 668 ARG B NH2 1 
ATOM   1241 N NH2 B ARG B 1 46  ? -12.151 13.515  -19.769 0.41 33.48 ? 668 ARG B NH2 1 
ATOM   1242 N N   . LEU B 1 47  ? -5.026  7.787   -19.431 1.00 31.13 ? 669 LEU B N   1 
ATOM   1243 C CA  . LEU B 1 47  ? -4.404  6.547   -19.881 1.00 30.21 ? 669 LEU B CA  1 
ATOM   1244 C C   . LEU B 1 47  ? -3.953  5.695   -18.691 1.00 35.01 ? 669 LEU B C   1 
ATOM   1245 O O   . LEU B 1 47  ? -4.115  4.465   -18.695 1.00 32.19 ? 669 LEU B O   1 
ATOM   1246 C CB  . LEU B 1 47  ? -3.236  6.854   -20.814 1.00 34.93 ? 669 LEU B CB  1 
ATOM   1247 C CG  . LEU B 1 47  ? -3.598  7.564   -22.124 1.00 42.48 ? 669 LEU B CG  1 
ATOM   1248 C CD1 . LEU B 1 47  ? -2.352  7.957   -22.902 1.00 48.33 ? 669 LEU B CD1 1 
ATOM   1249 C CD2 . LEU B 1 47  ? -4.508  6.702   -22.975 1.00 43.90 ? 669 LEU B CD2 1 
ATOM   1250 N N   . CYS B 1 48  ? -3.410  6.337   -17.653 1.00 30.83 ? 670 CYS B N   1 
ATOM   1251 C CA  . CYS B 1 48  ? -2.976  5.589   -16.466 1.00 29.08 ? 670 CYS B CA  1 
ATOM   1252 C C   . CYS B 1 48  ? -4.157  4.936   -15.760 1.00 29.80 ? 670 CYS B C   1 
ATOM   1253 O O   . CYS B 1 48  ? -4.071  3.789   -15.301 1.00 32.45 ? 670 CYS B O   1 
ATOM   1254 C CB  . CYS B 1 48  ? -2.238  6.508   -15.502 1.00 32.17 ? 670 CYS B CB  1 
ATOM   1255 S SG  . CYS B 1 48  ? -0.677  7.128   -16.113 1.00 40.55 ? 670 CYS B SG  1 
ATOM   1256 N N   . LEU B 1 49  ? -5.278  5.657   -15.672 1.00 29.93 ? 671 LEU B N   1 
ATOM   1257 C CA  . LEU B 1 49  ? -6.476  5.106   -15.055 1.00 26.71 ? 671 LEU B CA  1 
ATOM   1258 C C   . LEU B 1 49  ? -6.985  3.912   -15.834 1.00 29.68 ? 671 LEU B C   1 
ATOM   1259 O O   . LEU B 1 49  ? -7.303  2.874   -15.245 1.00 32.92 ? 671 LEU B O   1 
ATOM   1260 C CB  . LEU B 1 49  ? -7.567  6.179   -14.953 1.00 29.97 ? 671 LEU B CB  1 
ATOM   1261 C CG  . LEU B 1 49  ? -7.343  7.145   -13.791 1.00 31.07 ? 671 LEU B CG  1 
ATOM   1262 C CD1 . LEU B 1 49  ? -8.075  8.473   -14.019 1.00 38.85 ? 671 LEU B CD1 1 
ATOM   1263 C CD2 . LEU B 1 49  ? -7.783  6.482   -12.491 1.00 34.67 ? 671 LEU B CD2 1 
ATOM   1264 N N   . LYS B 1 50  ? -7.079  4.046   -17.157 1.00 28.40 ? 672 LYS B N   1 
ATOM   1265 C CA  . LYS B 1 50  ? -7.511  2.929   -17.985 1.00 35.17 ? 672 LYS B CA  1 
ATOM   1266 C C   . LYS B 1 50  ? -6.635  1.709   -17.734 1.00 35.73 ? 672 LYS B C   1 
ATOM   1267 O O   . LYS B 1 50  ? -7.140  0.608   -17.472 1.00 32.76 ? 672 LYS B O   1 
ATOM   1268 C CB  . LYS B 1 50  ? -7.474  3.344   -19.455 1.00 39.90 ? 672 LYS B CB  1 
ATOM   1269 C CG  . LYS B 1 50  ? -8.019  2.346   -20.445 1.00 45.91 ? 672 LYS B CG  1 
ATOM   1270 C CD  . LYS B 1 50  ? -7.990  2.993   -21.828 1.00 46.41 ? 672 LYS B CD  1 
ATOM   1271 C CE  . LYS B 1 50  ? -8.157  1.983   -22.947 1.00 56.68 ? 672 LYS B CE  1 
ATOM   1272 N NZ  . LYS B 1 50  ? -9.591  1.642   -23.174 1.00 63.97 ? 672 LYS B NZ  1 
ATOM   1273 N N   . SER B 1 51  ? -5.313  1.901   -17.779 1.00 32.44 ? 673 SER B N   1 
ATOM   1274 C CA  . SER B 1 51  ? -4.399  0.781   -17.584 1.00 38.51 ? 673 SER B CA  1 
ATOM   1275 C C   . SER B 1 51  ? -4.597  0.136   -16.220 1.00 32.62 ? 673 SER B C   1 
ATOM   1276 O O   . SER B 1 51  ? -4.683  -1.094  -16.108 1.00 35.39 ? 673 SER B O   1 
ATOM   1277 C CB  . SER B 1 51  ? -2.952  1.242   -17.739 1.00 37.03 ? 673 SER B CB  1 
ATOM   1278 O OG  . SER B 1 51  ? -2.085  0.194   -17.359 1.00 48.85 ? 673 SER B OG  1 
ATOM   1279 N N   . ALA B 1 52  ? -4.651  0.949   -15.164 1.00 28.84 ? 674 ALA B N   1 
ATOM   1280 C CA  . ALA B 1 52  ? -4.737  0.400   -13.813 1.00 32.45 ? 674 ALA B CA  1 
ATOM   1281 C C   . ALA B 1 52  ? -6.068  -0.307  -13.575 1.00 36.18 ? 674 ALA B C   1 
ATOM   1282 O O   . ALA B 1 52  ? -6.114  -1.328  -12.879 1.00 35.43 ? 674 ALA B O   1 
ATOM   1283 C CB  . ALA B 1 52  ? -4.515  1.507   -12.783 1.00 32.50 ? 674 ALA B CB  1 
ATOM   1284 N N   . ARG B 1 53  ? -7.165  0.225   -14.134 1.00 32.28 ? 675 ARG B N   1 
ATOM   1285 C CA  . ARG B 1 53  ? -8.462  -0.433  -14.006 1.00 35.07 ? 675 ARG B CA  1 
ATOM   1286 C C   . ARG B 1 53  ? -8.468  -1.770  -14.714 1.00 35.64 ? 675 ARG B C   1 
ATOM   1287 O O   . ARG B 1 53  ? -9.111  -2.722  -14.262 1.00 40.02 ? 675 ARG B O   1 
ATOM   1288 C CB  . ARG B 1 53  ? -9.593  0.430   -14.600 1.00 37.02 ? 675 ARG B CB  1 
ATOM   1289 C CG  . ARG B 1 53  ? -9.747  1.842   -14.102 1.00 47.47 ? 675 ARG B CG  1 
ATOM   1290 C CD  . ARG B 1 53  ? -10.996 2.512   -14.728 1.00 40.63 ? 675 ARG B CD  1 
ATOM   1291 N NE  . ARG B 1 53  ? -11.173 2.318   -16.169 1.00 48.11 ? 675 ARG B NE  1 
ATOM   1292 C CZ  . ARG B 1 53  ? -11.114 3.278   -17.089 1.00 47.58 ? 675 ARG B CZ  1 
ATOM   1293 N NH1 . ARG B 1 53  ? -10.814 4.528   -16.769 1.00 36.08 ? 675 ARG B NH1 1 
ATOM   1294 N NH2 . ARG B 1 53  ? -11.373 2.977   -18.362 1.00 46.24 ? 675 ARG B NH2 1 
ATOM   1295 N N   . ASN B 1 54  ? -7.806  -1.846  -15.857 1.00 36.58 ? 676 ASN B N   1 
ATOM   1296 C CA  . ASN B 1 54  ? -8.080  -2.979  -16.720 1.00 34.98 ? 676 ASN B CA  1 
ATOM   1297 C C   . ASN B 1 54  ? -7.115  -4.147  -16.515 1.00 41.28 ? 676 ASN B C   1 
ATOM   1298 O O   . ASN B 1 54  ? -7.508  -5.303  -16.715 1.00 41.10 ? 676 ASN B O   1 
ATOM   1299 C CB  . ASN B 1 54  ? -8.048  -2.553  -18.190 1.00 41.09 ? 676 ASN B CB  1 
ATOM   1300 C CG  . ASN B 1 54  ? -8.966  -1.361  -18.508 1.00 63.86 ? 676 ASN B CG  1 
ATOM   1301 O OD1 . ASN B 1 54  ? -8.930  -0.852  -19.638 1.00 61.72 ? 676 ASN B OD1 1 
ATOM   1302 N ND2 . ASN B 1 54  ? -9.766  -0.898  -17.541 1.00 64.23 ? 676 ASN B ND2 1 
ATOM   1303 N N   . THR B 1 55  ? -5.873  -3.896  -16.089 1.00 36.08 ? 677 THR B N   1 
ATOM   1304 C CA  . THR B 1 55  ? -4.837  -4.916  -16.235 1.00 34.86 ? 677 THR B CA  1 
ATOM   1305 C C   . THR B 1 55  ? -5.036  -6.078  -15.266 1.00 41.19 ? 677 THR B C   1 
ATOM   1306 O O   . THR B 1 55  ? -5.286  -5.889  -14.070 1.00 37.03 ? 677 THR B O   1 
ATOM   1307 C CB  . THR B 1 55  ? -3.446  -4.300  -16.056 1.00 37.20 ? 677 THR B CB  1 
ATOM   1308 O OG1 . THR B 1 55  ? -2.446  -5.297  -16.303 1.00 34.79 ? 677 THR B OG1 1 
ATOM   1309 C CG2 . THR B 1 55  ? -3.249  -3.750  -14.652 1.00 29.10 ? 677 THR B CG2 1 
ATOM   1310 N N   . GLN B 1 56  ? -4.918  -7.294  -15.787 1.00 38.19 ? 678 GLN B N   1 
ATOM   1311 C CA  . GLN B 1 56  ? -4.827  -8.476  -14.944 1.00 37.25 ? 678 GLN B CA  1 
ATOM   1312 C C   . GLN B 1 56  ? -3.393  -8.865  -14.634 1.00 38.21 ? 678 GLN B C   1 
ATOM   1313 O O   . GLN B 1 56  ? -3.171  -9.906  -14.014 1.00 40.84 ? 678 GLN B O   1 
ATOM   1314 C CB  . GLN B 1 56  ? -5.554  -9.645  -15.607 1.00 42.35 ? 678 GLN B CB  1 
ATOM   1315 C CG  . GLN B 1 56  ? -7.014  -9.329  -15.874 1.00 48.69 ? 678 GLN B CG  1 
ATOM   1316 C CD  . GLN B 1 56  ? -7.729  -8.905  -14.602 1.00 58.74 ? 678 GLN B CD  1 
ATOM   1317 O OE1 . GLN B 1 56  ? -7.625  -9.575  -13.575 1.00 54.49 ? 678 GLN B OE1 1 
ATOM   1318 N NE2 . GLN B 1 56  ? -8.427  -7.773  -14.656 1.00 53.52 ? 678 GLN B NE2 1 
ATOM   1319 N N   . HIS B 1 57  ? -2.413  -8.056  -15.020 1.00 37.68 ? 679 HIS B N   1 
ATOM   1320 C CA  . HIS B 1 57  ? -1.002  -8.380  -14.809 1.00 36.46 ? 679 HIS B CA  1 
ATOM   1321 C C   . HIS B 1 57  ? -0.444  -7.472  -13.708 1.00 36.61 ? 679 HIS B C   1 
ATOM   1322 O O   . HIS B 1 57  ? -0.200  -6.284  -13.934 1.00 32.93 ? 679 HIS B O   1 
ATOM   1323 C CB  . HIS B 1 57  ? -0.244  -8.250  -16.133 1.00 39.96 ? 679 HIS B CB  1 
ATOM   1324 C CG  . HIS B 1 57  ? -1.027  -8.737  -17.331 1.00 45.07 ? 679 HIS B CG  1 
ATOM   1325 N ND1 . HIS B 1 57  ? -1.354  -10.066 -17.506 1.00 41.90 ? 679 HIS B ND1 1 
ATOM   1326 C CD2 . HIS B 1 57  ? -1.540  -8.079  -18.403 1.00 45.18 ? 679 HIS B CD2 1 
ATOM   1327 C CE1 . HIS B 1 57  ? -2.031  -10.209 -18.632 1.00 44.82 ? 679 HIS B CE1 1 
ATOM   1328 N NE2 . HIS B 1 57  ? -2.169  -9.018  -19.193 1.00 51.45 ? 679 HIS B NE2 1 
ATOM   1329 N N   . MET B 1 58  ? -0.205  -8.047  -12.516 1.00 36.27 ? 680 MET B N   1 
ATOM   1330 C CA  . MET B 1 58  ? 0.173   -7.248  -11.346 1.00 34.51 ? 680 MET B CA  1 
ATOM   1331 C C   . MET B 1 58  ? 1.507   -6.542  -11.530 1.00 31.52 ? 680 MET B C   1 
ATOM   1332 O O   . MET B 1 58  ? 1.740   -5.486  -10.928 1.00 34.94 ? 680 MET B O   1 
ATOM   1333 C CB  . MET B 1 58  ? 0.218   -8.135  -10.094 1.00 36.76 ? 680 MET B CB  1 
ATOM   1334 C CG  . MET B 1 58  ? -1.149  -8.682  -9.711  1.00 39.21 ? 680 MET B CG  1 
ATOM   1335 S SD  . MET B 1 58  ? -2.351  -7.343  -9.501  1.00 44.54 ? 680 MET B SD  1 
ATOM   1336 C CE  . MET B 1 58  ? -3.264  -7.327  -11.057 1.00 42.49 ? 680 MET B CE  1 
ATOM   1337 N N   . ASN B 1 59  ? 2.393   -7.103  -12.346 1.00 35.55 ? 681 ASN B N   1 
ATOM   1338 C CA  . ASN B 1 59  ? 3.649   -6.433  -12.647 1.00 40.73 ? 681 ASN B CA  1 
ATOM   1339 C C   . ASN B 1 59  ? 3.435   -5.106  -13.362 1.00 38.93 ? 681 ASN B C   1 
ATOM   1340 O O   . ASN B 1 59  ? 4.351   -4.278  -13.401 1.00 39.70 ? 681 ASN B O   1 
ATOM   1341 C CB  . ASN B 1 59  ? 4.517   -7.344  -13.501 1.00 44.08 ? 681 ASN B CB  1 
ATOM   1342 C CG  . ASN B 1 59  ? 3.764   -7.894  -14.681 1.00 37.39 ? 681 ASN B CG  1 
ATOM   1343 O OD1 . ASN B 1 59  ? 2.965   -8.830  -14.552 1.00 40.27 ? 681 ASN B OD1 1 
ATOM   1344 N ND2 . ASN B 1 59  ? 3.980   -7.295  -15.837 1.00 49.59 ? 681 ASN B ND2 1 
ATOM   1345 N N   . GLU B 1 60  ? 2.257   -4.889  -13.944 1.00 34.04 ? 682 GLU B N   1 
ATOM   1346 C CA  . GLU B 1 60  ? 1.968   -3.611  -14.584 1.00 32.01 ? 682 GLU B CA  1 
ATOM   1347 C C   . GLU B 1 60  ? 1.457   -2.562  -13.605 1.00 36.83 ? 682 GLU B C   1 
ATOM   1348 O O   . GLU B 1 60  ? 1.476   -1.364  -13.932 1.00 41.12 ? 682 GLU B O   1 
ATOM   1349 C CB  . GLU B 1 60  ? 0.968   -3.819  -15.717 1.00 34.58 ? 682 GLU B CB  1 
ATOM   1350 C CG  . GLU B 1 60  ? 1.555   -4.651  -16.838 1.00 39.33 ? 682 GLU B CG  1 
ATOM   1351 C CD  . GLU B 1 60  ? 0.650   -4.781  -18.037 1.00 46.58 ? 682 GLU B CD  1 
ATOM   1352 O OE1 . GLU B 1 60  ? 1.083   -5.416  -19.025 1.00 50.14 ? 682 GLU B OE1 1 
ATOM   1353 O OE2 . GLU B 1 60  ? -0.491  -4.271  -17.990 1.00 39.68 ? 682 GLU B OE2 1 
ATOM   1354 N N   . LEU B 1 61  ? 0.979   -2.971  -12.427 1.00 31.16 ? 683 LEU B N   1 
ATOM   1355 C CA  . LEU B 1 61  ? 0.663   -1.983  -11.404 1.00 31.23 ? 683 LEU B CA  1 
ATOM   1356 C C   . LEU B 1 61  ? 1.894   -1.611  -10.599 1.00 30.78 ? 683 LEU B C   1 
ATOM   1357 O O   . LEU B 1 61  ? 1.938   -0.536  -9.993  1.00 31.84 ? 683 LEU B O   1 
ATOM   1358 C CB  . LEU B 1 61  ? -0.398  -2.510  -10.443 1.00 36.07 ? 683 LEU B CB  1 
ATOM   1359 C CG  . LEU B 1 61  ? -1.719  -3.028  -10.990 1.00 35.15 ? 683 LEU B CG  1 
ATOM   1360 C CD1 . LEU B 1 61  ? -2.602  -3.472  -9.840  1.00 37.25 ? 683 LEU B CD1 1 
ATOM   1361 C CD2 . LEU B 1 61  ? -2.396  -1.937  -11.796 1.00 36.91 ? 683 LEU B CD2 1 
ATOM   1362 N N   . GLU B 1 62  ? 2.877   -2.508  -10.554 1.00 36.11 ? 684 GLU B N   1 
ATOM   1363 C CA  . GLU B 1 62  ? 4.042   -2.309  -9.694  1.00 31.05 ? 684 GLU B CA  1 
ATOM   1364 C C   . GLU B 1 62  ? 4.781   -0.998  -9.948  1.00 29.67 ? 684 GLU B C   1 
ATOM   1365 O O   . GLU B 1 62  ? 5.149   -0.341  -8.961  1.00 31.88 ? 684 GLU B O   1 
ATOM   1366 C CB  . GLU B 1 62  ? 4.980   -3.523  -9.832  1.00 37.76 ? 684 GLU B CB  1 
ATOM   1367 C CG  . GLU B 1 62  ? 6.186   -3.499  -8.920  1.00 35.90 ? 684 GLU B CG  1 
ATOM   1368 C CD  . GLU B 1 62  ? 7.316   -2.706  -9.525  1.00 46.34 ? 684 GLU B CD  1 
ATOM   1369 O OE1 . GLU B 1 62  ? 7.282   -2.471  -10.739 1.00 44.94 ? 684 GLU B OE1 1 
ATOM   1370 O OE2 . GLU B 1 62  ? 8.229   -2.318  -8.780  1.00 59.51 ? 684 GLU B OE2 1 
ATOM   1371 N N   . PRO B 1 63  ? 5.036   -0.556  -11.190 1.00 35.94 ? 685 PRO B N   1 
ATOM   1372 C CA  . PRO B 1 63  ? 5.739   0.731   -11.366 1.00 41.66 ? 685 PRO B CA  1 
ATOM   1373 C C   . PRO B 1 63  ? 5.013   1.910   -10.744 1.00 30.50 ? 685 PRO B C   1 
ATOM   1374 O O   . PRO B 1 63  ? 5.656   2.797   -10.164 1.00 33.07 ? 685 PRO B O   1 
ATOM   1375 C CB  . PRO B 1 63  ? 5.829   0.870   -12.889 1.00 41.35 ? 685 PRO B CB  1 
ATOM   1376 C CG  . PRO B 1 63  ? 5.785   -0.535  -13.386 1.00 46.29 ? 685 PRO B CG  1 
ATOM   1377 C CD  . PRO B 1 63  ? 4.796   -1.208  -12.489 1.00 38.41 ? 685 PRO B CD  1 
ATOM   1378 N N   . TYR B 1 64  ? 3.682   1.934   -10.849 1.00 31.06 ? 686 TYR B N   1 
ATOM   1379 C CA  . TYR B 1 64  ? 2.878   2.974   -10.211 1.00 37.00 ? 686 TYR B CA  1 
ATOM   1380 C C   . TYR B 1 64  ? 2.957   2.890   -8.694  1.00 27.98 ? 686 TYR B C   1 
ATOM   1381 O O   . TYR B 1 64  ? 3.166   3.903   -8.013  1.00 28.38 ? 686 TYR B O   1 
ATOM   1382 C CB  . TYR B 1 64  ? 1.417   2.840   -10.629 1.00 32.46 ? 686 TYR B CB  1 
ATOM   1383 C CG  . TYR B 1 64  ? 1.095   2.994   -12.086 1.00 38.30 ? 686 TYR B CG  1 
ATOM   1384 C CD1 . TYR B 1 64  ? 1.121   1.905   -12.944 1.00 39.20 ? 686 TYR B CD1 1 
ATOM   1385 C CD2 . TYR B 1 64  ? 0.692   4.226   -12.596 1.00 44.73 ? 686 TYR B CD2 1 
ATOM   1386 C CE1 . TYR B 1 64  ? 0.791   2.041   -14.283 1.00 50.08 ? 686 TYR B CE1 1 
ATOM   1387 C CE2 . TYR B 1 64  ? 0.363   4.373   -13.924 1.00 50.46 ? 686 TYR B CE2 1 
ATOM   1388 C CZ  . TYR B 1 64  ? 0.410   3.283   -14.768 1.00 46.55 ? 686 TYR B CZ  1 
ATOM   1389 O OH  . TYR B 1 64  ? 0.075   3.450   -16.097 1.00 43.47 ? 686 TYR B OH  1 
ATOM   1390 N N   . LEU B 1 65  ? 2.719   1.694   -8.143  1.00 29.42 ? 687 LEU B N   1 
ATOM   1391 C CA  . LEU B 1 65  ? 2.748   1.536   -6.695  1.00 30.99 ? 687 LEU B CA  1 
ATOM   1392 C C   . LEU B 1 65  ? 4.122   1.876   -6.141  1.00 31.46 ? 687 LEU B C   1 
ATOM   1393 O O   . LEU B 1 65  ? 4.231   2.443   -5.049  1.00 31.88 ? 687 LEU B O   1 
ATOM   1394 C CB  . LEU B 1 65  ? 2.330   0.113   -6.309  1.00 29.69 ? 687 LEU B CB  1 
ATOM   1395 C CG  . LEU B 1 65  ? 0.851   -0.153  -6.650  1.00 35.05 ? 687 LEU B CG  1 
ATOM   1396 C CD1 . LEU B 1 65  ? 0.470   -1.635  -6.564  1.00 34.74 ? 687 LEU B CD1 1 
ATOM   1397 C CD2 . LEU B 1 65  ? -0.046  0.695   -5.756  1.00 35.65 ? 687 LEU B CD2 1 
ATOM   1398 N N   . GLU B 1 66  ? 5.178   1.548   -6.884  1.00 30.99 ? 688 GLU B N   1 
ATOM   1399 C CA  . GLU B 1 66  ? 6.511   1.991   -6.493  1.00 36.70 ? 688 GLU B CA  1 
ATOM   1400 C C   . GLU B 1 66  ? 6.607   3.513   -6.507  1.00 33.81 ? 688 GLU B C   1 
ATOM   1401 O O   . GLU B 1 66  ? 7.127   4.127   -5.566  1.00 31.32 ? 688 GLU B O   1 
ATOM   1402 C CB  . GLU B 1 66  ? 7.568   1.374   -7.406  1.00 38.53 ? 688 GLU B CB  1 
ATOM   1403 C CG  . GLU B 1 66  ? 8.942   2.002   -7.241  1.00 41.55 ? 688 GLU B CG  1 
ATOM   1404 C CD  . GLU B 1 66  ? 9.510   1.823   -5.834  1.00 54.95 ? 688 GLU B CD  1 
ATOM   1405 O OE1 . GLU B 1 66  ? 9.340   0.727   -5.253  1.00 46.66 ? 688 GLU B OE1 1 
ATOM   1406 O OE2 . GLU B 1 66  ? 10.124  2.779   -5.312  1.00 52.32 ? 688 GLU B OE2 1 
ATOM   1407 N N   . LEU B 1 67  ? 6.103   4.146   -7.570  1.00 30.59 ? 689 LEU B N   1 
ATOM   1408 C CA  . LEU B 1 67  ? 6.216   5.596   -7.660  1.00 28.09 ? 689 LEU B CA  1 
ATOM   1409 C C   . LEU B 1 67  ? 5.544   6.268   -6.472  1.00 27.89 ? 689 LEU B C   1 
ATOM   1410 O O   . LEU B 1 67  ? 6.070   7.234   -5.913  1.00 32.38 ? 689 LEU B O   1 
ATOM   1411 C CB  . LEU B 1 67  ? 5.596   6.092   -8.970  1.00 30.78 ? 689 LEU B CB  1 
ATOM   1412 C CG  . LEU B 1 67  ? 5.394   7.608   -9.084  1.00 28.21 ? 689 LEU B CG  1 
ATOM   1413 C CD1 . LEU B 1 67  ? 6.722   8.348   -9.168  1.00 31.77 ? 689 LEU B CD1 1 
ATOM   1414 C CD2 . LEU B 1 67  ? 4.504   7.933   -10.284 1.00 29.97 ? 689 LEU B CD2 1 
ATOM   1415 N N   . PHE B 1 68  ? 4.373   5.766   -6.077  1.00 27.50 ? 690 PHE B N   1 
ATOM   1416 C CA  . PHE B 1 68  ? 3.543   6.338   -5.023  1.00 28.66 ? 690 PHE B CA  1 
ATOM   1417 C C   . PHE B 1 68  ? 3.836   5.750   -3.646  1.00 29.13 ? 690 PHE B C   1 
ATOM   1418 O O   . PHE B 1 68  ? 2.951   5.747   -2.782  1.00 29.76 ? 690 PHE B O   1 
ATOM   1419 C CB  . PHE B 1 68  ? 2.068   6.145   -5.383  1.00 28.11 ? 690 PHE B CB  1 
ATOM   1420 C CG  . PHE B 1 68  ? 1.659   6.845   -6.652  1.00 30.93 ? 690 PHE B CG  1 
ATOM   1421 C CD1 . PHE B 1 68  ? 1.932   8.187   -6.823  1.00 34.82 ? 690 PHE B CD1 1 
ATOM   1422 C CD2 . PHE B 1 68  ? 1.003   6.163   -7.672  1.00 33.78 ? 690 PHE B CD2 1 
ATOM   1423 C CE1 . PHE B 1 68  ? 1.549   8.849   -7.980  1.00 31.07 ? 690 PHE B CE1 1 
ATOM   1424 C CE2 . PHE B 1 68  ? 0.617   6.828   -8.844  1.00 37.30 ? 690 PHE B CE2 1 
ATOM   1425 C CZ  . PHE B 1 68  ? 0.901   8.164   -8.993  1.00 31.66 ? 690 PHE B CZ  1 
ATOM   1426 N N   . SER B 1 69  ? 5.051   5.244   -3.422  1.00 34.03 ? 691 SER B N   1 
ATOM   1427 C CA  . SER B 1 69  ? 5.347   4.578   -2.157  1.00 34.25 ? 691 SER B CA  1 
ATOM   1428 C C   . SER B 1 69  ? 5.077   5.485   -0.963  1.00 31.00 ? 691 SER B C   1 
ATOM   1429 O O   . SER B 1 69  ? 4.583   5.026   0.075   1.00 31.77 ? 691 SER B O   1 
ATOM   1430 C CB  . SER B 1 69  ? 6.801   4.112   -2.142  1.00 33.66 ? 691 SER B CB  1 
ATOM   1431 O OG  . SER B 1 69  ? 7.665   5.241   -2.133  1.00 37.39 ? 691 SER B OG  1 
ATOM   1432 N N   . GLU B 1 70  ? 5.390   6.779   -1.089  1.00 29.62 ? 692 GLU B N   1 
ATOM   1433 C CA  . GLU B 1 70  ? 5.192   7.696   0.032   1.00 34.00 ? 692 GLU B CA  1 
ATOM   1434 C C   . GLU B 1 70  ? 3.713   7.900   0.339   1.00 30.55 ? 692 GLU B C   1 
ATOM   1435 O O   . GLU B 1 70  ? 3.322   7.952   1.515   1.00 35.52 ? 692 GLU B O   1 
ATOM   1436 C CB  . GLU B 1 70  ? 5.881   9.026   -0.255  1.00 36.98 ? 692 GLU B CB  1 
ATOM   1437 C CG  . GLU B 1 70  ? 7.396   8.957   -0.121  1.00 49.35 ? 692 GLU B CG  1 
ATOM   1438 C CD  . GLU B 1 70  ? 7.847   9.023   1.326   1.00 54.34 ? 692 GLU B CD  1 
ATOM   1439 O OE1 . GLU B 1 70  ? 7.555   10.049  1.976   1.00 62.76 ? 692 GLU B OE1 1 
ATOM   1440 O OE2 . GLU B 1 70  ? 8.479   8.061   1.818   1.00 55.01 ? 692 GLU B OE2 1 
ATOM   1441 N N   . CYS B 1 71  ? 2.880   8.014   -0.703  1.00 30.38 ? 693 CYS B N   1 
ATOM   1442 C CA  . CYS B 1 71  ? 1.434   8.074   -0.512  1.00 32.98 ? 693 CYS B CA  1 
ATOM   1443 C C   . CYS B 1 71  ? 0.937   6.878   0.285   1.00 32.34 ? 693 CYS B C   1 
ATOM   1444 O O   . CYS B 1 71  ? 0.156   7.021   1.227   1.00 30.04 ? 693 CYS B O   1 
ATOM   1445 C CB  . CYS B 1 71  ? 0.724   8.115   -1.865  1.00 32.17 ? 693 CYS B CB  1 
ATOM   1446 S SG  . CYS B 1 71  ? 1.168   9.517   -2.870  1.00 38.22 ? 693 CYS B SG  1 
ATOM   1447 N N   . ILE B 1 72  ? 1.356   5.681   -0.114  1.00 31.72 ? 694 ILE B N   1 
ATOM   1448 C CA  . ILE B 1 72  ? 0.857   4.464   0.519   1.00 32.81 ? 694 ILE B CA  1 
ATOM   1449 C C   . ILE B 1 72  ? 1.336   4.381   1.959   1.00 35.13 ? 694 ILE B C   1 
ATOM   1450 O O   . ILE B 1 72  ? 0.554   4.127   2.882   1.00 32.70 ? 694 ILE B O   1 
ATOM   1451 C CB  . ILE B 1 72  ? 1.290   3.231   -0.291  1.00 32.61 ? 694 ILE B CB  1 
ATOM   1452 C CG1 . ILE B 1 72  ? 0.676   3.278   -1.690  1.00 37.24 ? 694 ILE B CG1 1 
ATOM   1453 C CG2 . ILE B 1 72  ? 0.933   1.939   0.459   1.00 39.98 ? 694 ILE B CG2 1 
ATOM   1454 C CD1 . ILE B 1 72  ? 1.386   2.425   -2.687  1.00 43.52 ? 694 ILE B CD1 1 
ATOM   1455 N N   . LYS B 1 73  ? 2.631   4.594   2.169   1.00 32.06 ? 695 LYS B N   1 
ATOM   1456 C CA  . LYS B 1 73  ? 3.188   4.431   3.503   1.00 35.99 ? 695 LYS B CA  1 
ATOM   1457 C C   . LYS B 1 73  ? 2.613   5.447   4.480   1.00 38.06 ? 695 LYS B C   1 
ATOM   1458 O O   . LYS B 1 73  ? 2.416   5.127   5.658   1.00 35.42 ? 695 LYS B O   1 
ATOM   1459 C CB  . LYS B 1 73  ? 4.708   4.529   3.428   1.00 37.77 ? 695 LYS B CB  1 
ATOM   1460 C CG  . LYS B 1 73  ? 5.386   4.852   4.743   1.00 52.75 ? 695 LYS B CG  1 
ATOM   1461 C CD  . LYS B 1 73  ? 6.893   4.754   4.598   1.00 55.63 ? 695 LYS B CD  1 
ATOM   1462 C CE  . LYS B 1 73  ? 7.390   5.686   3.508   1.00 60.52 ? 695 LYS B CE  1 
ATOM   1463 N NZ  . LYS B 1 73  ? 8.735   5.296   2.990   1.00 68.72 ? 695 LYS B NZ  1 
ATOM   1464 N N   . ASN B 1 74  ? 2.300   6.659   4.015   1.00 35.03 ? 696 ASN B N   1 
ATOM   1465 C CA  . ASN B 1 74  ? 1.730   7.676   4.894   1.00 36.85 ? 696 ASN B CA  1 
ATOM   1466 C C   . ASN B 1 74  ? 0.216   7.834   4.751   1.00 37.72 ? 696 ASN B C   1 
ATOM   1467 O O   . ASN B 1 74  ? -0.356  8.733   5.377   1.00 35.14 ? 696 ASN B O   1 
ATOM   1468 C CB  . ASN B 1 74  ? 2.419   9.018   4.646   1.00 39.46 ? 696 ASN B CB  1 
ATOM   1469 C CG  . ASN B 1 74  ? 3.918   8.941   4.900   1.00 43.01 ? 696 ASN B CG  1 
ATOM   1470 O OD1 . ASN B 1 74  ? 4.350   8.756   6.030   1.00 47.24 ? 696 ASN B OD1 1 
ATOM   1471 N ND2 . ASN B 1 74  ? 4.716   9.062   3.840   1.00 47.11 ? 696 ASN B ND2 1 
ATOM   1472 N N   . SER B 1 75  ? -0.442  6.977   3.965   1.00 31.95 ? 697 SER B N   1 
ATOM   1473 C CA  . SER B 1 75  ? -1.899  7.011   3.794   1.00 30.63 ? 697 SER B CA  1 
ATOM   1474 C C   . SER B 1 75  ? -2.360  8.409   3.398   1.00 33.09 ? 697 SER B C   1 
ATOM   1475 O O   . SER B 1 75  ? -3.400  8.889   3.848   1.00 34.78 ? 697 SER B O   1 
ATOM   1476 C CB  . SER B 1 75  ? -2.623  6.540   5.057   1.00 36.48 ? 697 SER B CB  1 
ATOM   1477 O OG  . SER B 1 75  ? -2.173  5.252   5.464   1.00 34.48 ? 697 SER B OG  1 
ATOM   1478 N N   . LYS B 1 76  ? -1.562  9.065   2.560   1.00 30.61 ? 698 LYS B N   1 
ATOM   1479 C CA  . LYS B 1 76  ? -1.765  10.457  2.178   1.00 35.66 ? 698 LYS B CA  1 
ATOM   1480 C C   . LYS B 1 76  ? -1.771  10.573  0.662   1.00 33.26 ? 698 LYS B C   1 
ATOM   1481 O O   . LYS B 1 76  ? -0.958  9.942   -0.018  1.00 33.87 ? 698 LYS B O   1 
ATOM   1482 C CB  . LYS B 1 76  ? -0.658  11.328  2.776   1.00 43.77 ? 698 LYS B CB  1 
ATOM   1483 C CG  . LYS B 1 76  ? -0.816  12.817  2.563   1.00 44.96 ? 698 LYS B CG  1 
ATOM   1484 C CD  . LYS B 1 76  ? 0.414   13.559  3.074   1.00 51.51 ? 698 LYS B CD  1 
ATOM   1485 C CE  . LYS B 1 76  ? 0.352   13.800  4.576   1.00 63.03 ? 698 LYS B CE  1 
ATOM   1486 N NZ  . LYS B 1 76  ? -0.363  15.070  4.874   1.00 69.55 ? 698 LYS B NZ  1 
ATOM   1487 N N   . LEU B 1 77  ? -2.685  11.414  0.127   1.00 30.56 ? 699 LEU B N   1 
ATOM   1488 C CA  . LEU B 1 77  ? -2.867  11.549  -1.305  1.00 29.77 ? 699 LEU B CA  1 
ATOM   1489 C C   . LEU B 1 77  ? -2.140  12.780  -1.832  1.00 34.98 ? 699 LEU B C   1 
ATOM   1490 O O   . LEU B 1 77  ? -1.843  13.716  -1.080  1.00 31.74 ? 699 LEU B O   1 
ATOM   1491 C CB  . LEU B 1 77  ? -4.365  11.643  -1.629  1.00 29.11 ? 699 LEU B CB  1 
ATOM   1492 C CG  . LEU B 1 77  ? -5.172  10.349  -1.464  1.00 31.72 ? 699 LEU B CG  1 
ATOM   1493 C CD1 . LEU B 1 77  ? -6.664  10.619  -1.588  1.00 37.28 ? 699 LEU B CD1 1 
ATOM   1494 C CD2 . LEU B 1 77  ? -4.740  9.271   -2.457  1.00 35.52 ? 699 LEU B CD2 1 
ATOM   1495 N N   . PRO B 1 78  ? -1.824  12.803  -3.129  1.00 29.61 ? 700 PRO B N   1 
ATOM   1496 C CA  . PRO B 1 78  ? -1.075  13.942  -3.681  1.00 32.00 ? 700 PRO B CA  1 
ATOM   1497 C C   . PRO B 1 78  ? -1.749  15.297  -3.474  1.00 32.63 ? 700 PRO B C   1 
ATOM   1498 O O   . PRO B 1 78  ? -1.044  16.290  -3.250  1.00 35.50 ? 700 PRO B O   1 
ATOM   1499 C CB  . PRO B 1 78  ? -0.961  13.576  -5.166  1.00 36.96 ? 700 PRO B CB  1 
ATOM   1500 C CG  . PRO B 1 78  ? -0.921  12.071  -5.146  1.00 36.43 ? 700 PRO B CG  1 
ATOM   1501 C CD  . PRO B 1 78  ? -1.929  11.694  -4.095  1.00 31.29 ? 700 PRO B CD  1 
ATOM   1502 N N   . SER B 1 79  ? -3.083  15.378  -3.501  1.00 33.82 ? 701 SER B N   1 
ATOM   1503 C CA  . SER B 1 79  ? -3.718  16.684  -3.318  1.00 37.02 ? 701 SER B CA  1 
ATOM   1504 C C   . SER B 1 79  ? -3.513  17.235  -1.906  1.00 40.51 ? 701 SER B C   1 
ATOM   1505 O O   . SER B 1 79  ? -3.692  18.439  -1.689  1.00 44.28 ? 701 SER B O   1 
ATOM   1506 C CB  . SER B 1 79  ? -5.208  16.620  -3.667  1.00 36.85 ? 701 SER B CB  1 
ATOM   1507 O OG  . SER B 1 79  ? -5.956  15.880  -2.718  1.00 35.62 ? 701 SER B OG  1 
ATOM   1508 N N   . HIS B 1 80  ? -3.133  16.402  -0.945  1.00 33.34 ? 702 HIS B N   1 
ATOM   1509 C CA  . HIS B 1 80  ? -2.781  16.898  0.377   1.00 35.10 ? 702 HIS B CA  1 
ATOM   1510 C C   . HIS B 1 80  ? -1.281  17.071  0.546   1.00 38.91 ? 702 HIS B C   1 
ATOM   1511 O O   . HIS B 1 80  ? -0.805  17.229  1.675   1.00 41.97 ? 702 HIS B O   1 
ATOM   1512 C CB  . HIS B 1 80  ? -3.376  15.982  1.445   1.00 37.60 ? 702 HIS B CB  1 
ATOM   1513 C CG  . HIS B 1 80  ? -4.870  15.913  1.369   1.00 39.94 ? 702 HIS B CG  1 
ATOM   1514 N ND1 . HIS B 1 80  ? -5.686  16.830  1.996   1.00 54.80 ? 702 HIS B ND1 1 
ATOM   1515 C CD2 . HIS B 1 80  ? -5.692  15.086  0.677   1.00 40.93 ? 702 HIS B CD2 1 
ATOM   1516 C CE1 . HIS B 1 80  ? -6.948  16.552  1.714   1.00 53.31 ? 702 HIS B CE1 1 
ATOM   1517 N NE2 . HIS B 1 80  ? -6.980  15.496  0.919   1.00 53.37 ? 702 HIS B NE2 1 
ATOM   1518 N N   . MET B 1 81  ? -0.529  17.058  -0.547  1.00 34.67 ? 703 MET B N   1 
ATOM   1519 C CA  . MET B 1 81  ? 0.913   17.269  -0.537  1.00 38.76 ? 703 MET B CA  1 
ATOM   1520 C C   . MET B 1 81  ? 1.234   18.607  -1.191  1.00 43.86 ? 703 MET B C   1 
ATOM   1521 O O   . MET B 1 81  ? 0.345   19.339  -1.629  1.00 42.28 ? 703 MET B O   1 
ATOM   1522 C CB  . MET B 1 81  ? 1.623   16.111  -1.237  1.00 40.80 ? 703 MET B CB  1 
ATOM   1523 C CG  . MET B 1 81  ? 1.381   14.772  -0.539  1.00 36.96 ? 703 MET B CG  1 
ATOM   1524 S SD  . MET B 1 81  ? 1.984   13.340  -1.468  1.00 45.57 ? 703 MET B SD  1 
ATOM   1525 C CE  . MET B 1 81  ? 3.682   13.795  -1.673  1.00 51.00 ? 703 MET B CE  1 
ATOM   1526 N N   . SER B 1 82  ? 2.525   18.926  -1.251  1.00 46.72 ? 704 SER B N   1 
ATOM   1527 C CA  . SER B 1 82  ? 2.928   20.223  -1.771  1.00 41.80 ? 704 SER B CA  1 
ATOM   1528 C C   . SER B 1 82  ? 2.826   20.263  -3.292  1.00 40.25 ? 704 SER B C   1 
ATOM   1529 O O   . SER B 1 82  ? 2.767   19.233  -3.972  1.00 35.04 ? 704 SER B O   1 
ATOM   1530 C CB  . SER B 1 82  ? 4.364   20.540  -1.365  1.00 41.79 ? 704 SER B CB  1 
ATOM   1531 O OG  . SER B 1 82  ? 5.256   19.778  -2.153  1.00 41.78 ? 704 SER B OG  1 
ATOM   1532 N N   . LEU B 1 83  ? 2.816   21.486  -3.830  1.00 45.87 ? 705 LEU B N   1 
ATOM   1533 C CA  . LEU B 1 83  ? 2.778   21.638  -5.280  1.00 33.86 ? 705 LEU B CA  1 
ATOM   1534 C C   . LEU B 1 83  ? 3.985   20.978  -5.936  1.00 37.72 ? 705 LEU B C   1 
ATOM   1535 O O   . LEU B 1 83  ? 3.854   20.326  -6.977  1.00 34.51 ? 705 LEU B O   1 
ATOM   1536 C CB  . LEU B 1 83  ? 2.707   23.119  -5.649  1.00 44.55 ? 705 LEU B CB  1 
ATOM   1537 C CG  . LEU B 1 83  ? 2.828   23.410  -7.142  1.00 40.33 ? 705 LEU B CG  1 
ATOM   1538 C CD1 . LEU B 1 83  ? 1.663   22.791  -7.906  1.00 42.03 ? 705 LEU B CD1 1 
ATOM   1539 C CD2 . LEU B 1 83  ? 2.903   24.906  -7.387  1.00 39.15 ? 705 LEU B CD2 1 
ATOM   1540 N N   . LYS B 1 84  ? 5.174   21.126  -5.337  1.00 38.23 ? 706 LYS B N   1 
ATOM   1541 C CA  . LYS B 1 84  ? 6.359   20.509  -5.918  1.00 40.49 ? 706 LYS B CA  1 
ATOM   1542 C C   . LYS B 1 84  ? 6.219   18.990  -5.962  1.00 33.02 ? 706 LYS B C   1 
ATOM   1543 O O   . LYS B 1 84  ? 6.579   18.351  -6.960  1.00 36.35 ? 706 LYS B O   1 
ATOM   1544 C CB  . LYS B 1 84  ? 7.604   20.922  -5.124  1.00 38.02 ? 706 LYS B CB  1 
ATOM   1545 C CG  . LYS B 1 84  ? 8.912   20.368  -5.648  1.00 45.82 ? 706 LYS B CG  1 
ATOM   1546 C CD  . LYS B 1 84  ? 9.979   20.462  -4.569  1.00 51.09 ? 706 LYS B CD  1 
ATOM   1547 C CE  . LYS B 1 84  ? 11.155  21.319  -5.009  1.00 54.46 ? 706 LYS B CE  1 
ATOM   1548 N NZ  . LYS B 1 84  ? 12.212  21.381  -3.950  1.00 61.31 ? 706 LYS B NZ  1 
ATOM   1549 N N   . ASP B 1 85  ? 5.686   18.394  -4.894  1.00 34.52 ? 707 ASP B N   1 
ATOM   1550 C CA  . ASP B 1 85  ? 5.460   16.949  -4.884  1.00 28.85 ? 707 ASP B CA  1 
ATOM   1551 C C   . ASP B 1 85  ? 4.428   16.538  -5.937  1.00 33.70 ? 707 ASP B C   1 
ATOM   1552 O O   . ASP B 1 85  ? 4.614   15.543  -6.659  1.00 32.20 ? 707 ASP B O   1 
ATOM   1553 C CB  . ASP B 1 85  ? 5.016   16.522  -3.484  1.00 34.07 ? 707 ASP B CB  1 
ATOM   1554 C CG  . ASP B 1 85  ? 6.130   16.663  -2.438  1.00 47.15 ? 707 ASP B CG  1 
ATOM   1555 O OD1 . ASP B 1 85  ? 7.292   16.925  -2.817  1.00 40.92 ? 707 ASP B OD1 1 
ATOM   1556 O OD2 . ASP B 1 85  ? 5.843   16.501  -1.230  1.00 48.43 ? 707 ASP B OD2 1 
ATOM   1557 N N   . GLN B 1 86  ? 3.338   17.309  -6.046  1.00 34.64 ? 708 GLN B N   1 
ATOM   1558 C CA  . GLN B 1 86  ? 2.323   17.040  -7.061  1.00 31.90 ? 708 GLN B CA  1 
ATOM   1559 C C   . GLN B 1 86  ? 2.933   17.038  -8.454  1.00 29.01 ? 708 GLN B C   1 
ATOM   1560 O O   . GLN B 1 86  ? 2.688   16.125  -9.251  1.00 29.92 ? 708 GLN B O   1 
ATOM   1561 C CB  . GLN B 1 86  ? 1.203   18.080  -6.969  1.00 29.87 ? 708 GLN B CB  1 
ATOM   1562 C CG  . GLN B 1 86  ? 0.382   18.016  -5.693  1.00 33.70 ? 708 GLN B CG  1 
ATOM   1563 C CD  . GLN B 1 86  ? -0.554  19.204  -5.527  1.00 36.94 ? 708 GLN B CD  1 
ATOM   1564 O OE1 . GLN B 1 86  ? -0.591  20.115  -6.369  1.00 38.12 ? 708 GLN B OE1 1 
ATOM   1565 N NE2 . GLN B 1 86  ? -1.315  19.205  -4.439  1.00 36.90 ? 708 GLN B NE2 1 
ATOM   1566 N N   . LEU B 1 87  ? 3.732   18.064  -8.761  1.00 28.92 ? 709 LEU B N   1 
ATOM   1567 C CA  . LEU B 1 87  ? 4.336   18.169  -10.083 1.00 35.31 ? 709 LEU B CA  1 
ATOM   1568 C C   . LEU B 1 87  ? 5.354   17.062  -10.322 1.00 39.94 ? 709 LEU B C   1 
ATOM   1569 O O   . LEU B 1 87  ? 5.497   16.590  -11.454 1.00 36.92 ? 709 LEU B O   1 
ATOM   1570 C CB  . LEU B 1 87  ? 4.978   19.547  -10.263 1.00 40.68 ? 709 LEU B CB  1 
ATOM   1571 C CG  . LEU B 1 87  ? 4.021   20.738  -10.329 1.00 38.88 ? 709 LEU B CG  1 
ATOM   1572 C CD1 . LEU B 1 87  ? 4.797   22.049  -10.322 1.00 43.70 ? 709 LEU B CD1 1 
ATOM   1573 C CD2 . LEU B 1 87  ? 3.150   20.633  -11.561 1.00 34.93 ? 709 LEU B CD2 1 
ATOM   1574 N N   . PHE B 1 88  ? 6.076   16.636  -9.278  1.00 36.89 ? 710 PHE B N   1 
ATOM   1575 C CA  . PHE B 1 88  ? 6.964   15.489  -9.434  1.00 38.10 ? 710 PHE B CA  1 
ATOM   1576 C C   . PHE B 1 88  ? 6.185   14.266  -9.895  1.00 36.66 ? 710 PHE B C   1 
ATOM   1577 O O   . PHE B 1 88  ? 6.583   13.588  -10.850 1.00 31.20 ? 710 PHE B O   1 
ATOM   1578 C CB  . PHE B 1 88  ? 7.697   15.201  -8.120  1.00 30.89 ? 710 PHE B CB  1 
ATOM   1579 C CG  . PHE B 1 88  ? 8.414   13.868  -8.099  1.00 34.97 ? 710 PHE B CG  1 
ATOM   1580 C CD1 . PHE B 1 88  ? 9.633   13.707  -8.739  1.00 43.13 ? 710 PHE B CD1 1 
ATOM   1581 C CD2 . PHE B 1 88  ? 7.866   12.784  -7.424  1.00 36.19 ? 710 PHE B CD2 1 
ATOM   1582 C CE1 . PHE B 1 88  ? 10.301  12.473  -8.706  1.00 39.97 ? 710 PHE B CE1 1 
ATOM   1583 C CE2 . PHE B 1 88  ? 8.510   11.555  -7.403  1.00 42.97 ? 710 PHE B CE2 1 
ATOM   1584 C CZ  . PHE B 1 88  ? 9.732   11.400  -8.038  1.00 40.25 ? 710 PHE B CZ  1 
ATOM   1585 N N   . TYR B 1 89  ? 5.060   13.977  -9.232  1.00 30.70 ? 711 TYR B N   1 
ATOM   1586 C CA  . TYR B 1 89  ? 4.269   12.815  -9.625  1.00 28.85 ? 711 TYR B CA  1 
ATOM   1587 C C   . TYR B 1 89  ? 3.738   12.967  -11.047 1.00 35.36 ? 711 TYR B C   1 
ATOM   1588 O O   . TYR B 1 89  ? 3.829   12.040  -11.866 1.00 33.72 ? 711 TYR B O   1 
ATOM   1589 C CB  . TYR B 1 89  ? 3.119   12.599  -8.645  1.00 31.74 ? 711 TYR B CB  1 
ATOM   1590 C CG  . TYR B 1 89  ? 3.525   12.009  -7.320  1.00 34.73 ? 711 TYR B CG  1 
ATOM   1591 C CD1 . TYR B 1 89  ? 4.450   10.970  -7.247  1.00 30.98 ? 711 TYR B CD1 1 
ATOM   1592 C CD2 . TYR B 1 89  ? 2.974   12.484  -6.140  1.00 35.67 ? 711 TYR B CD2 1 
ATOM   1593 C CE1 . TYR B 1 89  ? 4.812   10.421  -6.019  1.00 35.30 ? 711 TYR B CE1 1 
ATOM   1594 C CE2 . TYR B 1 89  ? 3.334   11.948  -4.913  1.00 42.05 ? 711 TYR B CE2 1 
ATOM   1595 C CZ  . TYR B 1 89  ? 4.249   10.924  -4.859  1.00 37.82 ? 711 TYR B CZ  1 
ATOM   1596 O OH  . TYR B 1 89  ? 4.577   10.414  -3.626  1.00 35.11 ? 711 TYR B OH  1 
ATOM   1597 N N   . LEU B 1 90  ? 3.177   14.136  -11.355 1.00 37.18 ? 712 LEU B N   1 
ATOM   1598 C CA  . LEU B 1 90  ? 2.620   14.343  -12.685 1.00 30.67 ? 712 LEU B CA  1 
ATOM   1599 C C   . LEU B 1 90  ? 3.688   14.206  -13.762 1.00 33.46 ? 712 LEU B C   1 
ATOM   1600 O O   . LEU B 1 90  ? 3.454   13.573  -14.796 1.00 39.91 ? 712 LEU B O   1 
ATOM   1601 C CB  . LEU B 1 90  ? 1.933   15.714  -12.761 1.00 29.36 ? 712 LEU B CB  1 
ATOM   1602 C CG  . LEU B 1 90  ? 0.665   15.836  -11.918 1.00 31.51 ? 712 LEU B CG  1 
ATOM   1603 C CD1 . LEU B 1 90  ? 0.119   17.276  -11.947 1.00 36.80 ? 712 LEU B CD1 1 
ATOM   1604 C CD2 . LEU B 1 90  ? -0.376  14.858  -12.429 1.00 30.29 ? 712 LEU B CD2 1 
ATOM   1605 N N   . ASP B 1 91  ? 4.879   14.764  -13.529 1.00 37.24 ? 713 ASP B N   1 
ATOM   1606 C CA  . ASP B 1 91  ? 5.943   14.697  -14.528 1.00 36.73 ? 713 ASP B CA  1 
ATOM   1607 C C   . ASP B 1 91  ? 6.482   13.281  -14.680 1.00 40.04 ? 713 ASP B C   1 
ATOM   1608 O O   . ASP B 1 91  ? 6.822   12.860  -15.793 1.00 40.43 ? 713 ASP B O   1 
ATOM   1609 C CB  . ASP B 1 91  ? 7.079   15.657  -14.158 1.00 43.27 ? 713 ASP B CB  1 
ATOM   1610 C CG  . ASP B 1 91  ? 6.688   17.111  -14.309 1.00 47.61 ? 713 ASP B CG  1 
ATOM   1611 O OD1 . ASP B 1 91  ? 5.717   17.393  -15.040 1.00 43.78 ? 713 ASP B OD1 1 
ATOM   1612 O OD2 . ASP B 1 91  ? 7.347   17.990  -13.709 1.00 44.61 ? 713 ASP B OD2 1 
ATOM   1613 N N   . LYS B 1 92  ? 6.576   12.527  -13.581 1.00 37.98 ? 714 LYS B N   1 
ATOM   1614 C CA  . LYS B 1 92  ? 6.989   11.135  -13.707 1.00 39.08 ? 714 LYS B CA  1 
ATOM   1615 C C   . LYS B 1 92  ? 5.984   10.342  -14.526 1.00 36.78 ? 714 LYS B C   1 
ATOM   1616 O O   . LYS B 1 92  ? 6.372   9.528   -15.373 1.00 41.79 ? 714 LYS B O   1 
ATOM   1617 C CB  . LYS B 1 92  ? 7.187   10.505  -12.327 1.00 41.60 ? 714 LYS B CB  1 
ATOM   1618 C CG  . LYS B 1 92  ? 8.454   10.973  -11.621 1.00 46.23 ? 714 LYS B CG  1 
ATOM   1619 C CD  . LYS B 1 92  ? 9.721   10.634  -12.412 1.00 46.00 ? 714 LYS B CD  1 
ATOM   1620 C CE  . LYS B 1 92  ? 10.397  9.392   -11.855 1.00 58.11 ? 714 LYS B CE  1 
ATOM   1621 N NZ  . LYS B 1 92  ? 11.884  9.438   -12.015 1.00 58.53 ? 714 LYS B NZ  1 
ATOM   1622 N N   . LEU B 1 93  ? 4.686   10.597  -14.322 1.00 40.86 ? 715 LEU B N   1 
ATOM   1623 C CA  . LEU B 1 93  ? 3.675   9.873   -15.090 1.00 40.11 ? 715 LEU B CA  1 
ATOM   1624 C C   . LEU B 1 93  ? 3.677   10.287  -16.557 1.00 49.17 ? 715 LEU B C   1 
ATOM   1625 O O   . LEU B 1 93  ? 3.438   9.453   -17.441 1.00 52.30 ? 715 LEU B O   1 
ATOM   1626 C CB  . LEU B 1 93  ? 2.291   10.088  -14.478 1.00 34.72 ? 715 LEU B CB  1 
ATOM   1627 C CG  . LEU B 1 93  ? 1.996   9.442   -13.122 1.00 44.20 ? 715 LEU B CG  1 
ATOM   1628 C CD1 . LEU B 1 93  ? 0.595   9.813   -12.654 1.00 37.24 ? 715 LEU B CD1 1 
ATOM   1629 C CD2 . LEU B 1 93  ? 2.148   7.935   -13.200 1.00 37.15 ? 715 LEU B CD2 1 
ATOM   1630 N N   . LEU B 1 94  ? 3.916   11.573  -16.831 1.00 46.64 ? 716 LEU B N   1 
ATOM   1631 C CA  . LEU B 1 94  ? 4.001   12.039  -18.210 1.00 50.65 ? 716 LEU B CA  1 
ATOM   1632 C C   . LEU B 1 94  ? 5.219   11.449  -18.911 1.00 59.83 ? 716 LEU B C   1 
ATOM   1633 O O   . LEU B 1 94  ? 5.169   11.154  -20.112 1.00 61.54 ? 716 LEU B O   1 
ATOM   1634 C CB  . LEU B 1 94  ? 4.043   13.565  -18.231 1.00 51.54 ? 716 LEU B CB  1 
ATOM   1635 C CG  . LEU B 1 94  ? 3.884   14.282  -19.562 1.00 50.97 ? 716 LEU B CG  1 
ATOM   1636 C CD1 . LEU B 1 94  ? 2.505   14.001  -20.149 1.00 50.96 ? 716 LEU B CD1 1 
ATOM   1637 C CD2 . LEU B 1 94  ? 4.087   15.766  -19.328 1.00 57.38 ? 716 LEU B CD2 1 
ATOM   1638 N N   . GLU B 1 95  ? 6.315   11.271  -18.167 1.00 59.61 ? 717 GLU B N   1 
ATOM   1639 C CA  . GLU B 1 95  ? 7.565   10.696  -18.655 1.00 69.15 ? 717 GLU B CA  1 
ATOM   1640 C C   . GLU B 1 95  ? 7.326   9.369   -19.365 1.00 73.42 ? 717 GLU B C   1 
ATOM   1641 O O   . GLU B 1 95  ? 7.952   9.087   -20.392 1.00 75.21 ? 717 GLU B O   1 
ATOM   1642 C CB  . GLU B 1 95  ? 8.535   10.506  -17.484 1.00 68.60 ? 717 GLU B CB  1 
ATOM   1643 C CG  . GLU B 1 95  ? 9.986   10.814  -17.801 1.00 73.09 ? 717 GLU B CG  1 
ATOM   1644 C CD  . GLU B 1 95  ? 10.782  11.192  -16.562 1.00 73.22 ? 717 GLU B CD  1 
ATOM   1645 O OE1 . GLU B 1 95  ? 11.051  10.303  -15.721 1.00 70.05 ? 717 GLU B OE1 1 
ATOM   1646 O OE2 . GLU B 1 95  ? 11.123  12.387  -16.425 1.00 74.52 ? 717 GLU B OE2 1 
ATOM   1647 N N   . ASN B 1 96  ? 6.430   8.550   -18.826 1.00 75.68 ? 718 ASN B N   1 
ATOM   1648 C CA  . ASN B 1 96  ? 5.975   7.357   -19.530 1.00 80.33 ? 718 ASN B CA  1 
ATOM   1649 C C   . ASN B 1 96  ? 4.994   7.739   -20.632 1.00 77.13 ? 718 ASN B C   1 
ATOM   1650 O O   . ASN B 1 96  ? 5.364   7.818   -21.803 1.00 73.74 ? 718 ASN B O   1 
ATOM   1651 C CB  . ASN B 1 96  ? 5.320   6.365   -18.567 1.00 82.65 ? 718 ASN B CB  1 
ATOM   1652 C CG  . ASN B 1 96  ? 6.331   5.515   -17.828 1.00 81.93 ? 718 ASN B CG  1 
ATOM   1653 O OD1 . ASN B 1 96  ? 6.898   4.578   -18.391 1.00 80.57 ? 718 ASN B OD1 1 
ATOM   1654 N ND2 . ASN B 1 96  ? 6.556   5.830   -16.556 1.00 82.98 ? 718 ASN B ND2 1 
HETATM 1655 O O   . HOH C 2 .   ? 8.629   -5.263  1.865   1.00 50.48 ? 801 HOH A O   1 
HETATM 1656 O O   . HOH C 2 .   ? -14.410 9.635   -8.469  1.00 57.41 ? 802 HOH A O   1 
HETATM 1657 O O   . HOH C 2 .   ? -1.662  -19.082 0.700   1.00 59.54 ? 803 HOH A O   1 
HETATM 1658 O O   . HOH C 2 .   ? 5.636   -12.248 20.572  1.00 57.60 ? 804 HOH A O   1 
HETATM 1659 O O   . HOH C 2 .   ? 12.457  -23.714 22.351  1.00 52.62 ? 805 HOH A O   1 
HETATM 1660 O O   . HOH C 2 .   ? -1.875  -18.618 13.897  1.00 64.44 ? 806 HOH A O   1 
HETATM 1661 O O   . HOH C 2 .   ? 1.181   -4.973  -8.232  1.00 42.44 ? 807 HOH A O   1 
HETATM 1662 O O   . HOH C 2 .   ? 14.740  -14.937 6.534   1.00 54.64 ? 808 HOH A O   1 
HETATM 1663 O O   . HOH C 2 .   ? 7.233   -18.321 22.917  1.00 57.36 ? 809 HOH A O   1 
HETATM 1664 O O   . HOH C 2 .   ? 5.380   -7.294  -9.827  1.00 59.40 ? 810 HOH A O   1 
HETATM 1665 O O   . HOH C 2 .   ? 4.033   0.685   1.437   1.00 51.61 ? 811 HOH A O   1 
HETATM 1666 O O   . HOH C 2 .   ? -12.883 9.518   0.969   1.00 41.47 ? 812 HOH A O   1 
HETATM 1667 O O   . HOH C 2 .   ? 11.253  -22.555 18.707  1.00 50.83 ? 813 HOH A O   1 
HETATM 1668 O O   . HOH C 2 .   ? 3.998   -0.381  -1.174  1.00 45.81 ? 814 HOH A O   1 
HETATM 1669 O O   . HOH C 2 .   ? -6.049  -9.544  17.432  1.00 55.56 ? 815 HOH A O   1 
HETATM 1670 O O   . HOH C 2 .   ? -0.777  -13.105 -3.322  1.00 43.82 ? 816 HOH A O   1 
HETATM 1671 O O   . HOH C 2 .   ? 13.310  -20.378 19.545  1.00 61.70 ? 817 HOH A O   1 
HETATM 1672 O O   . HOH D 2 .   ? -5.518  9.766   2.535   1.00 45.55 ? 801 HOH B O   1 
HETATM 1673 O O   . HOH D 2 .   ? -8.865  13.436  -2.477  1.00 47.32 ? 802 HOH B O   1 
HETATM 1674 O O   . HOH D 2 .   ? 6.252   8.337   -3.415  1.00 43.20 ? 803 HOH B O   1 
HETATM 1675 O O   . HOH D 2 .   ? 0.433   1.336   -17.709 1.00 57.85 ? 804 HOH B O   1 
HETATM 1676 O O   . HOH D 2 .   ? -10.611 -0.951  -8.451  1.00 47.95 ? 805 HOH B O   1 
HETATM 1677 O O   . HOH D 2 .   ? 8.652   17.882  -11.349 1.00 57.67 ? 806 HOH B O   1 
HETATM 1678 O O   . HOH D 2 .   ? 8.744   7.780   -5.904  1.00 55.51 ? 807 HOH B O   1 
HETATM 1679 O O   . HOH D 2 .   ? -9.027  -13.871 -2.150  1.00 49.34 ? 808 HOH B O   1 
HETATM 1680 O O   . HOH D 2 .   ? 9.518   5.266   -4.162  1.00 59.67 ? 809 HOH B O   1 
HETATM 1681 O O   . HOH D 2 .   ? 9.417   16.769  -4.559  1.00 47.19 ? 810 HOH B O   1 
HETATM 1682 O O   . HOH D 2 .   ? 8.467   19.004  -8.857  1.00 55.82 ? 811 HOH B O   1 
HETATM 1683 O O   . HOH D 2 .   ? 5.421   1.296   -2.835  1.00 50.10 ? 812 HOH B O   1 
HETATM 1684 O O   . HOH D 2 .   ? -10.450 -3.231  -7.130  1.00 41.61 ? 813 HOH B O   1 
HETATM 1685 O O   . HOH D 2 .   ? -10.022 -5.531  -8.945  1.00 52.37 ? 814 HOH B O   1 
HETATM 1686 O O   . HOH D 2 .   ? -9.542  6.721   -18.440 1.00 43.64 ? 815 HOH B O   1 
HETATM 1687 O O   . HOH D 2 .   ? -10.685 -7.017  -0.974  1.00 53.58 ? 816 HOH B O   1 
HETATM 1688 O O   . HOH D 2 .   ? -0.016  5.497   7.231   1.00 48.81 ? 817 HOH B O   1 
HETATM 1689 O O   . HOH D 2 .   ? -9.993  0.276   -10.729 1.00 46.23 ? 818 HOH B O   1 
HETATM 1690 O O   . HOH D 2 .   ? 5.728   23.199  -3.470  1.00 52.37 ? 819 HOH B O   1 
HETATM 1691 O O   . HOH D 2 .   ? -4.658  26.451  -17.857 1.00 65.26 ? 820 HOH B O   1 
HETATM 1692 O O   . HOH D 2 .   ? -4.751  12.425  1.821   1.00 44.07 ? 821 HOH B O   1 
HETATM 1693 O O   . HOH D 2 .   ? -2.526  -11.026 -3.914  1.00 48.50 ? 822 HOH B O   1 
HETATM 1694 O O   . HOH D 2 .   ? 0.881   13.242  -16.112 1.00 53.63 ? 823 HOH B O   1 
HETATM 1695 O O   . HOH D 2 .   ? -8.550  -8.055  -10.150 1.00 59.29 ? 824 HOH B O   1 
HETATM 1696 O O   . HOH D 2 .   ? -4.835  -7.506  -18.710 1.00 49.92 ? 825 HOH B O   1 
HETATM 1697 O O   . HOH D 2 .   ? 8.193   0.742   -2.535  1.00 51.61 ? 826 HOH B O   1 
HETATM 1698 O O   . HOH D 2 .   ? -11.327 5.486   -13.927 1.00 50.90 ? 827 HOH B O   1 
HETATM 1699 O O   . HOH D 2 .   ? -11.151 -2.731  -3.264  1.00 49.80 ? 828 HOH B O   1 
HETATM 1700 O O   . HOH D 2 .   ? -12.323 9.962   -12.473 1.00 55.72 ? 829 HOH B O   1 
HETATM 1701 O O   . HOH D 2 .   ? -13.378 -6.303  -7.597  1.00 50.76 ? 830 HOH B O   1 
HETATM 1702 O O   . HOH D 2 .   ? -14.114 13.065  -13.845 1.00 52.29 ? 831 HOH B O   1 
HETATM 1703 O O   . HOH D 2 .   ? 5.062   4.469   -13.952 1.00 73.02 ? 832 HOH B O   1 
HETATM 1704 O O   . HOH D 2 .   ? -12.227 1.708   -11.442 0.50 49.16 ? 833 HOH B O   1 
# 
